data_8V80
#
_entry.id   8V80
#
_cell.length_a   1.00
_cell.length_b   1.00
_cell.length_c   1.00
_cell.angle_alpha   90.00
_cell.angle_beta   90.00
_cell.angle_gamma   90.00
#
_symmetry.space_group_name_H-M   'P 1'
#
loop_
_entity.id
_entity.type
_entity.pdbx_description
1 polymer 'Neuronal acetylcholine receptor subunit alpha-7,Soluble cytochrome b562'
2 branched beta-D-mannopyranose-(1-4)-2-acetamido-2-deoxy-beta-D-glucopyranose-(1-4)-2-acetamido-2-deoxy-beta-D-glucopyranose
3 branched 2-acetamido-2-deoxy-beta-D-glucopyranose-(1-4)-2-acetamido-2-deoxy-beta-D-glucopyranose
4 non-polymer 'CALCIUM ION'
5 non-polymer 2-acetamido-2-deoxy-beta-D-glucopyranose
6 non-polymer '(2S)-3-(hexadecanoyloxy)-2-[(9Z)-octadec-9-enoyloxy]propyl 2-(trimethylammonio)ethyl phosphate'
7 non-polymer (3beta,14beta,17beta,25R)-3-[4-methoxy-3-(methoxymethyl)butoxy]spirost-5-en
8 non-polymer EPIBATIDINE
9 non-polymer (3aR,4S,9bS)-4-(naphthalen-1-yl)-3a,4,5,9b-tetrahydro-3H-cyclopenta[c]quinoline-8-sulfonamide
10 water water
#
_entity_poly.entity_id   1
_entity_poly.type   'polypeptide(L)'
_entity_poly.pdbx_seq_one_letter_code
;EFQRKLYKELVKNYNPLERPVANDSQPLTVYFSLSLLQIMDVDEKNQVLTTNIWLQMSWTDHYLQWNVSEYPGVKTVRFP
DGQIWKPDILLYNSADERFDATFHTNVLVNSSGHCQYLPPGIFKSSCYIDVRWFPFDVQHCKLKFGSWSYGGWSLDLQMQ
EADISGYIPNGEWDLVGIPGKRSERFYECCKEPYPDVTFTVTMRRRTLYYGLNLLIPCVLISALALLVFLLPADSGEKIS
LGITVLLSLTVFMLLVAEIMPATSDSVPLIAQYFASTMIIVGLSVVVTVIVLQYHHHDPDGGKMPKWTRVILLNWCAWFL
RMKRPGEDKVRPACQHKQRRCSLACGRMACAGAMADLEDNWETLNDNLKVIEKADNAAQVKDALTKMRAAALDAQKATPP
KLEDKSPDSPEMKDFRHGFDILVGQIDDALKLANEGKVKEAQAAAEQLKTTRNAYIQKYLSPTHDEHLLHGGQPPEGDPD
LAKILEEVRYIANRFRCQDESEAVCSEWKFAACVVDRLCLMAFSVFTIICTIGILMSAPNFVEAVSKDFAWSHPQFEKGG
GSGGGSGGSSAWSHPQFEKGSGEGRGSLLTCGDVEENPG
;
_entity_poly.pdbx_strand_id   A,B,C,D,E
#
# COMPACT_ATOMS: atom_id res chain seq x y z
N GLU A 1 -11.83 -39.73 42.30
CA GLU A 1 -11.59 -40.05 43.74
C GLU A 1 -10.11 -39.87 44.07
N PHE A 2 -9.26 -40.30 43.15
CA PHE A 2 -7.82 -40.27 43.32
C PHE A 2 -7.21 -39.06 42.63
N GLN A 3 -7.73 -38.68 41.47
CA GLN A 3 -7.28 -37.45 40.83
C GLN A 3 -7.60 -36.25 41.70
N ARG A 4 -8.75 -36.27 42.36
CA ARG A 4 -9.15 -35.19 43.27
C ARG A 4 -8.24 -35.11 44.48
N LYS A 5 -7.84 -36.26 45.01
CA LYS A 5 -7.00 -36.30 46.20
C LYS A 5 -5.55 -35.92 45.89
N LEU A 6 -5.03 -36.30 44.73
CA LEU A 6 -3.68 -35.92 44.34
C LEU A 6 -3.53 -34.42 44.10
N TYR A 7 -4.41 -33.81 43.29
CA TYR A 7 -4.42 -32.36 43.12
C TYR A 7 -4.51 -31.59 44.44
N LYS A 8 -5.09 -32.19 45.47
CA LYS A 8 -5.21 -31.52 46.76
C LYS A 8 -3.94 -31.70 47.59
N GLU A 9 -3.36 -32.89 47.58
CA GLU A 9 -2.11 -33.10 48.30
C GLU A 9 -0.92 -32.42 47.61
N LEU A 10 -0.93 -32.31 46.28
CA LEU A 10 0.25 -31.79 45.61
C LEU A 10 0.41 -30.29 45.78
N VAL A 11 -0.67 -29.56 46.06
CA VAL A 11 -0.58 -28.10 46.19
C VAL A 11 -0.39 -27.66 47.63
N LYS A 12 -0.50 -28.57 48.61
CA LYS A 12 -0.17 -28.26 49.99
C LYS A 12 1.23 -27.67 50.10
N ASN A 13 1.29 -26.42 50.58
CA ASN A 13 2.54 -25.68 50.82
C ASN A 13 3.33 -25.40 49.57
N TYR A 14 2.78 -25.62 48.38
CA TYR A 14 3.56 -25.43 47.18
C TYR A 14 3.67 -23.92 46.92
N ASN A 15 4.78 -23.53 46.31
CA ASN A 15 5.08 -22.14 46.00
C ASN A 15 5.62 -22.09 44.59
N PRO A 16 4.94 -21.46 43.62
CA PRO A 16 5.51 -21.35 42.28
C PRO A 16 6.69 -20.39 42.21
N LEU A 17 7.03 -19.70 43.30
CA LEU A 17 8.22 -18.85 43.34
C LEU A 17 9.48 -19.68 43.55
N GLU A 18 9.38 -20.77 44.30
CA GLU A 18 10.53 -21.57 44.67
C GLU A 18 11.04 -22.37 43.48
N ARG A 19 12.33 -22.28 43.21
CA ARG A 19 12.93 -23.13 42.19
C ARG A 19 12.91 -24.57 42.70
N PRO A 20 12.41 -25.54 41.92
CA PRO A 20 12.12 -26.89 42.46
C PRO A 20 13.25 -27.92 42.52
N VAL A 21 14.11 -27.77 43.52
CA VAL A 21 15.30 -28.59 43.68
C VAL A 21 15.35 -29.00 45.13
N ALA A 22 15.97 -30.16 45.39
CA ALA A 22 16.09 -30.63 46.75
C ALA A 22 17.21 -29.92 47.49
N ASN A 23 18.33 -29.72 46.80
CA ASN A 23 19.49 -29.02 47.36
C ASN A 23 19.58 -27.65 46.71
N ASP A 24 19.39 -26.59 47.51
CA ASP A 24 19.32 -25.23 46.98
C ASP A 24 20.63 -24.79 46.33
N SER A 25 21.75 -25.37 46.73
CA SER A 25 23.04 -24.94 46.20
C SER A 25 23.28 -25.42 44.78
N GLN A 26 22.65 -26.52 44.38
CA GLN A 26 22.83 -27.04 43.05
C GLN A 26 21.95 -26.27 42.04
N PRO A 27 22.38 -26.16 40.78
CA PRO A 27 21.48 -25.61 39.77
C PRO A 27 20.50 -26.66 39.28
N LEU A 28 19.35 -26.18 38.84
CA LEU A 28 18.31 -27.05 38.29
C LEU A 28 18.61 -27.27 36.82
N THR A 29 18.65 -28.53 36.42
CA THR A 29 18.85 -28.85 35.01
C THR A 29 17.53 -28.70 34.27
N VAL A 30 17.59 -28.02 33.13
CA VAL A 30 16.43 -27.83 32.27
C VAL A 30 16.91 -28.16 30.88
N TYR A 31 16.24 -29.11 30.23
CA TYR A 31 16.52 -29.42 28.84
C TYR A 31 15.59 -28.61 27.95
N PHE A 32 16.18 -27.79 27.08
CA PHE A 32 15.43 -26.96 26.16
C PHE A 32 15.61 -27.53 24.76
N SER A 33 14.55 -27.45 23.98
CA SER A 33 14.59 -27.81 22.57
C SER A 33 13.39 -27.14 21.92
N LEU A 34 13.08 -27.55 20.71
CA LEU A 34 11.93 -27.01 20.03
C LEU A 34 11.58 -27.91 18.86
N SER A 35 10.37 -27.72 18.36
CA SER A 35 9.88 -28.40 17.18
C SER A 35 9.54 -27.30 16.20
N LEU A 36 10.11 -27.38 15.00
CA LEU A 36 9.82 -26.41 13.96
C LEU A 36 8.70 -27.00 13.13
N LEU A 37 7.54 -26.35 13.18
CA LEU A 37 6.37 -26.74 12.41
C LEU A 37 6.31 -26.04 11.06
N GLN A 38 6.51 -24.73 11.05
CA GLN A 38 6.34 -23.97 9.84
C GLN A 38 7.09 -22.66 9.93
N ILE A 39 7.67 -22.25 8.81
CA ILE A 39 8.27 -20.94 8.66
C ILE A 39 7.17 -20.12 8.01
N MET A 40 6.55 -19.25 8.78
CA MET A 40 5.47 -18.47 8.25
C MET A 40 5.90 -17.33 7.35
N ASP A 41 6.97 -16.64 7.67
CA ASP A 41 7.35 -15.50 6.86
C ASP A 41 8.77 -15.05 7.19
N VAL A 42 9.49 -14.66 6.14
CA VAL A 42 10.82 -14.09 6.25
C VAL A 42 10.63 -12.67 5.72
N ASP A 43 10.66 -11.70 6.62
CA ASP A 43 10.43 -10.29 6.28
C ASP A 43 11.80 -9.66 6.06
N GLU A 44 12.21 -9.55 4.80
CA GLU A 44 13.53 -9.03 4.50
C GLU A 44 13.60 -7.52 4.73
N LYS A 45 12.48 -6.82 4.62
CA LYS A 45 12.47 -5.38 4.82
C LYS A 45 12.63 -5.03 6.29
N ASN A 46 11.87 -5.68 7.16
CA ASN A 46 11.93 -5.45 8.59
C ASN A 46 12.95 -6.35 9.31
N GLN A 47 13.61 -7.25 8.58
CA GLN A 47 14.63 -8.12 9.16
C GLN A 47 14.03 -9.02 10.25
N VAL A 48 12.86 -9.58 9.99
CA VAL A 48 12.11 -10.36 10.98
C VAL A 48 11.76 -11.71 10.39
N LEU A 49 12.05 -12.77 11.15
CA LEU A 49 11.64 -14.12 10.84
C LEU A 49 10.43 -14.49 11.68
N THR A 50 9.33 -14.87 11.02
CA THR A 50 8.17 -15.43 11.70
C THR A 50 8.16 -16.95 11.56
N THR A 51 7.94 -17.65 12.67
CA THR A 51 7.93 -19.11 12.69
C THR A 51 6.87 -19.64 13.65
N ASN A 52 6.32 -20.79 13.31
CA ASN A 52 5.41 -21.52 14.18
C ASN A 52 6.22 -22.60 14.87
N ILE A 53 6.35 -22.50 16.18
CA ILE A 53 7.27 -23.32 16.96
C ILE A 53 6.52 -23.82 18.18
N TRP A 54 6.81 -25.07 18.54
CA TRP A 54 6.48 -25.56 19.86
C TRP A 54 7.83 -25.63 20.58
N LEU A 55 7.90 -25.02 21.75
CA LEU A 55 9.13 -25.08 22.53
C LEU A 55 9.02 -26.30 23.40
N GLN A 56 10.14 -26.86 23.80
CA GLN A 56 10.13 -28.06 24.64
C GLN A 56 11.08 -27.87 25.81
N MET A 57 10.50 -27.75 26.99
CA MET A 57 11.27 -27.61 28.22
C MET A 57 10.93 -28.84 29.04
N SER A 58 11.92 -29.36 29.75
CA SER A 58 11.67 -30.48 30.64
C SER A 58 12.61 -30.36 31.82
N TRP A 59 12.10 -30.65 32.99
CA TRP A 59 12.92 -30.67 34.18
C TRP A 59 12.24 -31.58 35.19
N THR A 60 12.85 -31.70 36.35
CA THR A 60 12.31 -32.46 37.46
C THR A 60 11.87 -31.50 38.55
N ASP A 61 10.75 -31.82 39.20
CA ASP A 61 10.22 -31.04 40.30
C ASP A 61 10.24 -31.97 41.49
N HIS A 62 11.00 -31.59 42.52
CA HIS A 62 11.14 -32.40 43.72
C HIS A 62 9.83 -32.63 44.45
N TYR A 63 8.91 -31.65 44.44
CA TYR A 63 7.70 -31.72 45.24
C TYR A 63 6.48 -32.27 44.50
N LEU A 64 6.55 -32.43 43.18
CA LEU A 64 5.44 -33.00 42.41
C LEU A 64 5.65 -34.49 42.12
N GLN A 65 5.70 -35.29 43.18
CA GLN A 65 5.93 -36.73 43.08
C GLN A 65 4.92 -37.47 43.93
N TRP A 66 4.39 -38.57 43.39
CA TRP A 66 3.47 -39.43 44.13
C TRP A 66 3.76 -40.89 43.80
N ASN A 67 3.21 -41.77 44.65
CA ASN A 67 3.28 -43.22 44.46
C ASN A 67 2.01 -43.67 43.73
N VAL A 68 2.15 -44.11 42.48
CA VAL A 68 0.99 -44.51 41.67
C VAL A 68 0.23 -45.69 42.28
N SER A 69 0.83 -46.44 43.21
CA SER A 69 0.05 -47.46 43.90
C SER A 69 -0.97 -46.86 44.84
N GLU A 70 -0.74 -45.63 45.30
CA GLU A 70 -1.62 -44.95 46.24
C GLU A 70 -2.64 -44.06 45.56
N TYR A 71 -2.52 -43.87 44.24
CA TYR A 71 -3.48 -43.10 43.45
C TYR A 71 -3.74 -43.89 42.18
N PRO A 72 -4.48 -45.00 42.27
CA PRO A 72 -4.64 -45.90 41.12
C PRO A 72 -5.23 -45.23 39.88
N GLY A 73 -4.56 -45.42 38.76
CA GLY A 73 -4.93 -44.81 37.50
C GLY A 73 -4.49 -43.39 37.31
N VAL A 74 -3.82 -42.79 38.29
CA VAL A 74 -3.42 -41.39 38.23
C VAL A 74 -1.92 -41.39 37.98
N LYS A 75 -1.54 -41.19 36.73
CA LYS A 75 -0.15 -41.30 36.32
C LYS A 75 0.44 -39.98 35.90
N THR A 76 -0.39 -39.07 35.40
CA THR A 76 0.02 -37.72 35.03
C THR A 76 -0.96 -36.72 35.62
N VAL A 77 -0.46 -35.52 35.89
CA VAL A 77 -1.26 -34.40 36.37
C VAL A 77 -0.90 -33.21 35.49
N ARG A 78 -1.72 -32.18 35.55
CA ARG A 78 -1.56 -31.01 34.70
C ARG A 78 -1.78 -29.76 35.51
N PHE A 79 -1.00 -28.71 35.24
CA PHE A 79 -1.07 -27.45 35.95
C PHE A 79 -1.01 -26.27 34.98
N PRO A 80 -1.86 -25.23 35.17
CA PRO A 80 -1.82 -24.09 34.24
C PRO A 80 -0.82 -23.03 34.68
N ASP A 81 -0.75 -21.93 33.91
CA ASP A 81 0.23 -20.89 34.19
C ASP A 81 0.00 -20.27 35.56
N GLY A 82 1.09 -20.09 36.31
CA GLY A 82 1.07 -19.47 37.61
C GLY A 82 0.85 -20.41 38.77
N GLN A 83 0.48 -21.67 38.52
CA GLN A 83 0.18 -22.59 39.60
C GLN A 83 1.34 -23.48 39.97
N ILE A 84 2.34 -23.64 39.11
CA ILE A 84 3.57 -24.32 39.46
C ILE A 84 4.75 -23.56 38.88
N TRP A 85 5.92 -23.80 39.45
CA TRP A 85 7.14 -23.18 38.96
C TRP A 85 7.42 -23.61 37.54
N LYS A 86 7.82 -22.65 36.72
CA LYS A 86 8.26 -22.87 35.36
C LYS A 86 9.57 -22.12 35.14
N PRO A 87 10.40 -22.54 34.19
CA PRO A 87 11.53 -21.68 33.79
C PRO A 87 11.03 -20.53 32.93
N ASP A 88 11.53 -19.32 33.22
CA ASP A 88 11.13 -18.14 32.48
C ASP A 88 11.95 -17.95 31.21
N ILE A 89 12.04 -19.01 30.40
CA ILE A 89 12.86 -18.94 29.18
C ILE A 89 12.16 -18.03 28.18
N LEU A 90 12.91 -17.07 27.65
CA LEU A 90 12.41 -16.09 26.71
C LEU A 90 13.27 -16.10 25.47
N LEU A 91 12.67 -15.72 24.35
CA LEU A 91 13.43 -15.44 23.15
C LEU A 91 14.12 -14.09 23.33
N TYR A 92 15.45 -14.08 23.23
CA TYR A 92 16.20 -12.86 23.48
C TYR A 92 16.04 -11.87 22.34
N ASN A 93 16.08 -12.33 21.10
CA ASN A 93 15.99 -11.47 19.93
C ASN A 93 14.57 -11.42 19.39
N SER A 94 13.59 -11.42 20.29
CA SER A 94 12.21 -11.23 19.90
C SER A 94 12.02 -9.88 19.21
N ALA A 95 11.23 -9.89 18.14
CA ALA A 95 10.78 -8.68 17.46
C ALA A 95 9.28 -8.45 17.63
N ASP A 96 8.67 -9.02 18.66
CA ASP A 96 7.24 -8.87 18.90
C ASP A 96 7.01 -7.71 19.86
N GLU A 97 6.02 -6.86 19.54
CA GLU A 97 5.70 -5.71 20.38
C GLU A 97 5.45 -6.12 21.82
N ARG A 98 4.87 -7.30 22.04
CA ARG A 98 4.69 -7.82 23.39
C ARG A 98 5.96 -8.47 23.92
N PHE A 99 6.97 -8.64 23.06
CA PHE A 99 8.23 -9.32 23.34
C PHE A 99 8.05 -10.83 23.44
N ASP A 100 7.30 -11.30 24.44
CA ASP A 100 7.08 -12.73 24.65
C ASP A 100 5.80 -13.14 23.93
N ALA A 101 5.93 -13.98 22.90
CA ALA A 101 4.82 -14.41 22.08
C ALA A 101 4.34 -15.83 22.39
N THR A 102 4.78 -16.40 23.50
CA THR A 102 4.47 -17.78 23.84
C THR A 102 3.04 -17.89 24.36
N PHE A 103 2.27 -18.83 23.79
CA PHE A 103 0.93 -19.12 24.29
C PHE A 103 1.06 -20.15 25.39
N HIS A 104 0.65 -19.77 26.60
CA HIS A 104 0.88 -20.61 27.75
C HIS A 104 -0.15 -21.73 27.80
N THR A 105 0.32 -22.93 28.17
CA THR A 105 -0.46 -24.16 28.16
C THR A 105 -0.11 -24.91 29.43
N ASN A 106 -0.63 -26.12 29.59
CA ASN A 106 -0.38 -26.86 30.80
C ASN A 106 1.06 -27.37 30.84
N VAL A 107 1.50 -27.69 32.04
CA VAL A 107 2.72 -28.46 32.27
C VAL A 107 2.26 -29.85 32.65
N LEU A 108 2.74 -30.86 31.93
CA LEU A 108 2.45 -32.24 32.25
C LEU A 108 3.51 -32.76 33.21
N VAL A 109 3.09 -33.53 34.19
CA VAL A 109 3.96 -33.99 35.27
C VAL A 109 3.57 -35.41 35.62
N ASN A 110 4.52 -36.35 35.54
CA ASN A 110 4.26 -37.73 35.90
C ASN A 110 4.72 -38.01 37.34
N SER A 111 4.55 -39.25 37.79
CA SER A 111 4.66 -39.59 39.19
C SER A 111 6.07 -39.44 39.78
N SER A 112 7.12 -39.50 38.98
CA SER A 112 8.46 -39.26 39.46
C SER A 112 8.86 -37.79 39.40
N GLY A 113 7.93 -36.89 39.14
CA GLY A 113 8.17 -35.46 39.17
C GLY A 113 8.70 -34.89 37.89
N HIS A 114 8.75 -35.67 36.82
CA HIS A 114 9.29 -35.18 35.57
CA HIS A 114 9.29 -35.18 35.57
C HIS A 114 8.27 -34.28 34.92
N CYS A 115 8.67 -33.06 34.60
CA CYS A 115 7.78 -32.04 34.09
C CYS A 115 8.08 -31.81 32.62
N GLN A 116 7.03 -31.73 31.83
CA GLN A 116 7.12 -31.48 30.42
C GLN A 116 6.21 -30.30 30.13
N TYR A 117 6.72 -29.34 29.35
CA TYR A 117 6.01 -28.09 29.08
C TYR A 117 6.27 -27.73 27.63
N LEU A 118 5.22 -27.75 26.81
CA LEU A 118 5.33 -27.57 25.36
C LEU A 118 4.41 -26.46 24.88
N PRO A 119 4.70 -25.21 25.24
CA PRO A 119 3.80 -24.14 24.84
C PRO A 119 3.96 -23.85 23.36
N PRO A 120 2.86 -23.76 22.60
CA PRO A 120 3.02 -23.41 21.19
C PRO A 120 3.26 -21.92 21.07
N GLY A 121 3.54 -21.49 19.85
CA GLY A 121 3.65 -20.08 19.67
C GLY A 121 3.97 -19.65 18.26
N ILE A 122 3.57 -18.44 17.92
CA ILE A 122 3.99 -17.81 16.69
C ILE A 122 4.99 -16.80 17.19
N PHE A 123 6.22 -16.92 16.73
CA PHE A 123 7.32 -16.11 17.20
C PHE A 123 7.81 -15.23 16.08
N LYS A 124 8.17 -14.00 16.44
CA LYS A 124 8.82 -13.09 15.53
C LYS A 124 10.15 -12.79 16.17
N SER A 125 11.21 -12.90 15.39
CA SER A 125 12.56 -12.79 15.91
C SER A 125 13.35 -11.89 15.00
N SER A 126 14.36 -11.23 15.57
CA SER A 126 15.23 -10.38 14.78
C SER A 126 16.31 -11.25 14.17
N CYS A 127 16.47 -11.14 12.87
CA CYS A 127 17.40 -11.95 12.11
C CYS A 127 18.08 -11.03 11.11
N TYR A 128 19.39 -10.91 11.22
CA TYR A 128 20.11 -10.26 10.14
C TYR A 128 19.90 -11.08 8.87
N ILE A 129 19.30 -10.45 7.86
CA ILE A 129 18.97 -11.11 6.61
C ILE A 129 19.95 -10.57 5.60
N ASP A 130 20.84 -11.42 5.13
CA ASP A 130 21.94 -11.00 4.28
C ASP A 130 21.44 -11.08 2.84
N VAL A 131 21.22 -9.91 2.24
CA VAL A 131 20.63 -9.82 0.91
C VAL A 131 21.71 -9.67 -0.15
N ARG A 132 22.95 -10.00 0.17
CA ARG A 132 24.05 -9.82 -0.76
C ARG A 132 23.84 -10.65 -2.03
N TRP A 133 23.31 -11.86 -1.88
CA TRP A 133 23.20 -12.80 -2.98
C TRP A 133 21.76 -13.06 -3.40
N PHE A 134 20.78 -12.36 -2.80
CA PHE A 134 19.36 -12.40 -3.18
C PHE A 134 19.24 -12.32 -4.70
N PRO A 135 18.42 -13.17 -5.35
CA PRO A 135 17.50 -14.18 -4.81
C PRO A 135 18.14 -15.56 -4.61
N PHE A 136 19.43 -15.74 -4.83
CA PHE A 136 20.11 -17.02 -4.58
C PHE A 136 20.81 -17.00 -3.23
N ASP A 137 20.07 -16.67 -2.17
CA ASP A 137 20.65 -16.49 -0.86
C ASP A 137 20.31 -17.65 0.07
N VAL A 138 21.18 -17.86 1.04
CA VAL A 138 20.95 -18.77 2.14
C VAL A 138 21.02 -17.92 3.40
N GLN A 139 20.06 -18.11 4.29
CA GLN A 139 19.97 -17.31 5.49
C GLN A 139 20.20 -18.20 6.71
N HIS A 140 20.80 -17.61 7.74
CA HIS A 140 21.15 -18.30 8.98
C HIS A 140 20.54 -17.47 10.10
N CYS A 141 19.29 -17.72 10.41
CA CYS A 141 18.55 -16.92 11.37
C CYS A 141 18.67 -17.57 12.73
N LYS A 142 19.15 -16.81 13.70
CA LYS A 142 19.34 -17.32 15.04
C LYS A 142 18.10 -17.10 15.87
N LEU A 143 17.84 -18.05 16.76
CA LEU A 143 16.78 -17.96 17.75
C LEU A 143 17.47 -18.22 19.08
N LYS A 144 17.69 -17.16 19.84
CA LYS A 144 18.41 -17.26 21.11
C LYS A 144 17.40 -17.34 22.25
N PHE A 145 17.58 -18.35 23.09
CA PHE A 145 16.67 -18.67 24.17
C PHE A 145 17.47 -18.83 25.45
N GLY A 146 17.00 -18.23 26.52
CA GLY A 146 17.59 -18.49 27.81
C GLY A 146 16.71 -17.94 28.91
N SER A 147 16.95 -18.46 30.11
CA SER A 147 16.26 -17.94 31.28
C SER A 147 16.62 -16.48 31.47
N TRP A 148 15.61 -15.66 31.70
CA TRP A 148 15.86 -14.22 31.79
C TRP A 148 16.56 -13.86 33.09
N SER A 149 16.10 -14.42 34.21
CA SER A 149 16.56 -14.01 35.53
C SER A 149 17.29 -15.09 36.31
N TYR A 150 17.40 -16.32 35.81
CA TYR A 150 18.11 -17.40 36.49
C TYR A 150 19.44 -17.61 35.78
N GLY A 151 20.53 -17.31 36.48
CA GLY A 151 21.85 -17.56 35.95
C GLY A 151 22.28 -19.01 36.07
N GLY A 152 23.51 -19.27 35.59
CA GLY A 152 24.02 -20.62 35.51
C GLY A 152 24.20 -21.32 36.85
N TRP A 153 24.43 -20.56 37.93
CA TRP A 153 24.50 -21.18 39.24
C TRP A 153 23.14 -21.67 39.73
N SER A 154 22.05 -21.23 39.12
CA SER A 154 20.71 -21.65 39.50
C SER A 154 20.03 -22.54 38.47
N LEU A 155 20.30 -22.34 37.19
CA LEU A 155 19.58 -23.03 36.12
C LEU A 155 20.57 -23.53 35.09
N ASP A 156 20.77 -24.83 35.04
CA ASP A 156 21.71 -25.48 34.13
C ASP A 156 20.95 -25.80 32.84
N LEU A 157 20.88 -24.82 31.95
CA LEU A 157 20.20 -25.02 30.69
C LEU A 157 21.01 -25.98 29.82
N GLN A 158 20.36 -27.05 29.37
CA GLN A 158 20.94 -28.03 28.47
C GLN A 158 20.13 -28.10 27.19
N MET A 159 20.80 -28.53 26.13
CA MET A 159 20.24 -28.51 24.79
C MET A 159 19.92 -29.94 24.34
N GLN A 160 18.87 -30.05 23.54
CA GLN A 160 18.53 -31.29 22.87
C GLN A 160 18.24 -30.98 21.40
N GLU A 161 18.42 -31.98 20.56
CA GLU A 161 18.27 -31.81 19.12
C GLU A 161 16.88 -31.31 18.76
N ALA A 162 16.83 -30.40 17.79
CA ALA A 162 15.56 -29.85 17.35
C ALA A 162 14.76 -30.89 16.58
N ASP A 163 13.44 -30.86 16.76
CA ASP A 163 12.52 -31.76 16.06
C ASP A 163 12.04 -31.08 14.79
N ILE A 164 12.11 -31.79 13.67
CA ILE A 164 11.57 -31.32 12.40
C ILE A 164 10.70 -32.40 11.77
N SER A 165 10.31 -33.42 12.57
CA SER A 165 9.52 -34.52 12.03
C SER A 165 8.15 -34.05 11.57
N GLY A 166 7.55 -33.12 12.32
CA GLY A 166 6.28 -32.52 11.94
C GLY A 166 6.42 -31.23 11.17
N TYR A 167 7.58 -30.99 10.56
CA TYR A 167 7.80 -29.77 9.81
C TYR A 167 7.03 -29.80 8.49
N ILE A 168 6.41 -28.68 8.15
CA ILE A 168 5.61 -28.58 6.93
C ILE A 168 6.37 -27.67 5.99
N PRO A 169 6.83 -28.15 4.83
CA PRO A 169 7.60 -27.31 3.91
C PRO A 169 6.89 -26.03 3.50
N ASN A 170 7.68 -25.05 3.12
CA ASN A 170 7.19 -23.76 2.70
C ASN A 170 7.56 -23.71 1.22
N GLY A 171 6.77 -22.99 0.44
CA GLY A 171 7.11 -22.90 -0.96
C GLY A 171 8.22 -21.94 -1.33
N GLU A 172 8.61 -21.04 -0.45
CA GLU A 172 9.72 -20.14 -0.73
C GLU A 172 11.03 -20.52 -0.06
N TRP A 173 11.02 -21.36 0.97
CA TRP A 173 12.23 -21.70 1.72
C TRP A 173 12.37 -23.19 1.93
N ASP A 174 13.51 -23.73 1.53
CA ASP A 174 13.87 -25.12 1.82
C ASP A 174 14.69 -25.11 3.11
N LEU A 175 14.11 -25.66 4.17
CA LEU A 175 14.87 -25.86 5.41
C LEU A 175 16.08 -26.76 5.16
N VAL A 176 17.27 -26.21 5.40
CA VAL A 176 18.51 -26.95 5.27
C VAL A 176 18.82 -27.70 6.57
N GLY A 177 18.52 -27.08 7.70
CA GLY A 177 18.69 -27.69 8.99
C GLY A 177 18.51 -26.65 10.07
N ILE A 178 18.40 -27.13 11.30
CA ILE A 178 18.25 -26.28 12.48
C ILE A 178 19.28 -26.67 13.53
N PRO A 179 20.57 -26.56 13.22
CA PRO A 179 21.59 -26.84 14.24
C PRO A 179 21.47 -25.91 15.44
N GLY A 180 21.71 -26.44 16.63
CA GLY A 180 21.73 -25.65 17.84
C GLY A 180 23.04 -25.71 18.60
N LYS A 181 23.26 -24.73 19.47
CA LYS A 181 24.48 -24.66 20.27
C LYS A 181 24.19 -24.01 21.62
N ARG A 182 24.62 -24.67 22.69
CA ARG A 182 24.53 -24.13 24.04
C ARG A 182 25.80 -23.34 24.36
N SER A 183 25.61 -22.08 24.76
CA SER A 183 26.70 -21.16 25.06
C SER A 183 26.55 -20.67 26.50
N GLU A 184 27.68 -20.27 27.09
CA GLU A 184 27.72 -19.72 28.45
C GLU A 184 28.34 -18.33 28.32
N ARG A 185 27.57 -17.27 28.56
CA ARG A 185 28.01 -15.90 28.33
C ARG A 185 27.89 -15.05 29.60
N PHE A 186 28.72 -14.01 29.66
CA PHE A 186 28.68 -12.99 30.69
C PHE A 186 28.08 -11.71 30.13
N TYR A 187 27.33 -10.99 30.97
CA TYR A 187 26.73 -9.72 30.61
C TYR A 187 27.13 -8.68 31.66
N GLU A 188 27.24 -7.42 31.21
CA GLU A 188 27.69 -6.36 32.10
C GLU A 188 26.70 -6.10 33.23
N CYS A 189 25.46 -6.59 33.11
CA CYS A 189 24.52 -6.54 34.22
C CYS A 189 25.08 -7.25 35.44
N CYS A 190 25.67 -8.41 35.24
CA CYS A 190 25.75 -9.44 36.27
C CYS A 190 27.12 -10.08 36.28
N LYS A 191 27.58 -10.45 37.47
CA LYS A 191 28.84 -11.17 37.60
C LYS A 191 28.66 -12.65 37.32
N GLU A 192 27.49 -13.19 37.60
CA GLU A 192 27.19 -14.57 37.25
C GLU A 192 26.96 -14.70 35.74
N PRO A 193 27.42 -15.77 35.11
CA PRO A 193 27.12 -15.97 33.69
C PRO A 193 25.75 -16.60 33.49
N TYR A 194 25.23 -16.40 32.29
CA TYR A 194 23.86 -16.82 31.95
C TYR A 194 23.90 -17.75 30.74
N PRO A 195 23.64 -19.05 30.88
CA PRO A 195 23.61 -19.91 29.69
C PRO A 195 22.44 -19.57 28.78
N ASP A 196 22.65 -19.82 27.49
CA ASP A 196 21.58 -19.72 26.53
C ASP A 196 21.71 -20.88 25.55
N VAL A 197 20.66 -21.09 24.78
CA VAL A 197 20.58 -22.13 23.77
C VAL A 197 20.11 -21.46 22.51
N THR A 198 20.94 -21.47 21.49
CA THR A 198 20.66 -20.80 20.24
C THR A 198 20.44 -21.87 19.18
N PHE A 199 19.42 -21.66 18.37
CA PHE A 199 19.11 -22.53 17.23
C PHE A 199 19.24 -21.65 16.02
N THR A 200 19.98 -22.13 15.03
CA THR A 200 20.20 -21.40 13.79
C THR A 200 19.44 -22.13 12.72
N VAL A 201 18.48 -21.45 12.10
CA VAL A 201 17.66 -22.04 11.07
C VAL A 201 18.33 -21.69 9.75
N THR A 202 18.86 -22.69 9.07
CA THR A 202 19.50 -22.52 7.78
C THR A 202 18.45 -22.83 6.71
N MET A 203 18.06 -21.81 5.95
CA MET A 203 16.97 -21.91 5.01
C MET A 203 17.42 -21.32 3.68
N ARG A 204 17.17 -22.05 2.60
CA ARG A 204 17.61 -21.69 1.27
C ARG A 204 16.42 -21.14 0.52
N ARG A 205 16.59 -19.98 -0.11
CA ARG A 205 15.52 -19.42 -0.90
C ARG A 205 15.30 -20.27 -2.15
N ARG A 206 14.04 -20.54 -2.45
CA ARG A 206 13.66 -21.21 -3.69
C ARG A 206 13.41 -20.13 -4.72
N THR A 207 13.96 -20.33 -5.90
CA THR A 207 14.17 -19.23 -6.82
C THR A 207 13.27 -19.25 -8.05
N LEU A 208 12.33 -20.18 -8.15
CA LEU A 208 11.46 -20.22 -9.32
C LEU A 208 10.63 -18.95 -9.45
N TYR A 209 9.92 -18.58 -8.37
CA TYR A 209 9.11 -17.36 -8.38
C TYR A 209 9.94 -16.13 -8.73
N TYR A 210 11.13 -16.00 -8.14
CA TYR A 210 11.97 -14.84 -8.41
C TYR A 210 12.62 -14.94 -9.78
N GLY A 211 12.86 -16.16 -10.27
CA GLY A 211 13.30 -16.28 -11.65
C GLY A 211 12.26 -15.77 -12.64
N LEU A 212 11.00 -16.09 -12.40
CA LEU A 212 9.94 -15.71 -13.29
C LEU A 212 9.42 -14.29 -13.08
N ASN A 213 9.63 -13.69 -11.91
CA ASN A 213 9.14 -12.34 -11.64
C ASN A 213 10.22 -11.26 -11.65
N LEU A 214 11.49 -11.62 -11.50
CA LEU A 214 12.56 -10.64 -11.44
C LEU A 214 13.64 -10.87 -12.49
N LEU A 215 14.21 -12.07 -12.53
CA LEU A 215 15.35 -12.34 -13.39
C LEU A 215 14.97 -12.53 -14.86
N ILE A 216 14.00 -13.39 -15.15
CA ILE A 216 13.58 -13.62 -16.53
C ILE A 216 12.93 -12.39 -17.14
N PRO A 217 12.01 -11.69 -16.46
CA PRO A 217 11.48 -10.44 -17.05
C PRO A 217 12.57 -9.46 -17.43
N CYS A 218 13.62 -9.37 -16.62
CA CYS A 218 14.72 -8.44 -16.88
C CYS A 218 15.51 -8.82 -18.11
N VAL A 219 15.75 -10.12 -18.32
CA VAL A 219 16.53 -10.57 -19.48
C VAL A 219 15.82 -10.21 -20.78
N LEU A 220 14.50 -10.40 -20.83
CA LEU A 220 13.78 -10.18 -22.08
C LEU A 220 13.72 -8.70 -22.44
N ILE A 221 13.60 -7.87 -21.42
CA ILE A 221 13.57 -6.41 -21.52
C ILE A 221 14.95 -5.94 -21.96
N SER A 222 16.00 -6.59 -21.49
CA SER A 222 17.35 -6.34 -21.96
C SER A 222 17.46 -6.70 -23.43
N ALA A 223 16.84 -7.81 -23.84
CA ALA A 223 16.81 -8.20 -25.24
C ALA A 223 15.98 -7.22 -26.07
N LEU A 224 14.89 -6.69 -25.50
CA LEU A 224 14.11 -5.68 -26.21
C LEU A 224 14.93 -4.42 -26.46
N ALA A 225 15.80 -4.05 -25.50
CA ALA A 225 16.62 -2.86 -25.69
C ALA A 225 17.57 -3.03 -26.87
N LEU A 226 17.95 -4.26 -27.19
CA LEU A 226 18.78 -4.51 -28.37
C LEU A 226 17.99 -4.43 -29.68
N LEU A 227 16.66 -4.44 -29.62
CA LEU A 227 15.89 -4.25 -30.86
C LEU A 227 15.96 -2.81 -31.34
N VAL A 228 16.38 -1.88 -30.49
CA VAL A 228 16.60 -0.51 -30.95
C VAL A 228 17.73 -0.49 -31.97
N PHE A 229 18.73 -1.35 -31.79
CA PHE A 229 19.83 -1.44 -32.75
C PHE A 229 19.42 -2.11 -34.05
N LEU A 230 18.24 -2.72 -34.13
CA LEU A 230 17.71 -3.30 -35.36
C LEU A 230 16.62 -2.46 -35.98
N LEU A 231 16.07 -1.49 -35.26
CA LEU A 231 15.06 -0.61 -35.83
C LEU A 231 15.72 0.30 -36.87
N PRO A 232 15.15 0.46 -38.07
CA PRO A 232 15.70 1.46 -38.98
C PRO A 232 15.58 2.85 -38.38
N ALA A 233 16.50 3.73 -38.77
CA ALA A 233 16.46 5.10 -38.26
C ALA A 233 15.28 5.88 -38.83
N ASP A 234 14.89 5.60 -40.07
CA ASP A 234 13.77 6.29 -40.69
C ASP A 234 12.43 5.95 -40.04
N SER A 235 12.37 4.95 -39.16
CA SER A 235 11.10 4.60 -38.54
C SER A 235 10.61 5.71 -37.62
N GLY A 236 11.52 6.44 -36.98
CA GLY A 236 11.14 7.52 -36.09
C GLY A 236 10.76 7.06 -34.70
N GLU A 237 11.11 5.83 -34.32
CA GLU A 237 10.66 5.24 -33.06
C GLU A 237 11.81 4.65 -32.25
N LYS A 238 13.06 5.05 -32.50
CA LYS A 238 14.17 4.45 -31.77
C LYS A 238 14.19 4.94 -30.33
N ILE A 239 14.09 6.24 -30.12
CA ILE A 239 14.08 6.77 -28.76
C ILE A 239 12.84 6.32 -28.02
N SER A 240 11.70 6.28 -28.71
CA SER A 240 10.47 5.81 -28.08
C SER A 240 10.64 4.38 -27.57
N LEU A 241 11.14 3.48 -28.42
CA LEU A 241 11.44 2.12 -27.98
C LEU A 241 12.46 2.11 -26.86
N GLY A 242 13.59 2.79 -27.08
CA GLY A 242 14.66 2.75 -26.09
C GLY A 242 14.25 3.33 -24.75
N ILE A 243 13.76 4.56 -24.75
CA ILE A 243 13.40 5.19 -23.48
C ILE A 243 12.21 4.48 -22.84
N THR A 244 11.30 3.92 -23.63
CA THR A 244 10.18 3.21 -23.05
C THR A 244 10.64 1.93 -22.35
N VAL A 245 11.61 1.24 -22.95
CA VAL A 245 12.17 0.07 -22.28
C VAL A 245 12.86 0.51 -21.00
N LEU A 246 13.49 1.70 -21.02
CA LEU A 246 14.15 2.20 -19.82
C LEU A 246 13.12 2.51 -18.73
N LEU A 247 11.97 3.09 -19.10
CA LEU A 247 10.90 3.29 -18.12
C LEU A 247 10.32 1.97 -17.66
N SER A 248 10.43 0.92 -18.47
CA SER A 248 9.93 -0.39 -18.06
C SER A 248 10.88 -0.97 -17.03
N LEU A 249 12.15 -0.56 -17.07
CA LEU A 249 13.19 -1.05 -16.17
C LEU A 249 13.08 -0.44 -14.78
N THR A 250 12.56 0.79 -14.66
CA THR A 250 12.38 1.38 -13.32
C THR A 250 11.29 0.70 -12.50
N VAL A 251 10.35 -0.01 -13.13
CA VAL A 251 9.28 -0.58 -12.33
C VAL A 251 9.88 -1.73 -11.52
N PHE A 252 10.90 -2.34 -12.11
CA PHE A 252 11.55 -3.43 -11.44
C PHE A 252 12.49 -2.89 -10.35
N MET A 253 13.11 -1.73 -10.58
CA MET A 253 14.05 -1.16 -9.63
C MET A 253 13.32 -0.71 -8.38
N LEU A 254 12.08 -0.25 -8.54
CA LEU A 254 11.22 0.11 -7.42
C LEU A 254 10.63 -1.12 -6.74
N LEU A 255 10.40 -2.19 -7.50
CA LEU A 255 9.96 -3.42 -6.85
C LEU A 255 11.06 -3.95 -5.93
N VAL A 256 12.33 -3.91 -6.37
CA VAL A 256 13.44 -4.36 -5.53
C VAL A 256 13.63 -3.42 -4.34
N ALA A 257 13.56 -2.12 -4.59
CA ALA A 257 13.75 -1.16 -3.49
C ALA A 257 12.66 -1.33 -2.43
N GLU A 258 11.46 -1.74 -2.85
CA GLU A 258 10.37 -1.92 -1.90
C GLU A 258 10.53 -3.19 -1.06
N ILE A 259 11.08 -4.28 -1.62
CA ILE A 259 11.25 -5.52 -0.84
C ILE A 259 12.59 -5.65 -0.14
N MET A 260 13.60 -4.86 -0.51
CA MET A 260 14.92 -4.98 0.11
C MET A 260 15.04 -4.07 1.32
N PRO A 261 15.80 -4.46 2.35
CA PRO A 261 16.01 -3.56 3.48
C PRO A 261 16.90 -2.41 3.07
N ALA A 262 16.69 -1.25 3.69
CA ALA A 262 17.44 -0.05 3.31
C ALA A 262 18.77 -0.04 4.09
N THR A 263 19.69 -0.89 3.64
CA THR A 263 20.94 -1.12 4.34
C THR A 263 22.14 -0.91 3.43
N SER A 264 23.28 -0.65 4.07
CA SER A 264 24.53 -0.32 3.40
C SER A 264 25.62 -1.30 3.77
N ASP A 265 25.25 -2.50 4.24
CA ASP A 265 26.24 -3.54 4.51
C ASP A 265 26.77 -4.16 3.23
N SER A 266 26.09 -3.97 2.10
CA SER A 266 26.48 -4.47 0.80
C SER A 266 25.44 -4.07 -0.22
N VAL A 267 25.68 -4.40 -1.48
CA VAL A 267 24.73 -4.18 -2.56
C VAL A 267 24.22 -5.56 -2.96
N PRO A 268 22.89 -5.83 -2.90
CA PRO A 268 22.40 -7.13 -3.36
C PRO A 268 22.83 -7.52 -4.76
N LEU A 269 22.84 -8.82 -5.00
CA LEU A 269 23.14 -9.29 -6.34
C LEU A 269 22.11 -8.79 -7.34
N ILE A 270 20.83 -8.82 -6.95
CA ILE A 270 19.77 -8.35 -7.84
C ILE A 270 19.96 -6.87 -8.15
N ALA A 271 20.42 -6.09 -7.18
CA ALA A 271 20.68 -4.68 -7.43
C ALA A 271 21.80 -4.49 -8.43
N GLN A 272 22.85 -5.30 -8.34
CA GLN A 272 23.95 -5.18 -9.29
C GLN A 272 23.51 -5.62 -10.68
N TYR A 273 22.64 -6.62 -10.75
CA TYR A 273 22.18 -7.11 -12.05
C TYR A 273 21.22 -6.13 -12.71
N PHE A 274 20.27 -5.59 -11.94
CA PHE A 274 19.36 -4.59 -12.50
C PHE A 274 20.07 -3.28 -12.79
N ALA A 275 21.01 -2.87 -11.93
CA ALA A 275 21.77 -1.65 -12.20
C ALA A 275 22.63 -1.79 -13.44
N SER A 276 23.23 -2.96 -13.65
CA SER A 276 24.00 -3.16 -14.88
C SER A 276 23.11 -3.19 -16.10
N THR A 277 21.95 -3.86 -16.00
CA THR A 277 21.02 -3.89 -17.12
C THR A 277 20.54 -2.49 -17.46
N MET A 278 20.24 -1.68 -16.45
CA MET A 278 19.75 -0.33 -16.72
C MET A 278 20.86 0.56 -17.24
N ILE A 279 22.12 0.25 -16.92
CA ILE A 279 23.23 0.98 -17.51
C ILE A 279 23.53 0.52 -18.92
N ILE A 280 23.16 -0.71 -19.27
CA ILE A 280 23.33 -1.16 -20.65
C ILE A 280 22.22 -0.61 -21.53
N VAL A 281 21.00 -0.50 -21.00
CA VAL A 281 19.91 0.10 -21.75
C VAL A 281 20.06 1.62 -21.76
N GLY A 282 20.51 2.19 -20.65
CA GLY A 282 20.76 3.62 -20.62
C GLY A 282 21.89 4.02 -21.54
N LEU A 283 22.88 3.14 -21.72
CA LEU A 283 23.95 3.42 -22.67
C LEU A 283 23.53 3.15 -24.10
N SER A 284 22.49 2.34 -24.32
CA SER A 284 21.97 2.15 -25.67
C SER A 284 21.12 3.32 -26.12
N VAL A 285 20.65 4.14 -25.17
CA VAL A 285 19.97 5.38 -25.51
C VAL A 285 20.99 6.44 -25.88
N VAL A 286 22.12 6.46 -25.17
CA VAL A 286 23.22 7.36 -25.50
C VAL A 286 23.75 7.06 -26.90
N VAL A 287 23.99 5.77 -27.17
CA VAL A 287 24.46 5.35 -28.49
C VAL A 287 23.41 5.60 -29.55
N THR A 288 22.13 5.45 -29.20
CA THR A 288 21.06 5.74 -30.16
C THR A 288 21.06 7.20 -30.55
N VAL A 289 21.31 8.10 -29.59
CA VAL A 289 21.40 9.51 -29.89
C VAL A 289 22.56 9.78 -30.85
N ILE A 290 23.68 9.11 -30.64
CA ILE A 290 24.82 9.25 -31.55
C ILE A 290 24.48 8.71 -32.93
N VAL A 291 23.77 7.58 -32.98
CA VAL A 291 23.35 7.02 -34.26
C VAL A 291 22.46 7.99 -35.01
N LEU A 292 21.50 8.61 -34.31
CA LEU A 292 20.58 9.54 -34.95
C LEU A 292 21.31 10.79 -35.44
N GLN A 293 22.34 11.23 -34.72
CA GLN A 293 23.17 12.33 -35.20
C GLN A 293 23.82 11.98 -36.53
N TYR A 294 24.33 10.75 -36.65
CA TYR A 294 24.92 10.33 -37.91
C TYR A 294 23.87 10.25 -39.02
N HIS A 295 22.70 9.68 -38.71
CA HIS A 295 21.65 9.51 -39.71
C HIS A 295 21.10 10.84 -40.19
N HIS A 296 20.88 11.77 -39.26
CA HIS A 296 20.33 13.09 -39.57
C HIS A 296 21.39 14.14 -39.80
N HIS A 297 22.63 13.73 -40.09
CA HIS A 297 23.70 14.70 -40.27
C HIS A 297 23.42 15.62 -41.46
N ASP A 298 23.65 16.90 -41.25
CA ASP A 298 23.45 17.89 -42.30
C ASP A 298 24.53 17.70 -43.37
N PRO A 299 24.19 17.44 -44.64
CA PRO A 299 25.27 17.23 -45.62
C PRO A 299 26.16 18.44 -45.83
N ASP A 300 25.62 19.65 -45.64
CA ASP A 300 26.40 20.87 -45.80
C ASP A 300 27.16 21.25 -44.53
N GLY A 301 27.24 20.35 -43.56
CA GLY A 301 28.00 20.57 -42.35
C GLY A 301 29.43 20.08 -42.45
N GLY A 302 30.02 19.80 -41.30
CA GLY A 302 31.38 19.33 -41.27
C GLY A 302 31.52 17.98 -41.96
N LYS A 303 32.58 17.84 -42.76
CA LYS A 303 32.82 16.61 -43.47
C LYS A 303 33.14 15.48 -42.48
N MET A 304 33.12 14.25 -42.98
CA MET A 304 33.37 13.10 -42.14
C MET A 304 34.87 12.97 -41.87
N PRO A 305 35.32 12.97 -40.60
CA PRO A 305 36.75 12.76 -40.34
C PRO A 305 37.27 11.49 -40.99
N LYS A 306 38.49 11.58 -41.53
CA LYS A 306 39.14 10.43 -42.15
C LYS A 306 39.24 9.23 -41.21
N TRP A 307 39.37 9.46 -39.90
CA TRP A 307 39.38 8.34 -38.98
C TRP A 307 38.04 7.61 -38.98
N THR A 308 36.95 8.32 -39.23
CA THR A 308 35.64 7.70 -39.21
C THR A 308 35.37 6.92 -40.49
N ARG A 309 35.85 7.41 -41.65
CA ARG A 309 35.59 6.72 -42.90
C ARG A 309 36.43 5.46 -43.06
N VAL A 310 37.44 5.25 -42.21
CA VAL A 310 38.22 4.01 -42.20
C VAL A 310 37.76 3.06 -41.08
N ILE A 311 37.54 3.60 -39.88
CA ILE A 311 37.20 2.73 -38.75
C ILE A 311 35.84 2.07 -38.97
N LEU A 312 34.89 2.79 -39.57
CA LEU A 312 33.53 2.29 -39.74
C LEU A 312 33.25 1.80 -41.15
N LEU A 313 33.56 2.60 -42.18
CA LEU A 313 33.16 2.25 -43.53
C LEU A 313 34.14 1.34 -44.26
N ASN A 314 35.30 1.02 -43.66
CA ASN A 314 36.23 0.07 -44.23
C ASN A 314 36.41 -1.16 -43.34
N TRP A 315 36.92 -0.98 -42.13
CA TRP A 315 37.16 -2.12 -41.24
C TRP A 315 35.87 -2.80 -40.83
N CYS A 316 35.07 -2.11 -40.02
CA CYS A 316 33.81 -2.66 -39.54
C CYS A 316 32.81 -2.94 -40.66
N ALA A 317 32.90 -2.22 -41.77
CA ALA A 317 32.02 -2.49 -42.90
C ALA A 317 32.45 -3.71 -43.70
N TRP A 318 33.66 -4.22 -43.47
CA TRP A 318 34.13 -5.48 -44.06
C TRP A 318 33.97 -6.65 -43.11
N PHE A 319 34.30 -6.46 -41.83
CA PHE A 319 34.10 -7.50 -40.83
C PHE A 319 32.66 -7.98 -40.81
N LEU A 320 31.71 -7.05 -40.70
CA LEU A 320 30.31 -7.38 -40.62
C LEU A 320 29.70 -7.75 -41.96
N ARG A 321 30.48 -7.70 -43.05
CA ARG A 321 30.03 -8.13 -44.37
C ARG A 321 28.78 -7.38 -44.82
N MET A 322 28.81 -6.05 -44.68
CA MET A 322 27.63 -5.23 -44.94
C MET A 322 27.66 -4.58 -46.32
N LYS A 323 28.74 -3.90 -46.66
CA LYS A 323 28.84 -3.19 -47.93
C LYS A 323 27.79 -2.09 -48.04
N PRO A 479 19.55 32.82 -80.57
CA PRO A 479 19.66 33.78 -79.46
C PRO A 479 18.78 33.39 -78.28
N ASP A 480 17.57 32.88 -78.57
CA ASP A 480 16.68 32.42 -77.52
C ASP A 480 17.01 31.00 -77.09
N LEU A 481 17.61 30.21 -77.97
CA LEU A 481 17.94 28.82 -77.63
C LEU A 481 19.07 28.74 -76.61
N ALA A 482 19.92 29.76 -76.56
CA ALA A 482 20.99 29.78 -75.56
C ALA A 482 20.45 30.13 -74.18
N LYS A 483 19.39 30.94 -74.11
CA LYS A 483 18.76 31.24 -72.83
C LYS A 483 18.06 30.01 -72.27
N ILE A 484 17.41 29.23 -73.12
CA ILE A 484 16.84 27.95 -72.68
C ILE A 484 17.96 27.04 -72.17
N LEU A 485 19.08 26.98 -72.89
CA LEU A 485 20.19 26.13 -72.48
C LEU A 485 20.72 26.55 -71.11
N GLU A 486 20.89 27.84 -70.89
CA GLU A 486 21.36 28.32 -69.59
C GLU A 486 20.38 27.96 -68.49
N GLU A 487 19.08 28.09 -68.78
CA GLU A 487 18.08 27.88 -67.74
C GLU A 487 17.94 26.41 -67.39
N VAL A 488 17.91 25.53 -68.41
CA VAL A 488 17.79 24.10 -68.16
C VAL A 488 19.06 23.54 -67.55
N ARG A 489 20.22 24.11 -67.89
CA ARG A 489 21.47 23.69 -67.27
C ARG A 489 21.45 23.94 -65.77
N TYR A 490 20.85 25.06 -65.35
CA TYR A 490 20.67 25.31 -63.93
C TYR A 490 19.79 24.24 -63.29
N ILE A 491 18.69 23.85 -63.95
CA ILE A 491 17.80 22.85 -63.38
C ILE A 491 18.52 21.52 -63.19
N ALA A 492 19.25 21.10 -64.22
CA ALA A 492 19.98 19.83 -64.13
C ALA A 492 21.16 19.92 -63.16
N ASN A 493 21.89 21.03 -63.17
CA ASN A 493 23.00 21.17 -62.23
C ASN A 493 22.48 21.23 -60.80
N ARG A 494 21.32 21.82 -60.58
CA ARG A 494 20.69 21.77 -59.28
C ARG A 494 20.38 20.33 -58.89
N PHE A 495 19.92 19.52 -59.85
CA PHE A 495 19.71 18.10 -59.58
C PHE A 495 21.01 17.40 -59.24
N ARG A 496 22.09 17.73 -59.97
CA ARG A 496 23.37 17.07 -59.71
C ARG A 496 23.89 17.41 -58.33
N CYS A 497 23.77 18.67 -57.92
CA CYS A 497 24.16 19.06 -56.57
C CYS A 497 23.33 18.31 -55.53
N GLN A 498 22.05 18.06 -55.82
CA GLN A 498 21.21 17.32 -54.91
C GLN A 498 21.63 15.87 -54.82
N ASP A 499 22.11 15.29 -55.92
CA ASP A 499 22.59 13.92 -55.90
C ASP A 499 23.87 13.78 -55.09
N GLU A 500 24.81 14.71 -55.25
CA GLU A 500 26.04 14.67 -54.46
C GLU A 500 25.74 14.87 -52.98
N SER A 501 24.86 15.81 -52.66
CA SER A 501 24.44 15.99 -51.29
C SER A 501 23.73 14.73 -50.79
N GLU A 502 22.92 14.10 -51.64
CA GLU A 502 22.24 12.87 -51.27
C GLU A 502 23.25 11.73 -51.07
N ALA A 503 24.28 11.67 -51.91
CA ALA A 503 25.30 10.65 -51.76
C ALA A 503 26.05 10.81 -50.44
N VAL A 504 26.38 12.04 -50.09
CA VAL A 504 26.99 12.31 -48.78
C VAL A 504 26.04 11.89 -47.67
N CYS A 505 24.75 12.20 -47.82
CA CYS A 505 23.78 11.81 -46.81
C CYS A 505 23.70 10.29 -46.68
N SER A 506 23.70 9.58 -47.81
CA SER A 506 23.63 8.12 -47.77
C SER A 506 24.90 7.55 -47.14
N GLU A 507 26.02 8.19 -47.41
CA GLU A 507 27.29 7.80 -46.78
C GLU A 507 27.22 7.97 -45.26
N TRP A 508 26.68 9.10 -44.80
CA TRP A 508 26.48 9.28 -43.36
C TRP A 508 25.43 8.32 -42.81
N LYS A 509 24.39 8.03 -43.59
CA LYS A 509 23.39 7.05 -43.16
C LYS A 509 23.99 5.66 -43.04
N PHE A 510 24.90 5.30 -43.95
CA PHE A 510 25.53 4.00 -43.87
C PHE A 510 26.39 3.86 -42.62
N ALA A 511 27.06 4.94 -42.21
CA ALA A 511 27.81 4.92 -40.96
C ALA A 511 26.90 4.60 -39.78
N ALA A 512 25.70 5.19 -39.75
CA ALA A 512 24.75 4.90 -38.68
C ALA A 512 24.37 3.43 -38.66
N CYS A 513 24.20 2.83 -39.83
CA CYS A 513 23.86 1.41 -39.91
C CYS A 513 24.99 0.55 -39.36
N VAL A 514 26.23 0.88 -39.70
CA VAL A 514 27.37 0.12 -39.17
C VAL A 514 27.46 0.26 -37.66
N VAL A 515 27.23 1.47 -37.14
CA VAL A 515 27.28 1.69 -35.70
C VAL A 515 26.18 0.91 -35.01
N ASP A 516 25.00 0.81 -35.63
CA ASP A 516 23.94 -0.04 -35.10
C ASP A 516 24.39 -1.49 -34.98
N ARG A 517 25.03 -2.02 -36.02
CA ARG A 517 25.43 -3.41 -35.99
C ARG A 517 26.56 -3.65 -34.99
N LEU A 518 27.53 -2.74 -34.93
CA LEU A 518 28.61 -2.87 -33.95
C LEU A 518 28.06 -2.84 -32.53
N CYS A 519 27.23 -1.85 -32.23
CA CYS A 519 26.70 -1.74 -30.89
C CYS A 519 25.62 -2.78 -30.62
N LEU A 520 25.02 -3.35 -31.66
CA LEU A 520 24.20 -4.54 -31.47
C LEU A 520 25.04 -5.69 -30.93
N MET A 521 26.17 -5.99 -31.60
CA MET A 521 27.06 -7.05 -31.16
C MET A 521 27.69 -6.71 -29.81
N ALA A 522 28.17 -5.47 -29.65
CA ALA A 522 28.85 -5.09 -28.42
C ALA A 522 27.92 -5.16 -27.22
N PHE A 523 26.70 -4.65 -27.36
CA PHE A 523 25.77 -4.67 -26.23
C PHE A 523 25.25 -6.07 -25.96
N SER A 524 25.19 -6.92 -27.00
CA SER A 524 24.82 -8.31 -26.79
C SER A 524 25.85 -9.03 -25.93
N VAL A 525 27.13 -8.82 -26.21
CA VAL A 525 28.19 -9.43 -25.41
C VAL A 525 28.15 -8.89 -23.98
N PHE A 526 27.99 -7.56 -23.83
CA PHE A 526 27.92 -6.98 -22.50
C PHE A 526 26.76 -7.56 -21.72
N THR A 527 25.60 -7.69 -22.36
CA THR A 527 24.43 -8.24 -21.68
C THR A 527 24.67 -9.67 -21.23
N ILE A 528 25.23 -10.50 -22.13
CA ILE A 528 25.45 -11.90 -21.81
C ILE A 528 26.46 -12.05 -20.69
N ILE A 529 27.61 -11.37 -20.81
CA ILE A 529 28.66 -11.50 -19.79
C ILE A 529 28.18 -10.93 -18.46
N CYS A 530 27.53 -9.77 -18.47
CA CYS A 530 27.03 -9.21 -17.23
C CYS A 530 25.93 -10.09 -16.64
N THR A 531 25.00 -10.56 -17.48
CA THR A 531 23.97 -11.48 -17.01
C THR A 531 24.60 -12.76 -16.44
N ILE A 532 25.45 -13.41 -17.21
CA ILE A 532 26.07 -14.66 -16.75
C ILE A 532 27.03 -14.39 -15.60
N GLY A 533 27.86 -13.35 -15.72
CA GLY A 533 28.88 -13.11 -14.72
C GLY A 533 28.31 -12.76 -13.37
N ILE A 534 27.30 -11.88 -13.35
CA ILE A 534 26.70 -11.48 -12.07
C ILE A 534 25.93 -12.64 -11.46
N LEU A 535 25.19 -13.40 -12.26
CA LEU A 535 24.36 -14.48 -11.72
C LEU A 535 25.21 -15.65 -11.23
N MET A 536 26.21 -16.08 -12.01
CA MET A 536 27.04 -17.20 -11.60
C MET A 536 28.13 -16.82 -10.62
N SER A 537 28.26 -15.54 -10.26
CA SER A 537 29.12 -15.17 -9.14
C SER A 537 28.52 -15.59 -7.80
N ALA A 538 27.21 -15.87 -7.76
CA ALA A 538 26.60 -16.32 -6.52
C ALA A 538 27.06 -17.75 -6.20
N PRO A 539 27.48 -18.05 -4.97
CA PRO A 539 27.84 -19.45 -4.66
C PRO A 539 26.72 -20.44 -4.87
N ASN A 540 25.46 -20.03 -4.71
CA ASN A 540 24.32 -20.92 -4.72
C ASN A 540 23.53 -20.89 -6.03
N PHE A 541 24.08 -20.31 -7.09
CA PHE A 541 23.35 -20.24 -8.35
C PHE A 541 23.22 -21.61 -8.99
N VAL A 542 24.30 -22.40 -9.01
CA VAL A 542 24.26 -23.72 -9.63
C VAL A 542 23.28 -24.62 -8.90
N GLU A 543 23.29 -24.57 -7.55
CA GLU A 543 22.32 -25.34 -6.77
C GLU A 543 20.90 -24.94 -7.11
N ALA A 544 20.65 -23.63 -7.29
CA ALA A 544 19.31 -23.13 -7.54
C ALA A 544 18.73 -23.68 -8.85
N VAL A 545 19.49 -23.55 -9.94
CA VAL A 545 18.99 -24.03 -11.23
C VAL A 545 18.83 -25.53 -11.23
N SER A 546 19.63 -26.25 -10.45
CA SER A 546 19.49 -27.69 -10.38
C SER A 546 18.21 -28.10 -9.64
N LYS A 547 17.92 -27.45 -8.51
CA LYS A 547 16.82 -27.88 -7.66
C LYS A 547 15.49 -27.22 -8.04
N ASP A 548 15.49 -25.92 -8.34
CA ASP A 548 14.26 -25.17 -8.53
C ASP A 548 13.85 -25.02 -9.99
N PHE A 549 14.66 -25.50 -10.93
CA PHE A 549 14.38 -25.34 -12.35
C PHE A 549 14.56 -26.67 -13.09
N GLU B 1 14.28 -26.58 50.97
CA GLU B 1 14.10 -26.51 52.44
C GLU B 1 14.30 -25.08 52.92
N PHE B 2 15.30 -24.42 52.35
CA PHE B 2 15.69 -23.07 52.73
C PHE B 2 15.11 -22.04 51.78
N GLN B 3 15.05 -22.36 50.50
CA GLN B 3 14.39 -21.48 49.54
C GLN B 3 12.90 -21.35 49.88
N ARG B 4 12.29 -22.46 50.31
CA ARG B 4 10.88 -22.45 50.71
C ARG B 4 10.64 -21.61 51.95
N LYS B 5 11.57 -21.67 52.90
CA LYS B 5 11.42 -20.93 54.15
C LYS B 5 11.69 -19.43 53.97
N LEU B 6 12.64 -19.07 53.12
CA LEU B 6 12.89 -17.66 52.84
C LEU B 6 11.74 -16.97 52.13
N TYR B 7 11.24 -17.54 51.02
CA TYR B 7 10.04 -17.01 50.37
C TYR B 7 8.85 -16.86 51.30
N LYS B 8 8.79 -17.63 52.36
CA LYS B 8 7.68 -17.53 53.30
C LYS B 8 7.93 -16.44 54.33
N GLU B 9 9.16 -16.32 54.83
CA GLU B 9 9.47 -15.26 55.77
C GLU B 9 9.54 -13.90 55.09
N LEU B 10 9.95 -13.83 53.83
CA LEU B 10 10.14 -12.52 53.21
C LEU B 10 8.84 -11.82 52.88
N VAL B 11 7.74 -12.58 52.71
CA VAL B 11 6.46 -11.96 52.33
C VAL B 11 5.59 -11.66 53.54
N LYS B 12 5.97 -12.11 54.74
CA LYS B 12 5.28 -11.72 55.97
C LYS B 12 5.19 -10.22 56.09
N ASN B 13 3.96 -9.71 56.11
CA ASN B 13 3.63 -8.30 56.28
C ASN B 13 4.14 -7.42 55.15
N TYR B 14 4.59 -7.99 54.04
CA TYR B 14 5.13 -7.15 52.99
C TYR B 14 3.97 -6.50 52.25
N ASN B 15 4.23 -5.31 51.73
CA ASN B 15 3.25 -4.51 51.00
C ASN B 15 3.91 -3.94 49.77
N PRO B 16 3.53 -4.34 48.55
CA PRO B 16 4.13 -3.72 47.36
C PRO B 16 3.71 -2.27 47.15
N LEU B 17 2.81 -1.73 47.98
CA LEU B 17 2.46 -0.32 47.91
C LEU B 17 3.50 0.55 48.59
N GLU B 18 4.12 0.02 49.65
CA GLU B 18 5.06 0.80 50.45
C GLU B 18 6.37 1.01 49.71
N ARG B 19 6.82 2.26 49.64
CA ARG B 19 8.13 2.53 49.09
C ARG B 19 9.18 1.96 50.06
N PRO B 20 10.16 1.16 49.59
CA PRO B 20 11.01 0.39 50.50
C PRO B 20 12.25 1.06 51.11
N VAL B 21 12.02 1.90 52.12
CA VAL B 21 13.06 2.71 52.74
C VAL B 21 12.89 2.55 54.23
N ALA B 22 13.99 2.70 54.97
CA ALA B 22 13.92 2.61 56.41
C ALA B 22 13.40 3.90 57.03
N ASN B 23 13.84 5.04 56.51
CA ASN B 23 13.41 6.35 56.96
C ASN B 23 12.50 6.95 55.90
N ASP B 24 11.22 7.13 56.25
CA ASP B 24 10.23 7.58 55.27
C ASP B 24 10.53 8.97 54.73
N SER B 25 11.26 9.80 55.48
CA SER B 25 11.49 11.17 55.05
C SER B 25 12.53 11.25 53.94
N GLN B 26 13.43 10.27 53.85
CA GLN B 26 14.45 10.28 52.83
C GLN B 26 13.88 9.78 51.49
N PRO B 27 14.40 10.25 50.36
CA PRO B 27 14.02 9.64 49.09
C PRO B 27 14.79 8.35 48.84
N LEU B 28 14.17 7.46 48.08
CA LEU B 28 14.77 6.20 47.71
C LEU B 28 15.63 6.43 46.48
N THR B 29 16.89 6.03 46.55
CA THR B 29 17.76 6.12 45.39
C THR B 29 17.48 4.97 44.44
N VAL B 30 17.35 5.29 43.16
CA VAL B 30 17.13 4.32 42.11
C VAL B 30 18.11 4.67 41.02
N TYR B 31 18.95 3.72 40.64
CA TYR B 31 19.85 3.90 39.51
C TYR B 31 19.19 3.35 38.26
N PHE B 32 19.00 4.22 37.28
CA PHE B 32 18.39 3.85 36.01
C PHE B 32 19.47 3.84 34.94
N SER B 33 19.34 2.91 34.02
CA SER B 33 20.21 2.85 32.85
C SER B 33 19.48 2.00 31.83
N LEU B 34 20.20 1.59 30.79
CA LEU B 34 19.61 0.73 29.79
C LEU B 34 20.72 0.10 28.97
N SER B 35 20.35 -0.95 28.25
CA SER B 35 21.22 -1.62 27.31
C SER B 35 20.53 -1.50 25.97
N LEU B 36 21.25 -0.97 24.99
CA LEU B 36 20.71 -0.86 23.64
C LEU B 36 21.16 -2.10 22.89
N LEU B 37 20.21 -2.94 22.53
CA LEU B 37 20.46 -4.15 21.76
C LEU B 37 20.35 -3.92 20.27
N GLN B 38 19.28 -3.26 19.84
CA GLN B 38 19.03 -3.11 18.42
C GLN B 38 18.11 -1.93 18.17
N ILE B 39 18.38 -1.21 17.09
CA ILE B 39 17.50 -0.17 16.60
C ILE B 39 16.68 -0.88 15.53
N MET B 40 15.44 -1.16 15.84
CA MET B 40 14.60 -1.87 14.90
C MET B 40 14.10 -1.02 13.75
N ASP B 41 13.74 0.22 13.98
CA ASP B 41 13.18 1.01 12.90
C ASP B 41 13.14 2.48 13.27
N VAL B 42 13.45 3.33 12.29
CA VAL B 42 13.34 4.76 12.40
C VAL B 42 12.26 5.11 11.39
N ASP B 43 11.08 5.48 11.89
CA ASP B 43 9.93 5.80 11.05
C ASP B 43 9.91 7.31 10.85
N GLU B 44 10.43 7.75 9.72
CA GLU B 44 10.53 9.18 9.47
C GLU B 44 9.16 9.79 9.16
N LYS B 45 8.23 9.00 8.64
CA LYS B 45 6.90 9.52 8.33
C LYS B 45 6.09 9.77 9.59
N ASN B 46 6.07 8.79 10.50
CA ASN B 46 5.36 8.90 11.76
C ASN B 46 6.19 9.49 12.89
N GLN B 47 7.47 9.81 12.64
CA GLN B 47 8.34 10.42 13.63
C GLN B 47 8.49 9.50 14.86
N VAL B 48 8.69 8.21 14.62
CA VAL B 48 8.74 7.21 15.69
C VAL B 48 10.02 6.40 15.55
N LEU B 49 10.73 6.27 16.67
CA LEU B 49 11.89 5.40 16.78
C LEU B 49 11.50 4.12 17.50
N THR B 50 11.71 2.98 16.86
CA THR B 50 11.55 1.67 17.48
C THR B 50 12.91 1.11 17.87
N THR B 51 13.02 0.61 19.10
CA THR B 51 14.28 0.08 19.63
C THR B 51 14.01 -1.12 20.52
N ASN B 52 14.96 -2.05 20.53
CA ASN B 52 14.95 -3.18 21.44
C ASN B 52 15.90 -2.83 22.58
N ILE B 53 15.35 -2.71 23.77
CA ILE B 53 16.06 -2.18 24.93
C ILE B 53 15.79 -3.09 26.11
N TRP B 54 16.81 -3.29 26.92
CA TRP B 54 16.63 -3.80 28.26
C TRP B 54 16.86 -2.61 29.16
N LEU B 55 15.91 -2.33 30.05
CA LEU B 55 16.07 -1.23 30.98
C LEU B 55 16.75 -1.80 32.19
N GLN B 56 17.46 -0.97 32.94
CA GLN B 56 18.17 -1.44 34.12
C GLN B 56 17.87 -0.52 35.29
N MET B 57 17.13 -1.03 36.26
CA MET B 57 16.80 -0.30 37.47
C MET B 57 17.43 -1.09 38.59
N SER B 58 17.93 -0.38 39.59
CA SER B 58 18.48 -1.03 40.76
C SER B 58 18.23 -0.15 41.96
N TRP B 59 17.87 -0.77 43.07
CA TRP B 59 17.70 -0.04 44.30
C TRP B 59 17.89 -1.02 45.44
N THR B 60 17.75 -0.53 46.65
CA THR B 60 17.80 -1.35 47.85
C THR B 60 16.40 -1.43 48.45
N ASP B 61 16.08 -2.60 48.99
CA ASP B 61 14.80 -2.84 49.64
C ASP B 61 15.16 -3.19 51.07
N HIS B 62 14.68 -2.37 52.01
CA HIS B 62 14.97 -2.57 53.42
C HIS B 62 14.46 -3.89 53.97
N TYR B 63 13.32 -4.38 53.47
CA TYR B 63 12.68 -5.56 54.04
C TYR B 63 13.02 -6.87 53.35
N LEU B 64 13.70 -6.83 52.21
CA LEU B 64 14.12 -8.05 51.51
C LEU B 64 15.58 -8.40 51.79
N GLN B 65 15.88 -8.67 53.06
CA GLN B 65 17.23 -8.97 53.50
C GLN B 65 17.23 -10.21 54.38
N TRP B 66 18.21 -11.09 54.17
CA TRP B 66 18.36 -12.28 55.01
C TRP B 66 19.84 -12.54 55.26
N ASN B 67 20.10 -13.39 56.26
CA ASN B 67 21.45 -13.86 56.59
C ASN B 67 21.70 -15.18 55.88
N VAL B 68 22.60 -15.18 54.89
CA VAL B 68 22.87 -16.38 54.11
C VAL B 68 23.41 -17.53 54.95
N SER B 69 23.89 -17.27 56.16
CA SER B 69 24.27 -18.38 57.03
C SER B 69 23.05 -19.14 57.54
N GLU B 70 21.88 -18.50 57.55
CA GLU B 70 20.66 -19.09 58.05
C GLU B 70 19.81 -19.69 56.95
N TYR B 71 20.19 -19.49 55.69
CA TYR B 71 19.50 -20.07 54.53
C TYR B 71 20.58 -20.57 53.59
N PRO B 72 21.27 -21.67 53.94
CA PRO B 72 22.43 -22.11 53.17
C PRO B 72 22.13 -22.39 51.70
N GLY B 73 22.95 -21.82 50.83
CA GLY B 73 22.78 -21.90 49.40
C GLY B 73 21.78 -20.96 48.80
N VAL B 74 21.09 -20.16 49.61
CA VAL B 74 20.04 -19.26 49.13
C VAL B 74 20.63 -17.86 49.14
N LYS B 75 21.06 -17.40 47.98
CA LYS B 75 21.78 -16.13 47.86
C LYS B 75 20.99 -15.10 47.10
N THR B 76 20.12 -15.52 46.19
CA THR B 76 19.23 -14.64 45.46
C THR B 76 17.82 -15.21 45.49
N VAL B 77 16.84 -14.31 45.42
CA VAL B 77 15.42 -14.65 45.33
C VAL B 77 14.85 -13.86 44.16
N ARG B 78 13.66 -14.24 43.72
CA ARG B 78 13.04 -13.64 42.56
C ARG B 78 11.56 -13.42 42.85
N PHE B 79 11.03 -12.30 42.36
CA PHE B 79 9.64 -11.93 42.57
C PHE B 79 9.01 -11.42 41.27
N PRO B 80 7.75 -11.82 40.95
CA PRO B 80 7.15 -11.35 39.70
C PRO B 80 6.38 -10.05 39.89
N ASP B 81 5.77 -9.56 38.83
CA ASP B 81 5.07 -8.28 38.88
C ASP B 81 3.94 -8.30 39.90
N GLY B 82 3.87 -7.23 40.70
CA GLY B 82 2.82 -7.05 41.68
C GLY B 82 3.12 -7.63 43.05
N GLN B 83 4.17 -8.43 43.19
CA GLN B 83 4.46 -9.09 44.45
C GLN B 83 5.48 -8.33 45.30
N ILE B 84 6.27 -7.44 44.71
CA ILE B 84 7.12 -6.55 45.47
C ILE B 84 7.08 -5.15 44.86
N TRP B 85 7.45 -4.18 45.67
CA TRP B 85 7.50 -2.80 45.19
C TRP B 85 8.52 -2.65 44.07
N LYS B 86 8.13 -1.91 43.05
CA LYS B 86 8.98 -1.55 41.93
C LYS B 86 8.85 -0.06 41.68
N PRO B 87 9.85 0.59 41.09
CA PRO B 87 9.62 1.96 40.60
C PRO B 87 8.80 1.95 39.32
N ASP B 88 7.81 2.84 39.25
CA ASP B 88 6.93 2.93 38.10
C ASP B 88 7.53 3.79 36.99
N ILE B 89 8.78 3.49 36.62
CA ILE B 89 9.45 4.31 35.61
C ILE B 89 8.83 4.02 34.25
N LEU B 90 8.44 5.09 33.55
CA LEU B 90 7.79 5.00 32.26
C LEU B 90 8.56 5.83 31.25
N LEU B 91 8.46 5.44 29.99
CA LEU B 91 8.92 6.28 28.91
C LEU B 91 7.92 7.41 28.72
N TYR B 92 8.38 8.66 28.84
CA TYR B 92 7.48 9.79 28.77
C TYR B 92 7.00 10.03 27.34
N ASN B 93 7.89 9.93 26.36
CA ASN B 93 7.56 10.20 24.97
C ASN B 93 7.25 8.91 24.22
N SER B 94 6.60 7.96 24.90
CA SER B 94 6.11 6.76 24.25
C SER B 94 5.15 7.09 23.12
N ALA B 95 5.32 6.38 22.00
CA ALA B 95 4.38 6.42 20.88
C ALA B 95 3.62 5.11 20.72
N ASP B 96 3.52 4.31 21.77
CA ASP B 96 2.83 3.02 21.70
C ASP B 96 1.39 3.21 22.16
N GLU B 97 0.45 2.62 21.41
CA GLU B 97 -0.97 2.72 21.73
C GLU B 97 -1.26 2.29 23.16
N ARG B 98 -0.50 1.32 23.68
CA ARG B 98 -0.62 0.92 25.08
C ARG B 98 0.16 1.85 26.00
N PHE B 99 0.96 2.75 25.43
CA PHE B 99 1.85 3.67 26.12
C PHE B 99 3.06 2.95 26.71
N ASP B 100 2.84 2.06 27.67
CA ASP B 100 3.91 1.32 28.33
C ASP B 100 4.12 -0.01 27.60
N ALA B 101 5.28 -0.16 26.97
CA ALA B 101 5.61 -1.33 26.17
C ALA B 101 6.55 -2.30 26.88
N THR B 102 6.77 -2.14 28.17
CA THR B 102 7.73 -2.93 28.91
C THR B 102 7.17 -4.32 29.21
N PHE B 103 7.93 -5.36 28.88
CA PHE B 103 7.55 -6.73 29.22
C PHE B 103 8.06 -7.01 30.63
N HIS B 104 7.14 -7.28 31.54
CA HIS B 104 7.50 -7.41 32.94
C HIS B 104 8.11 -8.77 33.21
N THR B 105 9.16 -8.78 34.03
CA THR B 105 9.97 -9.96 34.32
C THR B 105 10.24 -9.93 35.82
N ASN B 106 11.06 -10.87 36.30
CA ASN B 106 11.32 -10.94 37.71
C ASN B 106 12.22 -9.78 38.16
N VAL B 107 12.18 -9.52 39.45
CA VAL B 107 13.16 -8.67 40.12
C VAL B 107 14.07 -9.62 40.89
N LEU B 108 15.38 -9.52 40.65
CA LEU B 108 16.35 -10.31 41.37
C LEU B 108 16.78 -9.53 42.61
N VAL B 109 16.94 -10.24 43.72
CA VAL B 109 17.21 -9.62 45.02
C VAL B 109 18.18 -10.52 45.78
N ASN B 110 19.32 -9.97 46.17
CA ASN B 110 20.30 -10.72 46.95
C ASN B 110 20.13 -10.42 48.44
N SER B 111 20.99 -11.05 49.26
CA SER B 111 20.78 -11.11 50.70
C SER B 111 20.89 -9.77 51.41
N SER B 112 21.59 -8.79 50.85
CA SER B 112 21.64 -7.45 51.44
C SER B 112 20.52 -6.55 50.94
N GLY B 113 19.54 -7.09 50.23
CA GLY B 113 18.38 -6.33 49.80
C GLY B 113 18.55 -5.60 48.50
N HIS B 114 19.63 -5.82 47.81
CA HIS B 114 19.88 -5.09 46.57
CA HIS B 114 19.87 -5.10 46.56
C HIS B 114 19.00 -5.71 45.48
N CYS B 115 18.21 -4.87 44.83
CA CYS B 115 17.23 -5.32 43.86
C CYS B 115 17.68 -4.92 42.48
N GLN B 116 17.57 -5.85 41.55
CA GLN B 116 17.93 -5.65 40.17
C GLN B 116 16.71 -6.04 39.34
N TYR B 117 16.35 -5.21 38.38
CA TYR B 117 15.16 -5.40 37.58
C TYR B 117 15.48 -4.99 36.15
N LEU B 118 15.46 -5.95 35.23
CA LEU B 118 15.89 -5.74 33.85
C LEU B 118 14.80 -6.18 32.88
N PRO B 119 13.69 -5.47 32.82
CA PRO B 119 12.63 -5.91 31.94
C PRO B 119 12.99 -5.63 30.50
N PRO B 120 12.84 -6.58 29.58
CA PRO B 120 13.13 -6.28 28.19
C PRO B 120 11.96 -5.50 27.60
N GLY B 121 12.15 -5.06 26.37
CA GLY B 121 11.04 -4.42 25.72
C GLY B 121 11.32 -3.94 24.33
N ILE B 122 10.27 -3.87 23.53
CA ILE B 122 10.32 -3.21 22.24
C ILE B 122 9.59 -1.92 22.51
N PHE B 123 10.28 -0.81 22.32
CA PHE B 123 9.75 0.50 22.66
C PHE B 123 9.58 1.30 21.40
N LYS B 124 8.52 2.07 21.36
CA LYS B 124 8.28 3.03 20.31
C LYS B 124 8.21 4.37 21.02
N SER B 125 8.95 5.34 20.50
CA SER B 125 9.11 6.62 21.17
C SER B 125 8.94 7.71 20.13
N SER B 126 8.49 8.87 20.59
CA SER B 126 8.34 10.01 19.71
C SER B 126 9.68 10.72 19.63
N CYS B 127 10.13 10.93 18.41
CA CYS B 127 11.43 11.53 18.14
C CYS B 127 11.23 12.52 17.01
N TYR B 128 11.52 13.78 17.27
CA TYR B 128 11.61 14.72 16.17
C TYR B 128 12.73 14.25 15.24
N ILE B 129 12.38 13.95 14.00
CA ILE B 129 13.31 13.43 13.01
C ILE B 129 13.55 14.57 12.05
N ASP B 130 14.76 15.10 12.06
CA ASP B 130 15.09 16.29 11.30
C ASP B 130 15.54 15.84 9.92
N VAL B 131 14.69 16.07 8.92
CA VAL B 131 14.92 15.59 7.57
C VAL B 131 15.54 16.67 6.71
N ARG B 132 16.11 17.71 7.32
CA ARG B 132 16.68 18.82 6.57
C ARG B 132 17.80 18.34 5.65
N TRP B 133 18.62 17.40 6.12
CA TRP B 133 19.82 16.98 5.42
C TRP B 133 19.73 15.55 4.89
N PHE B 134 18.57 14.89 5.05
CA PHE B 134 18.29 13.57 4.48
C PHE B 134 18.76 13.51 3.02
N PRO B 135 19.48 12.47 2.59
CA PRO B 135 19.84 11.22 3.29
C PRO B 135 21.16 11.30 4.06
N PHE B 136 21.83 12.45 4.13
CA PHE B 136 23.05 12.61 4.91
C PHE B 136 22.75 13.23 6.26
N ASP B 137 21.83 12.64 7.01
CA ASP B 137 21.36 13.22 8.25
C ASP B 137 21.90 12.45 9.45
N VAL B 138 22.00 13.15 10.56
CA VAL B 138 22.29 12.58 11.86
C VAL B 138 21.10 12.92 12.74
N GLN B 139 20.61 11.94 13.48
CA GLN B 139 19.42 12.12 14.29
C GLN B 139 19.80 11.98 15.76
N HIS B 140 19.10 12.73 16.60
CA HIS B 140 19.34 12.76 18.04
C HIS B 140 17.99 12.49 18.69
N CYS B 141 17.69 11.21 18.87
CA CYS B 141 16.38 10.80 19.36
C CYS B 141 16.46 10.64 20.86
N LYS B 142 15.59 11.33 21.57
CA LYS B 142 15.59 11.30 23.01
C LYS B 142 14.67 10.20 23.51
N LEU B 143 15.06 9.59 24.62
CA LEU B 143 14.26 8.61 25.33
C LEU B 143 14.19 9.13 26.76
N LYS B 144 13.07 9.70 27.13
CA LYS B 144 12.91 10.30 28.45
C LYS B 144 12.22 9.30 29.37
N PHE B 145 12.83 9.08 30.53
CA PHE B 145 12.39 8.08 31.49
C PHE B 145 12.31 8.75 32.86
N GLY B 146 11.22 8.50 33.56
CA GLY B 146 11.15 8.92 34.94
C GLY B 146 9.97 8.28 35.63
N SER B 147 10.03 8.28 36.95
CA SER B 147 8.91 7.79 37.75
C SER B 147 7.70 8.65 37.47
N TRP B 148 6.56 8.02 37.24
CA TRP B 148 5.37 8.77 36.86
C TRP B 148 4.80 9.53 38.05
N SER B 149 4.70 8.86 39.20
CA SER B 149 3.99 9.40 40.35
C SER B 149 4.88 9.68 41.57
N TYR B 150 6.16 9.33 41.55
CA TYR B 150 7.07 9.58 42.66
C TYR B 150 7.95 10.76 42.29
N GLY B 151 7.79 11.87 43.02
CA GLY B 151 8.64 13.02 42.83
C GLY B 151 9.99 12.88 43.51
N GLY B 152 10.80 13.94 43.35
CA GLY B 152 12.17 13.93 43.84
C GLY B 152 12.32 13.81 45.34
N TRP B 153 11.33 14.27 46.11
CA TRP B 153 11.38 14.08 47.55
C TRP B 153 11.17 12.63 47.96
N SER B 154 10.67 11.78 47.06
CA SER B 154 10.45 10.37 47.35
C SER B 154 11.38 9.45 46.59
N LEU B 155 11.80 9.81 45.37
CA LEU B 155 12.55 8.90 44.51
C LEU B 155 13.71 9.67 43.89
N ASP B 156 14.93 9.38 44.34
CA ASP B 156 16.13 10.04 43.87
C ASP B 156 16.65 9.25 42.67
N LEU B 157 16.12 9.56 41.49
CA LEU B 157 16.55 8.88 40.28
C LEU B 157 17.98 9.31 39.95
N GLN B 158 18.86 8.33 39.80
CA GLN B 158 20.24 8.54 39.40
C GLN B 158 20.52 7.78 38.11
N MET B 159 21.52 8.27 37.38
CA MET B 159 21.83 7.79 36.05
C MET B 159 23.12 6.99 36.08
N GLN B 160 23.19 5.99 35.20
CA GLN B 160 24.40 5.23 34.96
C GLN B 160 24.59 5.12 33.45
N GLU B 161 25.85 4.94 33.05
CA GLU B 161 26.19 4.90 31.64
C GLU B 161 25.44 3.80 30.91
N ALA B 162 25.00 4.11 29.69
CA ALA B 162 24.28 3.14 28.89
C ALA B 162 25.22 2.04 28.41
N ASP B 163 24.70 0.82 28.36
CA ASP B 163 25.41 -0.36 27.87
C ASP B 163 25.16 -0.52 26.38
N ILE B 164 26.23 -0.69 25.61
CA ILE B 164 26.13 -0.99 24.18
C ILE B 164 27.02 -2.17 23.83
N SER B 165 27.47 -2.92 24.86
CA SER B 165 28.36 -4.05 24.63
C SER B 165 27.67 -5.15 23.82
N GLY B 166 26.39 -5.38 24.08
CA GLY B 166 25.60 -6.33 23.31
C GLY B 166 24.82 -5.71 22.19
N TYR B 167 25.23 -4.53 21.72
CA TYR B 167 24.54 -3.86 20.64
C TYR B 167 24.81 -4.56 19.31
N ILE B 168 23.77 -4.72 18.50
CA ILE B 168 23.88 -5.41 17.22
C ILE B 168 23.70 -4.33 16.15
N PRO B 169 24.72 -4.06 15.32
CA PRO B 169 24.60 -3.01 14.30
C PRO B 169 23.41 -3.20 13.38
N ASN B 170 22.97 -2.08 12.81
CA ASN B 170 21.86 -2.05 11.89
C ASN B 170 22.50 -1.67 10.56
N GLY B 171 21.91 -2.11 9.46
CA GLY B 171 22.47 -1.73 8.19
C GLY B 171 22.16 -0.35 7.70
N GLU B 172 21.17 0.34 8.27
CA GLU B 172 20.87 1.70 7.87
C GLU B 172 21.38 2.77 8.84
N TRP B 173 21.70 2.42 10.08
CA TRP B 173 22.10 3.41 11.08
C TRP B 173 23.36 2.99 11.81
N ASP B 174 24.35 3.86 11.82
CA ASP B 174 25.56 3.69 12.62
C ASP B 174 25.33 4.41 13.94
N LEU B 175 25.21 3.65 15.02
CA LEU B 175 25.16 4.24 16.35
C LEU B 175 26.43 5.06 16.65
N VAL B 176 26.25 6.36 16.86
CA VAL B 176 27.36 7.24 17.20
C VAL B 176 27.60 7.22 18.70
N GLY B 177 26.54 7.14 19.48
CA GLY B 177 26.64 7.04 20.93
C GLY B 177 25.26 7.24 21.53
N ILE B 178 25.18 6.92 22.81
CA ILE B 178 23.94 7.06 23.58
C ILE B 178 24.22 7.85 24.85
N PRO B 179 24.67 9.11 24.75
CA PRO B 179 24.86 9.93 25.95
C PRO B 179 23.55 10.12 26.70
N GLY B 180 23.65 10.12 28.03
CA GLY B 180 22.49 10.39 28.87
C GLY B 180 22.69 11.57 29.81
N LYS B 181 21.59 12.12 30.32
CA LYS B 181 21.62 13.26 31.23
C LYS B 181 20.46 13.19 32.20
N ARG B 182 20.76 13.32 33.49
CA ARG B 182 19.75 13.41 34.53
C ARG B 182 19.35 14.87 34.75
N SER B 183 18.06 15.15 34.66
CA SER B 183 17.50 16.49 34.79
C SER B 183 16.48 16.49 35.93
N GLU B 184 16.27 17.67 36.52
CA GLU B 184 15.30 17.87 37.58
C GLU B 184 14.35 18.98 37.08
N ARG B 185 13.09 18.62 36.82
CA ARG B 185 12.15 19.55 36.20
C ARG B 185 10.89 19.72 37.06
N PHE B 186 10.23 20.87 36.89
CA PHE B 186 8.94 21.18 37.49
C PHE B 186 7.86 21.09 36.42
N TYR B 187 6.68 20.64 36.83
CA TYR B 187 5.51 20.56 35.96
C TYR B 187 4.35 21.28 36.62
N GLU B 188 3.47 21.86 35.79
CA GLU B 188 2.35 22.64 36.31
C GLU B 188 1.38 21.79 37.12
N CYS B 189 1.43 20.46 36.97
CA CYS B 189 0.66 19.57 37.84
C CYS B 189 0.99 19.80 39.30
N CYS B 190 2.28 19.93 39.61
CA CYS B 190 2.79 19.60 40.93
C CYS B 190 3.79 20.66 41.39
N LYS B 191 3.81 20.91 42.69
CA LYS B 191 4.80 21.82 43.27
C LYS B 191 6.13 21.12 43.48
N GLU B 192 6.10 19.82 43.73
CA GLU B 192 7.32 19.04 43.85
C GLU B 192 7.93 18.83 42.47
N PRO B 193 9.26 18.88 42.33
CA PRO B 193 9.86 18.57 41.04
C PRO B 193 10.03 17.06 40.85
N TYR B 194 10.14 16.67 39.58
CA TYR B 194 10.19 15.26 39.20
C TYR B 194 11.47 14.99 38.41
N PRO B 195 12.46 14.27 38.94
CA PRO B 195 13.64 13.95 38.14
C PRO B 195 13.31 13.02 37.00
N ASP B 196 14.08 13.15 35.93
CA ASP B 196 14.01 12.21 34.82
C ASP B 196 15.43 11.93 34.35
N VAL B 197 15.56 10.90 33.54
CA VAL B 197 16.82 10.48 32.95
C VAL B 197 16.56 10.31 31.47
N THR B 198 17.24 11.11 30.67
CA THR B 198 17.04 11.11 29.24
C THR B 198 18.29 10.55 28.59
N PHE B 199 18.09 9.70 27.61
CA PHE B 199 19.17 9.13 26.82
C PHE B 199 18.92 9.59 25.40
N THR B 200 19.96 10.12 24.78
CA THR B 200 19.87 10.64 23.42
C THR B 200 20.66 9.68 22.55
N VAL B 201 19.99 9.05 21.60
CA VAL B 201 20.63 8.10 20.71
C VAL B 201 21.04 8.90 19.48
N THR B 202 22.35 9.03 19.29
CA THR B 202 22.90 9.72 18.13
C THR B 202 23.22 8.66 17.09
N MET B 203 22.51 8.69 15.98
CA MET B 203 22.59 7.66 14.95
C MET B 203 22.74 8.33 13.60
N ARG B 204 23.70 7.85 12.82
CA ARG B 204 24.04 8.43 11.54
C ARG B 204 23.46 7.53 10.45
N ARG B 205 22.76 8.13 9.50
CA ARG B 205 22.23 7.36 8.39
C ARG B 205 23.36 6.88 7.50
N ARG B 206 23.30 5.61 7.12
CA ARG B 206 24.23 5.05 6.16
C ARG B 206 23.60 5.24 4.78
N THR B 207 24.40 5.70 3.84
CA THR B 207 23.86 6.33 2.64
C THR B 207 24.06 5.52 1.37
N LEU B 208 24.58 4.30 1.46
CA LEU B 208 24.79 3.51 0.24
C LEU B 208 23.46 3.20 -0.44
N TYR B 209 22.50 2.65 0.30
CA TYR B 209 21.19 2.35 -0.25
C TYR B 209 20.53 3.57 -0.88
N TYR B 210 20.58 4.70 -0.19
CA TYR B 210 19.96 5.92 -0.70
C TYR B 210 20.79 6.53 -1.82
N GLY B 211 22.10 6.32 -1.82
CA GLY B 211 22.88 6.72 -2.98
C GLY B 211 22.46 5.97 -4.24
N LEU B 212 22.24 4.67 -4.10
CA LEU B 212 21.91 3.84 -5.23
C LEU B 212 20.43 3.88 -5.61
N ASN B 213 19.53 4.26 -4.70
CA ASN B 213 18.11 4.29 -5.00
C ASN B 213 17.53 5.68 -5.22
N LEU B 214 18.20 6.73 -4.75
CA LEU B 214 17.68 8.09 -4.85
C LEU B 214 18.64 9.02 -5.58
N LEU B 215 19.88 9.12 -5.10
CA LEU B 215 20.82 10.10 -5.62
C LEU B 215 21.42 9.72 -6.97
N ILE B 216 21.95 8.51 -7.10
CA ILE B 216 22.53 8.07 -8.37
C ILE B 216 21.48 7.94 -9.47
N PRO B 217 20.32 7.31 -9.23
CA PRO B 217 19.30 7.30 -10.28
C PRO B 217 18.95 8.68 -10.80
N CYS B 218 18.91 9.67 -9.91
CA CYS B 218 18.57 11.03 -10.30
C CYS B 218 19.64 11.66 -11.18
N VAL B 219 20.91 11.41 -10.88
CA VAL B 219 22.00 12.00 -11.67
C VAL B 219 21.95 11.51 -13.11
N LEU B 220 21.70 10.21 -13.31
CA LEU B 220 21.74 9.65 -14.65
C LEU B 220 20.59 10.15 -15.51
N ILE B 221 19.44 10.32 -14.87
CA ILE B 221 18.19 10.83 -15.48
C ILE B 221 18.43 12.29 -15.82
N SER B 222 19.15 13.02 -14.99
CA SER B 222 19.57 14.38 -15.30
C SER B 222 20.47 14.38 -16.52
N ALA B 223 21.37 13.41 -16.60
CA ALA B 223 22.24 13.27 -17.78
C ALA B 223 21.43 12.89 -19.01
N LEU B 224 20.39 12.05 -18.85
CA LEU B 224 19.54 11.71 -19.98
C LEU B 224 18.82 12.94 -20.51
N ALA B 225 18.41 13.85 -19.62
CA ALA B 225 17.74 15.06 -20.07
C ALA B 225 18.64 15.92 -20.95
N LEU B 226 19.95 15.82 -20.76
CA LEU B 226 20.89 16.53 -21.63
C LEU B 226 21.07 15.87 -22.99
N LEU B 227 20.61 14.62 -23.15
CA LEU B 227 20.66 14.01 -24.48
C LEU B 227 19.63 14.61 -25.42
N VAL B 228 18.64 15.31 -24.89
CA VAL B 228 17.70 16.03 -25.75
C VAL B 228 18.45 17.12 -26.52
N PHE B 229 19.45 17.74 -25.89
CA PHE B 229 20.26 18.74 -26.57
C PHE B 229 21.20 18.15 -27.61
N LEU B 230 21.36 16.83 -27.66
CA LEU B 230 22.16 16.16 -28.67
C LEU B 230 21.31 15.46 -29.73
N LEU B 231 20.02 15.28 -29.48
CA LEU B 231 19.15 14.69 -30.47
C LEU B 231 18.98 15.66 -31.64
N PRO B 232 19.11 15.22 -32.90
CA PRO B 232 18.77 16.11 -34.00
C PRO B 232 17.30 16.50 -33.95
N ALA B 233 16.99 17.68 -34.46
CA ALA B 233 15.60 18.13 -34.47
C ALA B 233 14.76 17.34 -35.46
N ASP B 234 15.35 16.90 -36.57
CA ASP B 234 14.61 16.12 -37.56
C ASP B 234 14.21 14.74 -37.07
N SER B 235 14.73 14.30 -35.91
CA SER B 235 14.37 12.97 -35.42
C SER B 235 12.90 12.91 -35.04
N GLY B 236 12.33 14.01 -34.55
CA GLY B 236 10.94 14.02 -34.15
C GLY B 236 10.68 13.46 -32.78
N GLU B 237 11.70 13.33 -31.94
CA GLU B 237 11.59 12.67 -30.65
C GLU B 237 12.17 13.49 -29.50
N LYS B 238 12.33 14.81 -29.68
CA LYS B 238 12.94 15.60 -28.61
C LYS B 238 11.97 15.77 -27.45
N ILE B 239 10.72 16.14 -27.73
CA ILE B 239 9.75 16.30 -26.66
C ILE B 239 9.45 14.95 -26.02
N SER B 240 9.37 13.90 -26.83
CA SER B 240 9.13 12.57 -26.27
C SER B 240 10.23 12.20 -25.28
N LEU B 241 11.49 12.35 -25.67
CA LEU B 241 12.60 12.12 -24.75
C LEU B 241 12.52 13.04 -23.54
N GLY B 242 12.38 14.34 -23.79
CA GLY B 242 12.40 15.30 -22.70
C GLY B 242 11.25 15.10 -21.73
N ILE B 243 10.02 15.10 -22.24
CA ILE B 243 8.88 14.95 -21.34
C ILE B 243 8.85 13.58 -20.69
N THR B 244 9.34 12.54 -21.38
CA THR B 244 9.36 11.21 -20.77
C THR B 244 10.36 11.17 -19.61
N VAL B 245 11.50 11.84 -19.76
CA VAL B 245 12.43 11.91 -18.65
C VAL B 245 11.79 12.68 -17.51
N LEU B 246 10.99 13.70 -17.84
CA LEU B 246 10.31 14.46 -16.80
C LEU B 246 9.29 13.59 -16.07
N LEU B 247 8.55 12.75 -16.80
CA LEU B 247 7.65 11.80 -16.13
C LEU B 247 8.43 10.76 -15.34
N SER B 248 9.68 10.50 -15.70
CA SER B 248 10.49 9.56 -14.95
C SER B 248 10.91 10.20 -13.64
N LEU B 249 10.98 11.53 -13.62
CA LEU B 249 11.41 12.30 -12.46
C LEU B 249 10.31 12.38 -11.40
N THR B 250 9.03 12.35 -11.79
CA THR B 250 7.96 12.36 -10.80
C THR B 250 7.87 11.08 -9.98
N VAL B 251 8.42 9.96 -10.47
CA VAL B 251 8.26 8.73 -9.70
C VAL B 251 9.14 8.85 -8.46
N PHE B 252 10.22 9.60 -8.62
CA PHE B 252 11.12 9.79 -7.52
C PHE B 252 10.54 10.83 -6.56
N MET B 253 9.84 11.84 -7.07
CA MET B 253 9.29 12.89 -6.23
C MET B 253 8.19 12.34 -5.36
N LEU B 254 7.44 11.36 -5.86
CA LEU B 254 6.42 10.67 -5.09
C LEU B 254 7.02 9.66 -4.13
N LEU B 255 8.16 9.07 -4.48
CA LEU B 255 8.84 8.19 -3.55
C LEU B 255 9.30 8.99 -2.33
N VAL B 256 9.85 10.20 -2.55
CA VAL B 256 10.28 11.05 -1.44
C VAL B 256 9.09 11.53 -0.64
N ALA B 257 8.03 11.97 -1.32
CA ALA B 257 6.86 12.45 -0.61
C ALA B 257 6.24 11.36 0.25
N GLU B 258 6.35 10.10 -0.18
CA GLU B 258 5.80 9.00 0.58
C GLU B 258 6.62 8.66 1.83
N ILE B 259 7.96 8.79 1.78
CA ILE B 259 8.77 8.48 2.95
C ILE B 259 9.07 9.66 3.86
N MET B 260 8.86 10.89 3.41
CA MET B 260 9.17 12.05 4.23
C MET B 260 7.96 12.48 5.05
N PRO B 261 8.16 13.01 6.26
CA PRO B 261 7.00 13.51 7.03
C PRO B 261 6.47 14.77 6.39
N ALA B 262 5.16 14.98 6.53
CA ALA B 262 4.51 16.14 5.89
C ALA B 262 4.65 17.35 6.81
N THR B 263 5.85 17.90 6.85
CA THR B 263 6.20 18.97 7.77
C THR B 263 6.75 20.18 7.05
N SER B 264 6.65 21.32 7.74
CA SER B 264 7.04 22.62 7.20
C SER B 264 8.12 23.27 8.06
N ASP B 265 8.86 22.48 8.84
CA ASP B 265 9.97 23.01 9.62
C ASP B 265 11.17 23.31 8.74
N SER B 266 11.20 22.77 7.52
CA SER B 266 12.28 23.00 6.56
C SER B 266 11.97 22.19 5.30
N VAL B 267 12.81 22.32 4.29
CA VAL B 267 12.72 21.54 3.06
C VAL B 267 13.89 20.57 3.09
N PRO B 268 13.67 19.24 3.02
CA PRO B 268 14.81 18.32 2.97
C PRO B 268 15.82 18.62 1.88
N LEU B 269 17.04 18.16 2.11
CA LEU B 269 18.06 18.30 1.09
C LEU B 269 17.67 17.54 -0.18
N ILE B 270 17.13 16.34 -0.01
CA ILE B 270 16.71 15.54 -1.16
C ILE B 270 15.61 16.27 -1.94
N ALA B 271 14.72 16.96 -1.23
CA ALA B 271 13.68 17.72 -1.91
C ALA B 271 14.26 18.86 -2.72
N GLN B 272 15.28 19.54 -2.18
CA GLN B 272 15.90 20.62 -2.93
C GLN B 272 16.66 20.10 -4.13
N TYR B 273 17.27 18.92 -4.00
CA TYR B 273 18.03 18.35 -5.09
C TYR B 273 17.12 17.82 -6.20
N PHE B 274 16.04 17.12 -5.83
CA PHE B 274 15.10 16.65 -6.84
C PHE B 274 14.31 17.80 -7.45
N ALA B 275 13.94 18.80 -6.65
CA ALA B 275 13.24 19.95 -7.19
C ALA B 275 14.12 20.74 -8.16
N SER B 276 15.41 20.87 -7.85
CA SER B 276 16.30 21.56 -8.79
C SER B 276 16.50 20.73 -10.05
N THR B 277 16.66 19.41 -9.91
CA THR B 277 16.80 18.56 -11.09
C THR B 277 15.56 18.64 -11.97
N MET B 278 14.38 18.62 -11.36
CA MET B 278 13.15 18.68 -12.15
C MET B 278 12.96 20.05 -12.77
N ILE B 279 13.51 21.10 -12.16
CA ILE B 279 13.47 22.42 -12.78
C ILE B 279 14.51 22.55 -13.88
N ILE B 280 15.58 21.77 -13.83
CA ILE B 280 16.55 21.80 -14.93
C ILE B 280 16.04 20.99 -16.11
N VAL B 281 15.35 19.88 -15.85
CA VAL B 281 14.75 19.11 -16.93
C VAL B 281 13.50 19.80 -17.44
N GLY B 282 12.72 20.41 -16.54
CA GLY B 282 11.57 21.15 -16.97
C GLY B 282 11.94 22.38 -17.77
N LEU B 283 13.09 22.98 -17.48
CA LEU B 283 13.57 24.09 -18.27
C LEU B 283 14.22 23.65 -19.57
N SER B 284 14.65 22.38 -19.67
CA SER B 284 15.16 21.87 -20.93
C SER B 284 14.04 21.52 -21.88
N VAL B 285 12.81 21.36 -21.37
CA VAL B 285 11.65 21.18 -22.22
C VAL B 285 11.20 22.53 -22.77
N VAL B 286 11.30 23.58 -21.93
CA VAL B 286 11.00 24.93 -22.38
C VAL B 286 11.97 25.35 -23.48
N VAL B 287 13.26 25.11 -23.25
CA VAL B 287 14.28 25.43 -24.24
C VAL B 287 14.12 24.56 -25.48
N THR B 288 13.70 23.32 -25.31
CA THR B 288 13.47 22.45 -26.46
C THR B 288 12.36 22.99 -27.34
N VAL B 289 11.30 23.52 -26.72
CA VAL B 289 10.21 24.14 -27.47
C VAL B 289 10.74 25.34 -28.26
N ILE B 290 11.61 26.14 -27.65
CA ILE B 290 12.20 27.27 -28.36
C ILE B 290 13.08 26.78 -29.51
N VAL B 291 13.84 25.71 -29.28
CA VAL B 291 14.69 25.14 -30.33
C VAL B 291 13.84 24.69 -31.51
N LEU B 292 12.72 24.00 -31.23
CA LEU B 292 11.86 23.51 -32.29
C LEU B 292 11.21 24.66 -33.06
N GLN B 293 10.89 25.75 -32.38
CA GLN B 293 10.39 26.93 -33.08
C GLN B 293 11.42 27.46 -34.07
N TYR B 294 12.69 27.48 -33.68
CA TYR B 294 13.74 27.91 -34.60
C TYR B 294 13.87 26.93 -35.76
N HIS B 295 13.86 25.63 -35.47
CA HIS B 295 14.06 24.62 -36.50
C HIS B 295 12.90 24.61 -37.50
N HIS B 296 11.67 24.71 -37.00
CA HIS B 296 10.47 24.68 -37.83
C HIS B 296 9.99 26.07 -38.24
N HIS B 297 10.86 27.08 -38.17
CA HIS B 297 10.46 28.43 -38.50
C HIS B 297 10.02 28.54 -39.95
N ASP B 298 8.91 29.22 -40.17
CA ASP B 298 8.39 29.41 -41.52
C ASP B 298 9.31 30.37 -42.26
N PRO B 299 9.91 30.00 -43.40
CA PRO B 299 10.83 30.95 -44.06
C PRO B 299 10.16 32.22 -44.53
N ASP B 300 8.87 32.16 -44.86
CA ASP B 300 8.13 33.33 -45.31
C ASP B 300 7.57 34.14 -44.15
N GLY B 301 8.00 33.87 -42.92
CA GLY B 301 7.59 34.64 -41.76
C GLY B 301 8.53 35.78 -41.45
N GLY B 302 8.51 36.20 -40.20
CA GLY B 302 9.37 37.29 -39.79
C GLY B 302 10.84 36.95 -39.93
N LYS B 303 11.61 37.90 -40.45
CA LYS B 303 13.04 37.69 -40.64
C LYS B 303 13.73 37.56 -39.29
N MET B 304 14.97 37.10 -39.33
CA MET B 304 15.73 36.89 -38.11
C MET B 304 16.23 38.23 -37.57
N PRO B 305 15.90 38.62 -36.33
CA PRO B 305 16.45 39.86 -35.78
C PRO B 305 17.97 39.90 -35.85
N LYS B 306 18.50 41.09 -36.20
CA LYS B 306 19.95 41.28 -36.26
C LYS B 306 20.65 40.92 -34.96
N TRP B 307 19.99 41.09 -33.81
CA TRP B 307 20.61 40.67 -32.56
C TRP B 307 20.81 39.16 -32.53
N THR B 308 19.92 38.40 -33.19
CA THR B 308 20.02 36.96 -33.18
C THR B 308 21.10 36.46 -34.12
N ARG B 309 21.27 37.10 -35.29
CA ARG B 309 22.27 36.64 -36.24
C ARG B 309 23.70 36.97 -35.81
N VAL B 310 23.89 37.80 -34.79
CA VAL B 310 25.20 38.09 -34.23
C VAL B 310 25.44 37.28 -32.96
N ILE B 311 24.46 37.24 -32.05
CA ILE B 311 24.66 36.59 -30.76
C ILE B 311 24.86 35.08 -30.96
N LEU B 312 24.16 34.48 -31.92
CA LEU B 312 24.21 33.03 -32.12
C LEU B 312 25.08 32.62 -33.30
N LEU B 313 24.89 33.23 -34.47
CA LEU B 313 25.57 32.76 -35.67
C LEU B 313 26.96 33.36 -35.86
N ASN B 314 27.38 34.31 -35.01
CA ASN B 314 28.73 34.84 -35.06
C ASN B 314 29.51 34.53 -33.79
N TRP B 315 29.07 35.04 -32.64
CA TRP B 315 29.79 34.84 -31.39
C TRP B 315 29.79 33.37 -30.98
N CYS B 316 28.62 32.86 -30.61
CA CYS B 316 28.50 31.48 -30.17
C CYS B 316 28.85 30.47 -31.27
N ALA B 317 28.67 30.84 -32.53
CA ALA B 317 29.04 29.95 -33.62
C ALA B 317 30.55 29.94 -33.87
N TRP B 318 31.30 30.86 -33.29
CA TRP B 318 32.76 30.86 -33.32
C TRP B 318 33.35 30.25 -32.06
N PHE B 319 32.81 30.60 -30.89
CA PHE B 319 33.26 30.01 -29.64
C PHE B 319 33.19 28.49 -29.69
N LEU B 320 32.05 27.95 -30.05
CA LEU B 320 31.84 26.52 -30.09
C LEU B 320 32.47 25.85 -31.30
N ARG B 321 33.10 26.62 -32.20
CA ARG B 321 33.83 26.08 -33.35
C ARG B 321 32.93 25.20 -34.23
N MET B 322 31.75 25.71 -34.55
CA MET B 322 30.75 24.91 -35.27
C MET B 322 30.71 25.21 -36.76
N LYS B 323 30.62 26.48 -37.14
CA LYS B 323 30.53 26.86 -38.54
C LYS B 323 29.27 26.30 -39.19
N PRO B 479 8.80 32.20 -82.68
CA PRO B 479 7.60 32.62 -81.97
C PRO B 479 7.19 31.63 -80.88
N ASP B 480 7.34 30.34 -81.17
CA ASP B 480 7.05 29.31 -80.18
C ASP B 480 8.22 29.08 -79.24
N LEU B 481 9.45 29.37 -79.69
CA LEU B 481 10.61 29.16 -78.84
C LEU B 481 10.66 30.15 -77.69
N ALA B 482 10.05 31.33 -77.86
CA ALA B 482 10.00 32.30 -76.77
C ALA B 482 8.99 31.89 -75.70
N LYS B 483 7.92 31.20 -76.09
CA LYS B 483 6.97 30.70 -75.11
C LYS B 483 7.58 29.58 -74.28
N ILE B 484 8.37 28.71 -74.90
CA ILE B 484 9.11 27.71 -74.14
C ILE B 484 10.07 28.40 -73.17
N LEU B 485 10.77 29.43 -73.64
CA LEU B 485 11.71 30.15 -72.78
C LEU B 485 11.01 30.77 -71.58
N GLU B 486 9.86 31.38 -71.80
CA GLU B 486 9.11 31.97 -70.69
C GLU B 486 8.68 30.89 -69.70
N GLU B 487 8.24 29.74 -70.22
CA GLU B 487 7.69 28.70 -69.35
C GLU B 487 8.80 28.03 -68.54
N VAL B 488 9.93 27.71 -69.18
CA VAL B 488 11.04 27.06 -68.48
C VAL B 488 11.70 28.03 -67.50
N ARG B 489 11.71 29.32 -67.84
CA ARG B 489 12.25 30.31 -66.92
C ARG B 489 11.46 30.35 -65.63
N TYR B 490 10.14 30.18 -65.72
CA TYR B 490 9.32 30.07 -64.52
C TYR B 490 9.71 28.85 -63.70
N ILE B 491 9.94 27.71 -64.35
CA ILE B 491 10.29 26.49 -63.62
C ILE B 491 11.59 26.68 -62.87
N ALA B 492 12.60 27.22 -63.55
CA ALA B 492 13.89 27.44 -62.92
C ALA B 492 13.84 28.54 -61.87
N ASN B 493 13.12 29.63 -62.14
CA ASN B 493 13.02 30.69 -61.14
C ASN B 493 12.25 30.20 -59.92
N ARG B 494 11.27 29.32 -60.12
CA ARG B 494 10.61 28.69 -58.99
C ARG B 494 11.60 27.86 -58.18
N PHE B 495 12.52 27.16 -58.86
CA PHE B 495 13.57 26.44 -58.16
C PHE B 495 14.48 27.39 -57.39
N ARG B 496 14.82 28.53 -58.00
CA ARG B 496 15.72 29.48 -57.34
C ARG B 496 15.06 30.05 -56.09
N CYS B 497 13.78 30.38 -56.17
CA CYS B 497 13.07 30.85 -54.99
C CYS B 497 13.03 29.78 -53.91
N GLN B 498 12.94 28.51 -54.30
CA GLN B 498 12.95 27.43 -53.33
C GLN B 498 14.32 27.29 -52.67
N ASP B 499 15.39 27.56 -53.42
CA ASP B 499 16.73 27.50 -52.84
C ASP B 499 16.95 28.62 -51.84
N GLU B 500 16.52 29.85 -52.16
CA GLU B 500 16.67 30.95 -51.22
C GLU B 500 15.83 30.70 -49.97
N SER B 501 14.60 30.22 -50.14
CA SER B 501 13.79 29.86 -49.00
C SER B 501 14.45 28.73 -48.22
N GLU B 502 15.05 27.76 -48.92
CA GLU B 502 15.76 26.68 -48.25
C GLU B 502 16.98 27.19 -47.52
N ALA B 503 17.70 28.15 -48.11
CA ALA B 503 18.87 28.72 -47.45
C ALA B 503 18.47 29.45 -46.17
N VAL B 504 17.38 30.20 -46.21
CA VAL B 504 16.85 30.82 -45.00
C VAL B 504 16.47 29.77 -43.98
N CYS B 505 15.84 28.69 -44.43
CA CYS B 505 15.47 27.61 -43.52
C CYS B 505 16.70 26.97 -42.88
N SER B 506 17.76 26.75 -43.69
CA SER B 506 18.98 26.15 -43.15
C SER B 506 19.64 27.10 -42.17
N GLU B 507 19.57 28.40 -42.46
CA GLU B 507 20.08 29.41 -41.54
C GLU B 507 19.33 29.36 -40.21
N TRP B 508 18.00 29.26 -40.25
CA TRP B 508 17.23 29.11 -39.02
C TRP B 508 17.51 27.77 -38.34
N LYS B 509 17.71 26.72 -39.13
CA LYS B 509 18.06 25.42 -38.57
C LYS B 509 19.42 25.46 -37.87
N PHE B 510 20.37 26.20 -38.44
CA PHE B 510 21.68 26.31 -37.82
C PHE B 510 21.60 27.03 -36.48
N ALA B 511 20.73 28.03 -36.36
CA ALA B 511 20.53 28.69 -35.08
C ALA B 511 20.04 27.70 -34.02
N ALA B 512 19.13 26.80 -34.39
CA ALA B 512 18.66 25.80 -33.46
C ALA B 512 19.80 24.89 -32.98
N CYS B 513 20.70 24.54 -33.89
CA CYS B 513 21.85 23.71 -33.53
C CYS B 513 22.76 24.43 -32.54
N VAL B 514 23.01 25.72 -32.76
CA VAL B 514 23.84 26.48 -31.83
C VAL B 514 23.16 26.58 -30.47
N VAL B 515 21.85 26.80 -30.45
CA VAL B 515 21.13 26.89 -29.18
C VAL B 515 21.19 25.56 -28.45
N ASP B 516 21.12 24.45 -29.18
CA ASP B 516 21.29 23.14 -28.56
C ASP B 516 22.65 23.03 -27.88
N ARG B 517 23.71 23.45 -28.56
CA ARG B 517 25.04 23.32 -27.97
C ARG B 517 25.23 24.26 -26.79
N LEU B 518 24.74 25.49 -26.89
CA LEU B 518 24.83 26.42 -25.77
C LEU B 518 24.09 25.88 -24.56
N CYS B 519 22.85 25.46 -24.76
CA CYS B 519 22.07 24.98 -23.64
C CYS B 519 22.51 23.59 -23.21
N LEU B 520 23.20 22.84 -24.07
CA LEU B 520 23.89 21.64 -23.61
C LEU B 520 24.95 22.00 -22.57
N MET B 521 25.83 22.94 -22.91
CA MET B 521 26.87 23.38 -21.99
C MET B 521 26.27 24.06 -20.76
N ALA B 522 25.30 24.95 -20.97
CA ALA B 522 24.72 25.70 -19.85
C ALA B 522 24.02 24.78 -18.87
N PHE B 523 23.23 23.83 -19.37
CA PHE B 523 22.52 22.93 -18.46
C PHE B 523 23.45 21.92 -17.82
N SER B 524 24.56 21.59 -18.49
CA SER B 524 25.56 20.72 -17.88
C SER B 524 26.19 21.40 -16.67
N VAL B 525 26.54 22.68 -16.79
CA VAL B 525 27.11 23.42 -15.67
C VAL B 525 26.08 23.55 -14.54
N PHE B 526 24.83 23.88 -14.89
CA PHE B 526 23.79 23.99 -13.88
C PHE B 526 23.61 22.68 -13.14
N THR B 527 23.59 21.57 -13.87
CA THR B 527 23.42 20.26 -13.25
C THR B 527 24.57 19.95 -12.30
N ILE B 528 25.80 20.19 -12.75
CA ILE B 528 26.97 19.88 -11.93
C ILE B 528 27.01 20.74 -10.68
N ILE B 529 26.84 22.06 -10.84
CA ILE B 529 26.91 22.96 -9.69
C ILE B 529 25.76 22.70 -8.73
N CYS B 530 24.54 22.51 -9.25
CA CYS B 530 23.42 22.21 -8.38
C CYS B 530 23.59 20.86 -7.71
N THR B 531 24.02 19.85 -8.46
CA THR B 531 24.29 18.53 -7.88
C THR B 531 25.38 18.64 -6.80
N ILE B 532 26.52 19.21 -7.16
CA ILE B 532 27.62 19.31 -6.20
C ILE B 532 27.28 20.28 -5.08
N GLY B 533 26.70 21.44 -5.41
CA GLY B 533 26.44 22.45 -4.40
C GLY B 533 25.43 22.01 -3.37
N ILE B 534 24.33 21.39 -3.82
CA ILE B 534 23.30 20.95 -2.87
C ILE B 534 23.81 19.79 -2.03
N LEU B 535 24.53 18.84 -2.63
CA LEU B 535 24.99 17.68 -1.89
C LEU B 535 26.10 18.01 -0.90
N MET B 536 27.08 18.81 -1.31
CA MET B 536 28.17 19.15 -0.40
C MET B 536 27.83 20.29 0.55
N SER B 537 26.63 20.87 0.45
CA SER B 537 26.17 21.77 1.50
C SER B 537 25.82 21.03 2.79
N ALA B 538 25.62 19.72 2.71
CA ALA B 538 25.34 18.95 3.91
C ALA B 538 26.60 18.85 4.78
N PRO B 539 26.53 19.09 6.09
CA PRO B 539 27.73 18.92 6.92
C PRO B 539 28.30 17.52 6.89
N ASN B 540 27.48 16.49 6.69
CA ASN B 540 27.87 15.10 6.81
C ASN B 540 28.08 14.41 5.46
N PHE B 541 28.17 15.17 4.37
CA PHE B 541 28.35 14.54 3.07
C PHE B 541 29.73 13.93 2.92
N VAL B 542 30.77 14.65 3.36
CA VAL B 542 32.14 14.15 3.24
C VAL B 542 32.31 12.88 4.07
N GLU B 543 31.76 12.88 5.29
CA GLU B 543 31.81 11.68 6.12
C GLU B 543 31.12 10.51 5.44
N ALA B 544 29.99 10.77 4.79
CA ALA B 544 29.21 9.70 4.16
C ALA B 544 29.99 9.00 3.06
N VAL B 545 30.54 9.78 2.12
CA VAL B 545 31.27 9.17 1.00
C VAL B 545 32.54 8.47 1.51
N SER B 546 33.11 8.94 2.61
CA SER B 546 34.30 8.27 3.15
C SER B 546 33.94 6.92 3.77
N LYS B 547 32.85 6.86 4.54
CA LYS B 547 32.52 5.65 5.29
C LYS B 547 31.67 4.66 4.50
N ASP B 548 30.67 5.15 3.77
CA ASP B 548 29.68 4.29 3.14
C ASP B 548 29.98 3.99 1.68
N PHE B 549 31.01 4.60 1.10
CA PHE B 549 31.33 4.42 -0.32
C PHE B 549 32.81 4.12 -0.50
N GLU C 1 8.23 2.32 58.61
CA GLU C 1 7.54 2.13 59.93
C GLU C 1 6.18 2.83 59.91
N PHE C 2 6.17 4.02 59.30
CA PHE C 2 4.98 4.86 59.24
C PHE C 2 4.26 4.73 57.93
N GLN C 3 5.01 4.58 56.83
CA GLN C 3 4.39 4.31 55.55
C GLN C 3 3.67 2.97 55.57
N ARG C 4 4.26 1.98 56.26
CA ARG C 4 3.64 0.67 56.40
C ARG C 4 2.36 0.72 57.22
N LYS C 5 2.35 1.54 58.25
CA LYS C 5 1.19 1.64 59.14
C LYS C 5 0.06 2.44 58.50
N LEU C 6 0.37 3.47 57.72
CA LEU C 6 -0.66 4.24 57.03
C LEU C 6 -1.36 3.42 55.93
N TYR C 7 -0.61 2.79 55.04
CA TYR C 7 -1.21 1.88 54.05
C TYR C 7 -2.09 0.80 54.67
N LYS C 8 -1.84 0.44 55.92
CA LYS C 8 -2.65 -0.59 56.57
C LYS C 8 -3.91 0.02 57.18
N GLU C 9 -3.79 1.19 57.80
CA GLU C 9 -4.97 1.85 58.35
C GLU C 9 -5.86 2.43 57.26
N LEU C 10 -5.31 2.87 56.13
CA LEU C 10 -6.14 3.54 55.14
C LEU C 10 -7.04 2.58 54.38
N VAL C 11 -6.69 1.29 54.31
CA VAL C 11 -7.50 0.34 53.55
C VAL C 11 -8.51 -0.39 54.42
N LYS C 12 -8.44 -0.23 55.75
CA LYS C 12 -9.48 -0.77 56.64
C LYS C 12 -10.86 -0.30 56.21
N ASN C 13 -11.70 -1.27 55.85
CA ASN C 13 -13.10 -1.06 55.47
C ASN C 13 -13.26 -0.24 54.20
N TYR C 14 -12.20 0.00 53.44
CA TYR C 14 -12.34 0.83 52.27
C TYR C 14 -13.00 0.02 51.18
N ASN C 15 -13.75 0.71 50.33
CA ASN C 15 -14.49 0.10 49.22
C ASN C 15 -14.28 0.96 47.99
N PRO C 16 -13.60 0.47 46.93
CA PRO C 16 -13.49 1.30 45.72
C PRO C 16 -14.80 1.44 44.95
N LEU C 17 -15.87 0.78 45.39
CA LEU C 17 -17.17 0.97 44.78
C LEU C 17 -17.85 2.24 45.28
N GLU C 18 -17.60 2.60 46.53
CA GLU C 18 -18.27 3.73 47.16
C GLU C 18 -17.74 5.05 46.61
N ARG C 19 -18.64 5.93 46.18
CA ARG C 19 -18.23 7.27 45.79
C ARG C 19 -17.77 8.00 47.05
N PRO C 20 -16.58 8.64 47.06
CA PRO C 20 -15.98 9.13 48.32
C PRO C 20 -16.38 10.51 48.83
N VAL C 21 -17.56 10.58 49.44
CA VAL C 21 -18.16 11.82 49.90
C VAL C 21 -18.66 11.57 51.31
N ALA C 22 -18.71 12.63 52.11
CA ALA C 22 -19.20 12.49 53.47
C ALA C 22 -20.72 12.46 53.50
N ASN C 23 -21.35 13.30 52.70
CA ASN C 23 -22.81 13.36 52.60
C ASN C 23 -23.21 12.77 51.26
N ASP C 24 -23.92 11.63 51.31
CA ASP C 24 -24.28 10.90 50.09
C ASP C 24 -25.17 11.70 49.16
N SER C 25 -25.94 12.65 49.69
CA SER C 25 -26.88 13.39 48.85
C SER C 25 -26.18 14.41 47.96
N GLN C 26 -25.00 14.89 48.36
CA GLN C 26 -24.28 15.88 47.58
C GLN C 26 -23.53 15.20 46.44
N PRO C 27 -23.34 15.87 45.31
CA PRO C 27 -22.45 15.33 44.27
C PRO C 27 -20.99 15.58 44.61
N LEU C 28 -20.14 14.70 44.12
CA LEU C 28 -18.70 14.82 44.32
C LEU C 28 -18.15 15.73 43.24
N THR C 29 -17.41 16.75 43.65
CA THR C 29 -16.76 17.63 42.68
C THR C 29 -15.50 16.97 42.16
N VAL C 30 -15.34 17.00 40.84
CA VAL C 30 -14.17 16.46 40.18
C VAL C 30 -13.73 17.53 39.20
N TYR C 31 -12.49 17.97 39.31
CA TYR C 31 -11.91 18.91 38.35
C TYR C 31 -11.19 18.12 37.28
N PHE C 32 -11.62 18.29 36.04
CA PHE C 32 -11.02 17.62 34.90
C PHE C 32 -10.25 18.65 34.09
N SER C 33 -9.14 18.22 33.54
CA SER C 33 -8.35 19.03 32.62
C SER C 33 -7.46 18.07 31.86
N LEU C 34 -6.48 18.61 31.16
CA LEU C 34 -5.55 17.77 30.44
C LEU C 34 -4.33 18.60 30.08
N SER C 35 -3.28 17.90 29.70
CA SER C 35 -2.05 18.48 29.21
C SER C 35 -1.86 17.92 27.82
N LEU C 36 -1.71 18.80 26.84
CA LEU C 36 -1.47 18.38 25.48
C LEU C 36 0.04 18.36 25.29
N LEU C 37 0.59 17.17 25.09
CA LEU C 37 2.01 16.98 24.84
C LEU C 37 2.34 17.00 23.36
N GLN C 38 1.58 16.27 22.57
CA GLN C 38 1.91 16.12 21.16
C GLN C 38 0.69 15.70 20.38
N ILE C 39 0.57 16.24 19.18
CA ILE C 39 -0.43 15.82 18.21
C ILE C 39 0.31 14.82 17.35
N MET C 40 0.02 13.55 17.52
CA MET C 40 0.73 12.54 16.77
C MET C 40 0.27 12.41 15.34
N ASP C 41 -1.00 12.53 15.06
CA ASP C 41 -1.47 12.32 13.69
C ASP C 41 -2.89 12.81 13.52
N VAL C 42 -3.14 13.43 12.37
CA VAL C 42 -4.47 13.85 11.95
C VAL C 42 -4.74 13.00 10.73
N ASP C 43 -5.63 12.02 10.87
CA ASP C 43 -5.96 11.08 9.80
C ASP C 43 -7.19 11.62 9.09
N GLU C 44 -6.97 12.30 7.97
CA GLU C 44 -8.09 12.91 7.26
C GLU C 44 -8.95 11.88 6.55
N LYS C 45 -8.37 10.73 6.19
CA LYS C 45 -9.13 9.70 5.51
C LYS C 45 -10.09 9.00 6.46
N ASN C 46 -9.60 8.60 7.64
CA ASN C 46 -10.41 7.94 8.65
C ASN C 46 -11.08 8.91 9.62
N GLN C 47 -10.84 10.21 9.48
CA GLN C 47 -11.46 11.22 10.34
C GLN C 47 -11.09 11.01 11.81
N VAL C 48 -9.82 10.72 12.07
CA VAL C 48 -9.34 10.38 13.40
C VAL C 48 -8.17 11.28 13.77
N LEU C 49 -8.25 11.86 14.96
CA LEU C 49 -7.16 12.63 15.55
C LEU C 49 -6.45 11.77 16.60
N THR C 50 -5.15 11.57 16.43
CA THR C 50 -4.32 10.92 17.43
C THR C 50 -3.53 11.98 18.21
N THR C 51 -3.54 11.88 19.54
CA THR C 51 -2.86 12.83 20.41
C THR C 51 -2.26 12.12 21.61
N ASN C 52 -1.14 12.66 22.09
CA ASN C 52 -0.51 12.22 23.32
C ASN C 52 -0.93 13.20 24.41
N ILE C 53 -1.68 12.70 25.38
CA ILE C 53 -2.34 13.53 26.38
C ILE C 53 -2.11 12.92 27.74
N TRP C 54 -1.91 13.78 28.73
CA TRP C 54 -2.03 13.39 30.11
C TRP C 54 -3.33 14.02 30.57
N LEU C 55 -4.22 13.21 31.14
CA LEU C 55 -5.48 13.73 31.64
C LEU C 55 -5.21 14.13 33.07
N GLN C 56 -5.98 15.07 33.59
CA GLN C 56 -5.80 15.52 34.96
C GLN C 56 -7.14 15.55 35.67
N MET C 57 -7.31 14.66 36.62
CA MET C 57 -8.51 14.59 37.43
C MET C 57 -8.05 14.86 38.85
N SER C 58 -8.87 15.56 39.60
CA SER C 58 -8.58 15.80 41.00
C SER C 58 -9.89 15.87 41.76
N TRP C 59 -9.89 15.27 42.95
CA TRP C 59 -11.05 15.34 43.80
C TRP C 59 -10.57 15.14 45.22
N THR C 60 -11.50 15.15 46.15
CA THR C 60 -11.23 14.87 47.56
C THR C 60 -11.86 13.54 47.91
N ASP C 61 -11.16 12.78 48.76
CA ASP C 61 -11.62 11.49 49.24
C ASP C 61 -11.74 11.66 50.74
N HIS C 62 -12.96 11.50 51.25
CA HIS C 62 -13.24 11.67 52.67
C HIS C 62 -12.47 10.68 53.55
N TYR C 63 -12.24 9.46 53.07
CA TYR C 63 -11.64 8.41 53.90
C TYR C 63 -10.13 8.28 53.78
N LEU C 64 -9.51 8.95 52.82
CA LEU C 64 -8.05 8.91 52.66
C LEU C 64 -7.38 10.14 53.28
N GLN C 65 -7.53 10.29 54.59
CA GLN C 65 -6.98 11.43 55.32
C GLN C 65 -6.26 10.94 56.57
N TRP C 66 -5.09 11.54 56.84
CA TRP C 66 -4.33 11.23 58.05
C TRP C 66 -3.72 12.51 58.61
N ASN C 67 -3.28 12.41 59.87
CA ASN C 67 -2.57 13.49 60.55
C ASN C 67 -1.07 13.25 60.39
N VAL C 68 -0.39 14.11 59.63
CA VAL C 68 1.03 13.96 59.36
C VAL C 68 1.88 14.01 60.63
N SER C 69 1.36 14.53 61.74
CA SER C 69 2.11 14.45 62.98
C SER C 69 2.18 13.03 63.51
N GLU C 70 1.22 12.18 63.13
CA GLU C 70 1.14 10.81 63.60
C GLU C 70 1.81 9.83 62.65
N TYR C 71 2.23 10.29 61.46
CA TYR C 71 2.95 9.47 60.49
C TYR C 71 4.09 10.32 59.97
N PRO C 72 5.13 10.54 60.79
CA PRO C 72 6.21 11.48 60.40
C PRO C 72 6.90 11.13 59.10
N GLY C 73 7.00 12.13 58.23
CA GLY C 73 7.57 11.98 56.91
C GLY C 73 6.65 11.40 55.87
N VAL C 74 5.42 11.03 56.22
CA VAL C 74 4.49 10.40 55.31
C VAL C 74 3.47 11.45 54.92
N LYS C 75 3.66 12.05 53.76
CA LYS C 75 2.84 13.18 53.33
C LYS C 75 1.97 12.85 52.14
N THR C 76 2.40 11.90 51.31
CA THR C 76 1.63 11.42 50.17
C THR C 76 1.64 9.90 50.17
N VAL C 77 0.57 9.32 49.64
CA VAL C 77 0.44 7.88 49.45
C VAL C 77 0.01 7.66 48.01
N ARG C 78 0.13 6.43 47.55
CA ARG C 78 -0.16 6.09 46.17
C ARG C 78 -0.95 4.79 46.11
N PHE C 79 -1.91 4.72 45.18
CA PHE C 79 -2.75 3.55 45.02
C PHE C 79 -2.91 3.19 43.54
N PRO C 80 -2.85 1.88 43.19
CA PRO C 80 -2.99 1.52 41.77
C PRO C 80 -4.43 1.28 41.38
N ASP C 81 -4.66 0.91 40.12
CA ASP C 81 -6.01 0.73 39.62
C ASP C 81 -6.76 -0.36 40.38
N GLY C 82 -8.00 -0.06 40.74
CA GLY C 82 -8.87 -0.99 41.41
C GLY C 82 -8.80 -0.96 42.92
N GLN C 83 -7.82 -0.27 43.51
CA GLN C 83 -7.63 -0.27 44.95
C GLN C 83 -8.27 0.92 45.63
N ILE C 84 -8.56 2.00 44.91
CA ILE C 84 -9.34 3.11 45.44
C ILE C 84 -10.32 3.59 44.38
N TRP C 85 -11.36 4.27 44.85
CA TRP C 85 -12.34 4.83 43.94
C TRP C 85 -11.71 5.85 43.02
N LYS C 86 -12.10 5.79 41.75
CA LYS C 86 -11.69 6.74 40.73
C LYS C 86 -12.94 7.16 39.96
N PRO C 87 -12.94 8.35 39.35
CA PRO C 87 -14.01 8.66 38.40
C PRO C 87 -13.78 7.92 37.08
N ASP C 88 -14.85 7.33 36.55
CA ASP C 88 -14.77 6.57 35.31
C ASP C 88 -14.90 7.47 34.08
N ILE C 89 -14.10 8.53 34.04
CA ILE C 89 -14.19 9.48 32.94
C ILE C 89 -13.63 8.83 31.68
N LEU C 90 -14.41 8.87 30.61
CA LEU C 90 -14.06 8.27 29.33
C LEU C 90 -14.15 9.31 28.23
N LEU C 91 -13.35 9.11 27.19
CA LEU C 91 -13.52 9.87 25.97
C LEU C 91 -14.76 9.35 25.25
N TYR C 92 -15.73 10.24 25.01
CA TYR C 92 -16.97 9.81 24.39
C TYR C 92 -16.79 9.49 22.92
N ASN C 93 -16.04 10.31 22.20
CA ASN C 93 -15.85 10.13 20.76
C ASN C 93 -14.55 9.39 20.46
N SER C 94 -14.21 8.43 21.31
CA SER C 94 -13.07 7.56 21.05
C SER C 94 -13.25 6.82 19.73
N ALA C 95 -12.16 6.73 18.97
CA ALA C 95 -12.06 5.90 17.77
C ALA C 95 -11.12 4.72 17.95
N ASP C 96 -10.87 4.30 19.19
CA ASP C 96 -9.96 3.19 19.47
C ASP C 96 -10.76 1.91 19.59
N GLU C 97 -10.27 0.85 18.95
CA GLU C 97 -10.95 -0.45 19.00
C GLU C 97 -11.22 -0.91 20.41
N ARG C 98 -10.34 -0.58 21.35
CA ARG C 98 -10.56 -0.87 22.76
C ARG C 98 -11.45 0.17 23.41
N PHE C 99 -11.76 1.26 22.70
CA PHE C 99 -12.52 2.41 23.17
C PHE C 99 -11.73 3.26 24.16
N ASP C 100 -11.39 2.70 25.32
CA ASP C 100 -10.66 3.42 26.36
C ASP C 100 -9.16 3.15 26.17
N ALA C 101 -8.40 4.19 25.83
CA ALA C 101 -6.98 4.08 25.55
C ALA C 101 -6.11 4.60 26.69
N THR C 102 -6.68 4.82 27.86
CA THR C 102 -5.95 5.41 28.98
C THR C 102 -5.05 4.36 29.64
N PHE C 103 -3.77 4.70 29.82
CA PHE C 103 -2.85 3.84 30.56
C PHE C 103 -2.97 4.18 32.03
N HIS C 104 -3.38 3.20 32.82
CA HIS C 104 -3.69 3.46 34.21
C HIS C 104 -2.41 3.53 35.03
N THR C 105 -2.38 4.48 35.97
CA THR C 105 -1.21 4.79 36.78
C THR C 105 -1.70 5.02 38.20
N ASN C 106 -0.82 5.42 39.09
CA ASN C 106 -1.22 5.60 40.46
C ASN C 106 -2.09 6.84 40.62
N VAL C 107 -2.82 6.88 41.72
CA VAL C 107 -3.48 8.08 42.21
C VAL C 107 -2.66 8.57 43.38
N LEU C 108 -2.23 9.82 43.34
CA LEU C 108 -1.50 10.43 44.44
C LEU C 108 -2.50 11.08 45.39
N VAL C 109 -2.26 10.94 46.68
CA VAL C 109 -3.21 11.38 47.71
C VAL C 109 -2.40 11.94 48.87
N ASN C 110 -2.65 13.20 49.24
CA ASN C 110 -1.97 13.81 50.37
C ASN C 110 -2.85 13.71 51.62
N SER C 111 -2.35 14.26 52.73
CA SER C 111 -2.91 14.01 54.04
C SER C 111 -4.31 14.59 54.25
N SER C 112 -4.72 15.61 53.52
CA SER C 112 -6.07 16.13 53.60
C SER C 112 -7.03 15.44 52.65
N GLY C 113 -6.62 14.34 52.02
CA GLY C 113 -7.48 13.55 51.18
C GLY C 113 -7.57 14.00 49.75
N HIS C 114 -6.75 14.96 49.35
CA HIS C 114 -6.83 15.47 48.00
CA HIS C 114 -6.83 15.47 48.00
C HIS C 114 -6.18 14.47 47.07
N CYS C 115 -6.91 14.05 46.05
CA CYS C 115 -6.46 13.00 45.15
C CYS C 115 -6.14 13.61 43.81
N GLN C 116 -5.03 13.18 43.25
CA GLN C 116 -4.56 13.62 41.96
C GLN C 116 -4.30 12.37 41.14
N TYR C 117 -4.77 12.37 39.90
CA TYR C 117 -4.69 11.20 39.04
C TYR C 117 -4.39 11.69 37.63
N LEU C 118 -3.21 11.34 37.11
CA LEU C 118 -2.73 11.84 35.83
C LEU C 118 -2.33 10.70 34.91
N PRO C 119 -3.29 9.92 34.44
CA PRO C 119 -2.93 8.80 33.60
C PRO C 119 -2.51 9.28 32.22
N PRO C 120 -1.37 8.82 31.69
CA PRO C 120 -1.02 9.22 30.34
C PRO C 120 -1.84 8.45 29.33
N GLY C 121 -1.69 8.80 28.08
CA GLY C 121 -2.36 8.02 27.08
C GLY C 121 -2.16 8.48 25.67
N ILE C 122 -2.26 7.56 24.74
CA ILE C 122 -2.31 7.88 23.33
C ILE C 122 -3.77 7.67 23.02
N PHE C 123 -4.44 8.72 22.57
CA PHE C 123 -5.87 8.71 22.34
C PHE C 123 -6.14 8.86 20.86
N LYS C 124 -7.14 8.15 20.39
CA LYS C 124 -7.65 8.31 19.05
C LYS C 124 -9.09 8.72 19.23
N SER C 125 -9.49 9.77 18.53
CA SER C 125 -10.80 10.37 18.73
C SER C 125 -11.40 10.64 17.37
N SER C 126 -12.73 10.62 17.32
CA SER C 126 -13.43 10.92 16.09
C SER C 126 -13.57 12.42 15.98
N CYS C 127 -13.14 12.96 14.85
CA CYS C 127 -13.13 14.39 14.60
C CYS C 127 -13.61 14.61 13.18
N TYR C 128 -14.71 15.32 13.03
CA TYR C 128 -15.06 15.77 11.71
C TYR C 128 -13.95 16.67 11.19
N ILE C 129 -13.33 16.27 10.10
CA ILE C 129 -12.19 16.97 9.52
C ILE C 129 -12.73 17.63 8.27
N ASP C 130 -12.80 18.95 8.28
CA ASP C 130 -13.43 19.71 7.22
C ASP C 130 -12.36 20.00 6.18
N VAL C 131 -12.46 19.31 5.04
CA VAL C 131 -11.46 19.39 4.00
C VAL C 131 -11.86 20.39 2.92
N ARG C 132 -12.80 21.28 3.22
CA ARG C 132 -13.28 22.24 2.24
C ARG C 132 -12.15 23.13 1.73
N TRP C 133 -11.26 23.53 2.62
CA TRP C 133 -10.22 24.52 2.33
C TRP C 133 -8.83 23.92 2.30
N PHE C 134 -8.69 22.60 2.49
CA PHE C 134 -7.43 21.87 2.38
C PHE C 134 -6.67 22.32 1.13
N PRO C 135 -5.36 22.62 1.21
CA PRO C 135 -4.44 22.48 2.35
C PRO C 135 -4.37 23.72 3.24
N PHE C 136 -5.16 24.76 3.01
CA PHE C 136 -5.19 25.94 3.88
C PHE C 136 -6.35 25.86 4.86
N ASP C 137 -6.42 24.76 5.61
CA ASP C 137 -7.55 24.50 6.48
C ASP C 137 -7.16 24.70 7.95
N VAL C 138 -8.17 25.02 8.74
CA VAL C 138 -8.07 25.05 10.19
C VAL C 138 -9.10 24.04 10.69
N GLN C 139 -8.68 23.20 11.63
CA GLN C 139 -9.54 22.14 12.13
C GLN C 139 -9.86 22.41 13.60
N HIS C 140 -11.06 22.01 14.00
CA HIS C 140 -11.57 22.21 15.36
C HIS C 140 -12.01 20.84 15.84
N CYS C 141 -11.08 20.08 16.39
CA CYS C 141 -11.34 18.70 16.78
C CYS C 141 -11.74 18.68 18.24
N LYS C 142 -12.90 18.10 18.51
CA LYS C 142 -13.42 18.05 19.87
C LYS C 142 -12.96 16.79 20.56
N LEU C 143 -12.72 16.90 21.86
CA LEU C 143 -12.41 15.78 22.72
C LEU C 143 -13.42 15.87 23.85
N LYS C 144 -14.44 15.02 23.81
CA LYS C 144 -15.51 15.06 24.80
C LYS C 144 -15.22 14.03 25.89
N PHE C 145 -15.27 14.48 27.13
CA PHE C 145 -14.92 13.69 28.29
C PHE C 145 -16.04 13.82 29.31
N GLY C 146 -16.46 12.70 29.88
CA GLY C 146 -17.37 12.75 31.00
C GLY C 146 -17.46 11.41 31.66
N SER C 147 -17.94 11.43 32.90
CA SER C 147 -18.20 10.20 33.62
C SER C 147 -19.24 9.39 32.87
N TRP C 148 -18.97 8.10 32.69
CA TRP C 148 -19.86 7.28 31.88
C TRP C 148 -21.16 6.98 32.63
N SER C 149 -21.06 6.63 33.91
CA SER C 149 -22.20 6.13 34.68
C SER C 149 -22.61 7.01 35.85
N TYR C 150 -21.88 8.09 36.15
CA TYR C 150 -22.23 9.01 37.24
C TYR C 150 -22.82 10.27 36.64
N GLY C 151 -24.10 10.51 36.89
CA GLY C 151 -24.75 11.71 36.45
C GLY C 151 -24.44 12.91 37.35
N GLY C 152 -25.03 14.05 36.96
CA GLY C 152 -24.76 15.31 37.63
C GLY C 152 -25.17 15.36 39.09
N TRP C 153 -26.19 14.59 39.48
CA TRP C 153 -26.56 14.53 40.89
C TRP C 153 -25.53 13.80 41.74
N SER C 154 -24.62 13.04 41.13
CA SER C 154 -23.59 12.31 41.83
C SER C 154 -22.19 12.87 41.62
N LEU C 155 -21.90 13.41 40.43
CA LEU C 155 -20.54 13.82 40.07
C LEU C 155 -20.60 15.19 39.41
N ASP C 156 -20.12 16.20 40.13
CA ASP C 156 -20.11 17.57 39.65
C ASP C 156 -18.80 17.80 38.90
N LEU C 157 -18.80 17.45 37.62
CA LEU C 157 -17.61 17.64 36.81
C LEU C 157 -17.37 19.13 36.58
N GLN C 158 -16.18 19.59 36.94
CA GLN C 158 -15.75 20.96 36.71
C GLN C 158 -14.52 20.99 35.82
N MET C 159 -14.34 22.11 35.14
CA MET C 159 -13.31 22.26 34.12
C MET C 159 -12.20 23.16 34.64
N GLN C 160 -10.98 22.88 34.19
CA GLN C 160 -9.85 23.75 34.42
C GLN C 160 -9.11 23.92 33.10
N GLU C 161 -8.39 25.03 32.99
CA GLU C 161 -7.70 25.38 31.76
C GLU C 161 -6.71 24.29 31.34
N ALA C 162 -6.66 24.03 30.04
CA ALA C 162 -5.75 23.03 29.52
C ALA C 162 -4.31 23.51 29.60
N ASP C 163 -3.41 22.57 29.90
CA ASP C 163 -1.98 22.83 29.97
C ASP C 163 -1.35 22.57 28.61
N ILE C 164 -0.55 23.53 28.12
CA ILE C 164 0.21 23.36 26.89
C ILE C 164 1.67 23.76 27.13
N SER C 165 2.07 23.88 28.41
CA SER C 165 3.42 24.31 28.72
C SER C 165 4.45 23.28 28.24
N GLY C 166 4.13 21.99 28.37
CA GLY C 166 4.98 20.94 27.87
C GLY C 166 4.62 20.46 26.48
N TYR C 167 3.92 21.28 25.71
CA TYR C 167 3.53 20.92 24.36
C TYR C 167 4.72 20.96 23.43
N ILE C 168 4.83 19.95 22.57
CA ILE C 168 5.94 19.83 21.63
C ILE C 168 5.37 20.08 20.25
N PRO C 169 5.78 21.16 19.55
CA PRO C 169 5.22 21.45 18.23
C PRO C 169 5.35 20.30 17.23
N ASN C 170 4.46 20.30 16.26
CA ASN C 170 4.42 19.30 15.22
C ASN C 170 4.80 20.08 13.96
N GLY C 171 5.41 19.40 13.01
CA GLY C 171 5.75 20.09 11.79
C GLY C 171 4.64 20.31 10.80
N GLU C 172 3.51 19.63 10.94
CA GLU C 172 2.38 19.86 10.05
C GLU C 172 1.26 20.69 10.65
N TRP C 173 1.19 20.84 11.96
CA TRP C 173 0.09 21.54 12.62
C TRP C 173 0.58 22.54 13.64
N ASP C 174 0.16 23.79 13.50
CA ASP C 174 0.39 24.83 14.50
C ASP C 174 -0.81 24.84 15.44
N LEU C 175 -0.60 24.44 16.67
CA LEU C 175 -1.64 24.56 17.69
C LEU C 175 -2.03 26.03 17.88
N VAL C 176 -3.29 26.33 17.60
CA VAL C 176 -3.83 27.68 17.79
C VAL C 176 -4.31 27.87 19.22
N GLY C 177 -4.88 26.83 19.80
CA GLY C 177 -5.31 26.84 21.19
C GLY C 177 -6.16 25.62 21.45
N ILE C 178 -6.41 25.39 22.74
CA ILE C 178 -7.23 24.27 23.20
C ILE C 178 -8.32 24.79 24.14
N PRO C 179 -9.21 25.66 23.68
CA PRO C 179 -10.31 26.11 24.53
C PRO C 179 -11.20 24.94 24.96
N GLY C 180 -11.68 25.00 26.20
CA GLY C 180 -12.61 24.02 26.70
C GLY C 180 -13.92 24.60 27.18
N LYS C 181 -14.95 23.76 27.29
CA LYS C 181 -16.27 24.18 27.74
C LYS C 181 -16.96 23.04 28.47
N ARG C 182 -17.47 23.34 29.66
CA ARG C 182 -18.27 22.40 30.44
C ARG C 182 -19.75 22.56 30.08
N SER C 183 -20.38 21.46 29.68
CA SER C 183 -21.77 21.43 29.25
C SER C 183 -22.54 20.45 30.14
N GLU C 184 -23.85 20.68 30.24
CA GLU C 184 -24.75 19.81 30.99
C GLU C 184 -25.83 19.35 30.00
N ARG C 185 -25.84 18.06 29.68
CA ARG C 185 -26.71 17.52 28.63
C ARG C 185 -27.60 16.39 29.16
N PHE C 186 -28.74 16.21 28.50
CA PHE C 186 -29.66 15.11 28.74
C PHE C 186 -29.54 14.10 27.61
N TYR C 187 -29.69 12.82 27.95
CA TYR C 187 -29.67 11.73 26.99
C TYR C 187 -30.93 10.89 27.17
N GLU C 188 -31.40 10.30 26.06
CA GLU C 188 -32.64 9.54 26.09
C GLU C 188 -32.54 8.29 26.97
N CYS C 189 -31.31 7.87 27.31
CA CYS C 189 -31.13 6.81 28.28
C CYS C 189 -31.78 7.16 29.62
N CYS C 190 -31.58 8.39 30.07
CA CYS C 190 -31.63 8.71 31.48
C CYS C 190 -32.38 10.02 31.69
N LYS C 191 -33.10 10.10 32.81
CA LYS C 191 -33.77 11.33 33.18
C LYS C 191 -32.82 12.31 33.85
N GLU C 192 -31.80 11.80 34.53
CA GLU C 192 -30.78 12.66 35.11
C GLU C 192 -29.86 13.19 33.99
N PRO C 193 -29.41 14.44 34.07
CA PRO C 193 -28.45 14.92 33.07
C PRO C 193 -27.02 14.54 33.44
N TYR C 194 -26.17 14.53 32.43
CA TYR C 194 -24.79 14.07 32.57
C TYR C 194 -23.83 15.17 32.14
N PRO C 195 -23.10 15.82 33.05
CA PRO C 195 -22.12 16.83 32.61
C PRO C 195 -20.99 16.21 31.82
N ASP C 196 -20.43 17.00 30.92
CA ASP C 196 -19.23 16.63 30.21
C ASP C 196 -18.34 17.86 30.09
N VAL C 197 -17.09 17.62 29.72
CA VAL C 197 -16.09 18.65 29.52
C VAL C 197 -15.47 18.39 28.18
N THR C 198 -15.63 19.32 27.26
CA THR C 198 -15.15 19.18 25.91
C THR C 198 -14.01 20.16 25.71
N PHE C 199 -12.96 19.69 25.07
CA PHE C 199 -11.81 20.50 24.70
C PHE C 199 -11.76 20.47 23.20
N THR C 200 -11.64 21.65 22.60
CA THR C 200 -11.59 21.79 21.15
C THR C 200 -10.19 22.20 20.81
N VAL C 201 -9.49 21.37 20.04
CA VAL C 201 -8.12 21.64 19.65
C VAL C 201 -8.20 22.34 18.31
N THR C 202 -7.82 23.62 18.29
CA THR C 202 -7.80 24.41 17.07
C THR C 202 -6.37 24.36 16.53
N MET C 203 -6.21 23.72 15.38
CA MET C 203 -4.91 23.46 14.80
C MET C 203 -4.91 23.86 13.34
N ARG C 204 -3.89 24.61 12.94
CA ARG C 204 -3.79 25.17 11.61
C ARG C 204 -2.79 24.32 10.82
N ARG C 205 -3.18 23.91 9.62
CA ARG C 205 -2.26 23.17 8.79
C ARG C 205 -1.14 24.07 8.31
N ARG C 206 0.08 23.56 8.38
CA ARG C 206 1.25 24.25 7.83
C ARG C 206 1.40 23.77 6.40
N THR C 207 1.62 24.70 5.50
CA THR C 207 1.36 24.47 4.09
C THR C 207 2.61 24.38 3.23
N LEU C 208 3.81 24.42 3.81
CA LEU C 208 5.02 24.36 3.00
C LEU C 208 5.11 23.02 2.25
N TYR C 209 4.98 21.91 2.98
CA TYR C 209 5.02 20.59 2.36
C TYR C 209 3.99 20.44 1.26
N TYR C 210 2.76 20.89 1.51
CA TYR C 210 1.71 20.77 0.52
C TYR C 210 1.88 21.79 -0.60
N GLY C 211 2.50 22.93 -0.31
CA GLY C 211 2.85 23.83 -1.40
C GLY C 211 3.84 23.20 -2.36
N LEU C 212 4.83 22.51 -1.83
CA LEU C 212 5.88 21.93 -2.64
C LEU C 212 5.50 20.58 -3.24
N ASN C 213 4.52 19.86 -2.68
CA ASN C 213 4.15 18.55 -3.19
C ASN C 213 2.84 18.52 -3.97
N LEU C 214 1.98 19.52 -3.79
CA LEU C 214 0.67 19.54 -4.45
C LEU C 214 0.45 20.79 -5.28
N LEU C 215 0.59 21.97 -4.68
CA LEU C 215 0.25 23.22 -5.35
C LEU C 215 1.29 23.66 -6.36
N ILE C 216 2.56 23.71 -5.98
CA ILE C 216 3.62 24.13 -6.90
C ILE C 216 3.81 23.15 -8.03
N PRO C 217 3.87 21.83 -7.79
CA PRO C 217 3.96 20.90 -8.92
C PRO C 217 2.85 21.09 -9.93
N CYS C 218 1.64 21.39 -9.46
CA CYS C 218 0.50 21.57 -10.36
C CYS C 218 0.64 22.81 -11.22
N VAL C 219 1.15 23.91 -10.64
CA VAL C 219 1.31 25.15 -11.41
C VAL C 219 2.27 24.97 -12.57
N LEU C 220 3.38 24.27 -12.34
CA LEU C 220 4.39 24.14 -13.38
C LEU C 220 3.91 23.27 -14.53
N ILE C 221 3.15 22.25 -14.18
CA ILE C 221 2.53 21.28 -15.12
C ILE C 221 1.46 22.04 -15.91
N SER C 222 0.76 22.96 -15.28
CA SER C 222 -0.17 23.85 -15.98
C SER C 222 0.60 24.72 -16.95
N ALA C 223 1.76 25.22 -16.54
CA ALA C 223 2.61 26.00 -17.45
C ALA C 223 3.16 25.14 -18.58
N LEU C 224 3.47 23.87 -18.31
CA LEU C 224 3.91 22.97 -19.38
C LEU C 224 2.82 22.76 -20.41
N ALA C 225 1.56 22.69 -19.97
CA ALA C 225 0.47 22.52 -20.91
C ALA C 225 0.36 23.69 -21.88
N LEU C 226 0.80 24.88 -21.46
CA LEU C 226 0.83 26.03 -22.36
C LEU C 226 1.97 25.98 -23.35
N LEU C 227 2.97 25.11 -23.14
CA LEU C 227 4.01 24.97 -24.15
C LEU C 227 3.51 24.25 -25.39
N VAL C 228 2.38 23.57 -25.30
CA VAL C 228 1.78 22.98 -26.50
C VAL C 228 1.37 24.09 -27.47
N PHE C 229 0.94 25.23 -26.94
CA PHE C 229 0.59 26.37 -27.79
C PHE C 229 1.80 27.06 -28.39
N LEU C 230 3.02 26.72 -27.95
CA LEU C 230 4.25 27.25 -28.53
C LEU C 230 4.97 26.23 -29.40
N LEU C 231 4.60 24.96 -29.32
CA LEU C 231 5.22 23.96 -30.17
C LEU C 231 4.76 24.18 -31.61
N PRO C 232 5.67 24.17 -32.60
CA PRO C 232 5.20 24.21 -33.98
C PRO C 232 4.38 22.99 -34.30
N ALA C 233 3.45 23.14 -35.24
CA ALA C 233 2.60 22.02 -35.62
C ALA C 233 3.39 20.97 -36.40
N ASP C 234 4.38 21.38 -37.18
CA ASP C 234 5.19 20.44 -37.94
C ASP C 234 6.07 19.56 -37.07
N SER C 235 6.18 19.83 -35.77
CA SER C 235 7.02 19.01 -34.91
C SER C 235 6.45 17.60 -34.77
N GLY C 236 5.13 17.46 -34.80
CA GLY C 236 4.52 16.17 -34.66
C GLY C 236 4.38 15.68 -33.23
N GLU C 237 4.51 16.57 -32.25
CA GLU C 237 4.55 16.19 -30.85
C GLU C 237 3.59 17.00 -29.98
N LYS C 238 2.57 17.63 -30.57
CA LYS C 238 1.68 18.46 -29.76
C LYS C 238 0.78 17.59 -28.90
N ILE C 239 0.16 16.57 -29.49
CA ILE C 239 -0.71 15.70 -28.71
C ILE C 239 0.10 14.92 -27.70
N SER C 240 1.30 14.48 -28.10
CA SER C 240 2.17 13.76 -27.16
C SER C 240 2.46 14.61 -25.94
N LEU C 241 2.90 15.86 -26.15
CA LEU C 241 3.11 16.78 -25.04
C LEU C 241 1.82 17.01 -24.26
N GLY C 242 0.75 17.37 -24.96
CA GLY C 242 -0.49 17.70 -24.29
C GLY C 242 -1.07 16.54 -23.50
N ILE C 243 -1.27 15.40 -24.17
CA ILE C 243 -1.87 14.26 -23.47
C ILE C 243 -0.93 13.72 -22.40
N THR C 244 0.39 13.82 -22.60
CA THR C 244 1.31 13.34 -21.57
C THR C 244 1.24 14.21 -20.32
N VAL C 245 1.09 15.53 -20.52
CA VAL C 245 0.91 16.40 -19.36
C VAL C 245 -0.41 16.05 -18.67
N LEU C 246 -1.42 15.69 -19.46
CA LEU C 246 -2.70 15.30 -18.88
C LEU C 246 -2.56 14.02 -18.06
N LEU C 247 -1.80 13.04 -18.56
CA LEU C 247 -1.54 11.84 -17.76
C LEU C 247 -0.68 12.17 -16.55
N SER C 248 0.09 13.24 -16.59
CA SER C 248 0.89 13.63 -15.44
C SER C 248 -0.02 14.22 -14.39
N LEU C 249 -1.16 14.79 -14.81
CA LEU C 249 -2.12 15.42 -13.94
C LEU C 249 -2.96 14.41 -13.15
N THR C 250 -3.20 13.22 -13.72
CA THR C 250 -3.94 12.20 -12.98
C THR C 250 -3.18 11.63 -11.80
N VAL C 251 -1.84 11.74 -11.76
CA VAL C 251 -1.14 11.12 -10.66
C VAL C 251 -1.42 11.95 -9.41
N PHE C 252 -1.64 13.24 -9.64
CA PHE C 252 -1.94 14.12 -8.55
C PHE C 252 -3.40 13.94 -8.11
N MET C 253 -4.30 13.66 -9.05
CA MET C 253 -5.71 13.52 -8.73
C MET C 253 -5.93 12.26 -7.90
N LEU C 254 -5.13 11.23 -8.15
CA LEU C 254 -5.17 10.00 -7.36
C LEU C 254 -4.46 10.17 -6.03
N LEU C 255 -3.44 11.02 -5.97
CA LEU C 255 -2.82 11.32 -4.69
C LEU C 255 -3.82 12.01 -3.77
N VAL C 256 -4.60 12.96 -4.29
CA VAL C 256 -5.62 13.65 -3.50
C VAL C 256 -6.74 12.69 -3.12
N ALA C 257 -7.20 11.88 -4.07
CA ALA C 257 -8.27 10.95 -3.78
C ALA C 257 -7.85 9.95 -2.70
N GLU C 258 -6.57 9.61 -2.65
CA GLU C 258 -6.08 8.67 -1.65
C GLU C 258 -6.00 9.29 -0.25
N ILE C 259 -5.65 10.57 -0.12
CA ILE C 259 -5.56 11.20 1.20
C ILE C 259 -6.84 11.88 1.68
N MET C 260 -7.80 12.14 0.80
CA MET C 260 -9.02 12.83 1.21
C MET C 260 -10.09 11.84 1.63
N PRO C 261 -10.95 12.18 2.59
CA PRO C 261 -12.05 11.28 2.94
C PRO C 261 -13.07 11.25 1.83
N ALA C 262 -13.74 10.12 1.67
CA ALA C 262 -14.70 9.94 0.59
C ALA C 262 -16.06 10.48 1.03
N THR C 263 -16.15 11.81 1.07
CA THR C 263 -17.31 12.50 1.61
C THR C 263 -17.90 13.48 0.61
N SER C 264 -19.18 13.79 0.83
CA SER C 264 -19.98 14.63 -0.04
C SER C 264 -20.52 15.84 0.69
N ASP C 265 -19.89 16.22 1.81
CA ASP C 265 -20.27 17.43 2.52
C ASP C 265 -19.80 18.68 1.80
N SER C 266 -18.87 18.55 0.86
CA SER C 266 -18.34 19.65 0.06
C SER C 266 -17.27 19.11 -0.87
N VAL C 267 -16.72 19.96 -1.72
CA VAL C 267 -15.60 19.63 -2.59
C VAL C 267 -14.39 20.37 -2.04
N PRO C 268 -13.29 19.67 -1.68
CA PRO C 268 -12.09 20.39 -1.21
C PRO C 268 -11.61 21.47 -2.17
N LEU C 269 -10.90 22.44 -1.60
CA LEU C 269 -10.29 23.46 -2.43
C LEU C 269 -9.29 22.86 -3.40
N ILE C 270 -8.48 21.91 -2.92
CA ILE C 270 -7.50 21.26 -3.76
C ILE C 270 -8.18 20.52 -4.92
N ALA C 271 -9.35 19.92 -4.65
CA ALA C 271 -10.10 19.25 -5.71
C ALA C 271 -10.57 20.23 -6.76
N GLN C 272 -11.03 21.41 -6.33
CA GLN C 272 -11.49 22.41 -7.30
C GLN C 272 -10.32 22.95 -8.10
N TYR C 273 -9.16 23.08 -7.46
CA TYR C 273 -7.99 23.61 -8.17
C TYR C 273 -7.42 22.60 -9.14
N PHE C 274 -7.30 21.33 -8.74
CA PHE C 274 -6.81 20.30 -9.66
C PHE C 274 -7.84 20.01 -10.75
N ALA C 275 -9.12 20.01 -10.41
CA ALA C 275 -10.14 19.79 -11.43
C ALA C 275 -10.17 20.92 -12.46
N SER C 276 -9.99 22.16 -12.01
CA SER C 276 -9.92 23.27 -12.97
C SER C 276 -8.66 23.18 -13.82
N THR C 277 -7.52 22.84 -13.21
CA THR C 277 -6.29 22.70 -13.98
C THR C 277 -6.43 21.59 -15.02
N MET C 278 -7.04 20.47 -14.64
CA MET C 278 -7.19 19.38 -15.58
C MET C 278 -8.20 19.71 -16.66
N ILE C 279 -9.15 20.59 -16.38
CA ILE C 279 -10.07 21.04 -17.41
C ILE C 279 -9.44 22.09 -18.31
N ILE C 280 -8.41 22.81 -17.82
CA ILE C 280 -7.71 23.75 -18.68
C ILE C 280 -6.72 23.00 -19.58
N VAL C 281 -6.10 21.94 -19.07
CA VAL C 281 -5.21 21.14 -19.89
C VAL C 281 -6.02 20.24 -20.81
N GLY C 282 -7.14 19.71 -20.30
CA GLY C 282 -8.01 18.91 -21.15
C GLY C 282 -8.64 19.73 -22.26
N LEU C 283 -8.89 21.02 -22.01
CA LEU C 283 -9.39 21.90 -23.05
C LEU C 283 -8.30 22.37 -24.00
N SER C 284 -7.03 22.31 -23.58
CA SER C 284 -5.94 22.62 -24.47
C SER C 284 -5.63 21.47 -25.42
N VAL C 285 -6.09 20.26 -25.09
CA VAL C 285 -6.00 19.14 -26.00
C VAL C 285 -7.11 19.23 -27.04
N VAL C 286 -8.30 19.68 -26.62
CA VAL C 286 -9.39 19.90 -27.56
C VAL C 286 -9.01 20.99 -28.56
N VAL C 287 -8.48 22.10 -28.05
CA VAL C 287 -8.04 23.19 -28.91
C VAL C 287 -6.87 22.76 -29.79
N THR C 288 -6.00 21.90 -29.27
CA THR C 288 -4.87 21.40 -30.07
C THR C 288 -5.38 20.58 -31.24
N VAL C 289 -6.42 19.78 -31.03
CA VAL C 289 -7.03 19.02 -32.11
C VAL C 289 -7.58 19.96 -33.17
N ILE C 290 -8.22 21.05 -32.75
CA ILE C 290 -8.74 22.03 -33.70
C ILE C 290 -7.59 22.70 -34.44
N VAL C 291 -6.50 23.01 -33.74
CA VAL C 291 -5.33 23.61 -34.38
C VAL C 291 -4.78 22.69 -35.45
N LEU C 292 -4.66 21.40 -35.13
CA LEU C 292 -4.11 20.44 -36.08
C LEU C 292 -5.01 20.27 -37.29
N GLN C 293 -6.34 20.35 -37.10
CA GLN C 293 -7.25 20.34 -38.22
C GLN C 293 -6.99 21.51 -39.16
N TYR C 294 -6.73 22.69 -38.61
CA TYR C 294 -6.40 23.85 -39.43
C TYR C 294 -5.08 23.65 -40.15
N HIS C 295 -4.06 23.16 -39.43
CA HIS C 295 -2.74 23.00 -40.00
C HIS C 295 -2.73 21.94 -41.10
N HIS C 296 -3.41 20.81 -40.88
CA HIS C 296 -3.46 19.71 -41.82
C HIS C 296 -4.66 19.79 -42.76
N HIS C 297 -5.27 20.96 -42.91
CA HIS C 297 -6.45 21.09 -43.75
C HIS C 297 -6.13 20.76 -45.20
N ASP C 298 -7.00 19.98 -45.81
CA ASP C 298 -6.82 19.60 -47.21
C ASP C 298 -7.07 20.82 -48.08
N PRO C 299 -6.11 21.27 -48.91
CA PRO C 299 -6.37 22.48 -49.70
C PRO C 299 -7.52 22.34 -50.68
N ASP C 300 -7.77 21.13 -51.18
CA ASP C 300 -8.85 20.87 -52.12
C ASP C 300 -10.18 20.62 -51.42
N GLY C 301 -10.27 20.89 -50.11
CA GLY C 301 -11.50 20.75 -49.36
C GLY C 301 -12.31 22.04 -49.34
N GLY C 302 -13.15 22.15 -48.33
CA GLY C 302 -13.98 23.33 -48.19
C GLY C 302 -13.14 24.58 -47.96
N LYS C 303 -13.50 25.66 -48.65
CA LYS C 303 -12.80 26.92 -48.53
C LYS C 303 -12.96 27.48 -47.11
N MET C 304 -12.15 28.47 -46.80
CA MET C 304 -12.17 29.07 -45.46
C MET C 304 -13.37 30.01 -45.35
N PRO C 305 -14.29 29.81 -44.40
CA PRO C 305 -15.40 30.76 -44.23
C PRO C 305 -14.90 32.20 -44.08
N LYS C 306 -15.63 33.13 -44.71
CA LYS C 306 -15.29 34.54 -44.61
C LYS C 306 -15.25 35.04 -43.16
N TRP C 307 -16.04 34.45 -42.27
CA TRP C 307 -15.95 34.85 -40.88
C TRP C 307 -14.60 34.49 -40.29
N THR C 308 -13.99 33.40 -40.77
CA THR C 308 -12.70 32.96 -40.24
C THR C 308 -11.56 33.81 -40.77
N ARG C 309 -11.62 34.23 -42.04
CA ARG C 309 -10.53 35.01 -42.60
C ARG C 309 -10.50 36.46 -42.10
N VAL C 310 -11.56 36.91 -41.42
CA VAL C 310 -11.57 38.22 -40.77
C VAL C 310 -11.29 38.12 -39.28
N ILE C 311 -11.92 37.16 -38.60
CA ILE C 311 -11.78 37.08 -37.14
C ILE C 311 -10.35 36.73 -36.77
N LEU C 312 -9.69 35.87 -37.56
CA LEU C 312 -8.34 35.40 -37.24
C LEU C 312 -7.25 36.08 -38.04
N LEU C 313 -7.40 36.16 -39.36
CA LEU C 313 -6.32 36.66 -40.20
C LEU C 313 -6.30 38.17 -40.36
N ASN C 314 -7.30 38.89 -39.84
CA ASN C 314 -7.30 40.35 -39.86
C ASN C 314 -7.27 40.93 -38.45
N TRP C 315 -8.30 40.67 -37.64
CA TRP C 315 -8.35 41.23 -36.29
C TRP C 315 -7.23 40.69 -35.41
N CYS C 316 -7.32 39.40 -35.07
CA CYS C 316 -6.33 38.78 -34.20
C CYS C 316 -4.93 38.76 -34.82
N ALA C 317 -4.84 38.76 -36.14
CA ALA C 317 -3.53 38.82 -36.78
C ALA C 317 -2.92 40.22 -36.76
N TRP C 318 -3.70 41.24 -36.42
CA TRP C 318 -3.21 42.59 -36.21
C TRP C 318 -2.97 42.90 -34.75
N PHE C 319 -3.89 42.49 -33.87
CA PHE C 319 -3.71 42.66 -32.43
C PHE C 319 -2.40 42.05 -31.97
N LEU C 320 -2.17 40.79 -32.31
CA LEU C 320 -0.98 40.08 -31.88
C LEU C 320 0.27 40.45 -32.66
N ARG C 321 0.15 41.34 -33.65
CA ARG C 321 1.29 41.84 -34.41
C ARG C 321 2.09 40.72 -35.06
N MET C 322 1.38 39.81 -35.73
CA MET C 322 2.01 38.61 -36.27
C MET C 322 2.32 38.72 -37.77
N LYS C 323 1.33 39.11 -38.57
CA LYS C 323 1.51 39.20 -40.02
C LYS C 323 1.83 37.83 -40.62
N PRO C 479 6.60 22.03 -86.15
CA PRO C 479 5.58 21.04 -85.83
C PRO C 479 5.88 20.28 -84.55
N ASP C 480 7.15 19.95 -84.35
CA ASP C 480 7.57 19.28 -83.12
C ASP C 480 7.80 20.27 -81.98
N LEU C 481 8.11 21.53 -82.30
CA LEU C 481 8.36 22.52 -81.26
C LEU C 481 7.08 22.89 -80.53
N ALA C 482 5.92 22.75 -81.19
CA ALA C 482 4.65 23.03 -80.53
C ALA C 482 4.27 21.92 -79.56
N LYS C 483 4.66 20.69 -79.86
CA LYS C 483 4.41 19.58 -78.93
C LYS C 483 5.26 19.73 -77.67
N ILE C 484 6.51 20.17 -77.81
CA ILE C 484 7.32 20.47 -76.65
C ILE C 484 6.68 21.59 -75.84
N LEU C 485 6.19 22.63 -76.51
CA LEU C 485 5.55 23.74 -75.81
C LEU C 485 4.34 23.29 -75.04
N GLU C 486 3.49 22.45 -75.64
CA GLU C 486 2.33 21.94 -74.93
C GLU C 486 2.75 21.12 -73.72
N GLU C 487 3.80 20.31 -73.87
CA GLU C 487 4.17 19.39 -72.80
C GLU C 487 4.81 20.15 -71.64
N VAL C 488 5.70 21.10 -71.93
CA VAL C 488 6.36 21.88 -70.88
C VAL C 488 5.38 22.83 -70.21
N ARG C 489 4.38 23.31 -70.96
CA ARG C 489 3.36 24.16 -70.37
C ARG C 489 2.57 23.40 -69.32
N TYR C 490 2.31 22.12 -69.56
CA TYR C 490 1.69 21.28 -68.55
C TYR C 490 2.55 21.17 -67.29
N ILE C 491 3.86 21.00 -67.47
CA ILE C 491 4.76 20.85 -66.32
C ILE C 491 4.73 22.12 -65.48
N ALA C 492 4.85 23.27 -66.13
CA ALA C 492 4.85 24.54 -65.42
C ALA C 492 3.47 24.86 -64.84
N ASN C 493 2.41 24.60 -65.58
CA ASN C 493 1.07 24.85 -65.05
C ASN C 493 0.79 23.94 -63.87
N ARG C 494 1.29 22.71 -63.91
CA ARG C 494 1.20 21.83 -62.75
C ARG C 494 1.93 22.44 -61.55
N PHE C 495 3.09 23.05 -61.79
CA PHE C 495 3.79 23.74 -60.72
C PHE C 495 2.97 24.93 -60.20
N ARG C 496 2.35 25.68 -61.10
CA ARG C 496 1.56 26.84 -60.67
C ARG C 496 0.37 26.41 -59.82
N CYS C 497 -0.30 25.33 -60.22
CA CYS C 497 -1.40 24.81 -59.41
C CYS C 497 -0.90 24.36 -58.04
N GLN C 498 0.32 23.82 -57.98
CA GLN C 498 0.89 23.41 -56.70
C GLN C 498 1.20 24.62 -55.82
N ASP C 499 1.62 25.73 -56.44
CA ASP C 499 1.88 26.95 -55.67
C ASP C 499 0.60 27.54 -55.09
N GLU C 500 -0.47 27.60 -55.89
CA GLU C 500 -1.73 28.10 -55.38
C GLU C 500 -2.28 27.21 -54.27
N SER C 501 -2.19 25.89 -54.46
CA SER C 501 -2.58 24.97 -53.40
C SER C 501 -1.69 25.15 -52.19
N GLU C 502 -0.39 25.38 -52.41
CA GLU C 502 0.52 25.62 -51.30
C GLU C 502 0.20 26.93 -50.59
N ALA C 503 -0.17 27.97 -51.36
CA ALA C 503 -0.53 29.24 -50.77
C ALA C 503 -1.77 29.11 -49.90
N VAL C 504 -2.76 28.36 -50.37
CA VAL C 504 -3.95 28.07 -49.56
C VAL C 504 -3.54 27.31 -48.31
N CYS C 505 -2.64 26.34 -48.45
CA CYS C 505 -2.18 25.57 -47.29
C CYS C 505 -1.46 26.48 -46.29
N SER C 506 -0.62 27.39 -46.77
CA SER C 506 0.10 28.30 -45.89
C SER C 506 -0.88 29.24 -45.20
N GLU C 507 -1.92 29.65 -45.92
CA GLU C 507 -2.97 30.47 -45.34
C GLU C 507 -3.69 29.73 -44.22
N TRP C 508 -4.03 28.46 -44.43
CA TRP C 508 -4.62 27.65 -43.38
C TRP C 508 -3.63 27.40 -42.24
N LYS C 509 -2.34 27.22 -42.57
CA LYS C 509 -1.33 27.07 -41.54
C LYS C 509 -1.18 28.32 -40.69
N PHE C 510 -1.29 29.49 -41.32
CA PHE C 510 -1.19 30.74 -40.58
C PHE C 510 -2.35 30.90 -39.60
N ALA C 511 -3.55 30.45 -39.98
CA ALA C 511 -4.67 30.46 -39.06
C ALA C 511 -4.38 29.63 -37.81
N ALA C 512 -3.77 28.46 -37.99
CA ALA C 512 -3.40 27.63 -36.86
C ALA C 512 -2.43 28.34 -35.93
N CYS C 513 -1.48 29.09 -36.49
CA CYS C 513 -0.53 29.84 -35.68
C CYS C 513 -1.22 30.92 -34.87
N VAL C 514 -2.17 31.64 -35.48
CA VAL C 514 -2.92 32.66 -34.76
C VAL C 514 -3.74 32.04 -33.64
N VAL C 515 -4.37 30.89 -33.91
CA VAL C 515 -5.17 30.22 -32.89
C VAL C 515 -4.28 29.76 -31.75
N ASP C 516 -3.07 29.32 -32.05
CA ASP C 516 -2.11 28.99 -30.99
C ASP C 516 -1.82 30.19 -30.10
N ARG C 517 -1.58 31.35 -30.70
CA ARG C 517 -1.25 32.53 -29.90
C ARG C 517 -2.45 33.02 -29.10
N LEU C 518 -3.65 33.01 -29.71
CA LEU C 518 -4.85 33.40 -28.98
C LEU C 518 -5.08 32.49 -27.79
N CYS C 519 -5.05 31.18 -28.02
CA CYS C 519 -5.32 30.25 -26.95
C CYS C 519 -4.15 30.14 -26.00
N LEU C 520 -2.94 30.53 -26.42
CA LEU C 520 -1.86 30.73 -25.48
C LEU C 520 -2.20 31.82 -24.47
N MET C 521 -2.61 33.00 -24.97
CA MET C 521 -3.00 34.10 -24.09
C MET C 521 -4.25 33.76 -23.29
N ALA C 522 -5.26 33.18 -23.95
CA ALA C 522 -6.51 32.89 -23.27
C ALA C 522 -6.32 31.87 -22.16
N PHE C 523 -5.57 30.80 -22.41
CA PHE C 523 -5.38 29.79 -21.39
C PHE C 523 -4.44 30.28 -20.29
N SER C 524 -3.53 31.21 -20.62
CA SER C 524 -2.69 31.81 -19.59
C SER C 524 -3.53 32.62 -18.60
N VAL C 525 -4.48 33.41 -19.10
CA VAL C 525 -5.36 34.17 -18.23
C VAL C 525 -6.24 33.24 -17.40
N PHE C 526 -6.80 32.21 -18.04
CA PHE C 526 -7.63 31.26 -17.31
C PHE C 526 -6.83 30.59 -16.20
N THR C 527 -5.60 30.19 -16.50
CA THR C 527 -4.76 29.53 -15.50
C THR C 527 -4.48 30.47 -14.33
N ILE C 528 -4.12 31.72 -14.62
CA ILE C 528 -3.77 32.67 -13.57
C ILE C 528 -4.98 32.98 -12.70
N ILE C 529 -6.12 33.31 -13.33
CA ILE C 529 -7.31 33.67 -12.58
C ILE C 529 -7.82 32.48 -11.78
N CYS C 530 -7.87 31.30 -12.40
CA CYS C 530 -8.30 30.12 -11.67
C CYS C 530 -7.33 29.77 -10.55
N THR C 531 -6.03 29.82 -10.84
CA THR C 531 -5.04 29.57 -9.79
C THR C 531 -5.18 30.60 -8.66
N ILE C 532 -5.16 31.88 -9.00
CA ILE C 532 -5.26 32.92 -7.98
C ILE C 532 -6.64 32.92 -7.33
N GLY C 533 -7.69 32.81 -8.14
CA GLY C 533 -9.04 32.91 -7.60
C GLY C 533 -9.38 31.79 -6.65
N ILE C 534 -9.04 30.55 -7.02
CA ILE C 534 -9.35 29.41 -6.17
C ILE C 534 -8.51 29.44 -4.90
N LEU C 535 -7.22 29.78 -5.02
CA LEU C 535 -6.35 29.76 -3.85
C LEU C 535 -6.65 30.89 -2.87
N MET C 536 -6.86 32.11 -3.37
CA MET C 536 -7.15 33.23 -2.48
C MET C 536 -8.61 33.30 -2.04
N SER C 537 -9.46 32.39 -2.53
CA SER C 537 -10.79 32.26 -1.95
C SER C 537 -10.76 31.65 -0.56
N ALA C 538 -9.66 30.98 -0.21
CA ALA C 538 -9.55 30.41 1.14
C ALA C 538 -9.37 31.52 2.16
N PRO C 539 -10.11 31.50 3.29
CA PRO C 539 -9.88 32.55 4.30
C PRO C 539 -8.47 32.57 4.85
N ASN C 540 -7.78 31.43 4.89
CA ASN C 540 -6.49 31.29 5.54
C ASN C 540 -5.31 31.27 4.57
N PHE C 541 -5.53 31.65 3.31
CA PHE C 541 -4.42 31.62 2.36
C PHE C 541 -3.39 32.70 2.66
N VAL C 542 -3.84 33.91 2.98
CA VAL C 542 -2.91 35.01 3.26
C VAL C 542 -2.08 34.68 4.50
N GLU C 543 -2.71 34.14 5.54
CA GLU C 543 -1.98 33.72 6.73
C GLU C 543 -0.94 32.67 6.40
N ALA C 544 -1.28 31.72 5.52
CA ALA C 544 -0.38 30.62 5.19
C ALA C 544 0.90 31.13 4.53
N VAL C 545 0.78 31.95 3.49
CA VAL C 545 1.96 32.44 2.78
C VAL C 545 2.79 33.34 3.69
N SER C 546 2.16 34.02 4.64
CA SER C 546 2.91 34.86 5.56
C SER C 546 3.72 34.02 6.55
N LYS C 547 3.13 32.97 7.11
CA LYS C 547 3.78 32.21 8.17
C LYS C 547 4.65 31.08 7.65
N ASP C 548 4.18 30.34 6.64
CA ASP C 548 4.84 29.12 6.20
C ASP C 548 5.75 29.33 4.99
N PHE C 549 5.79 30.52 4.42
CA PHE C 549 6.59 30.79 3.22
C PHE C 549 7.40 32.07 3.38
N GLU D 1 -21.66 7.01 54.68
CA GLU D 1 -22.22 6.27 55.85
C GLU D 1 -23.26 5.28 55.37
N PHE D 2 -24.06 5.70 54.40
CA PHE D 2 -25.16 4.91 53.87
C PHE D 2 -24.77 4.22 52.57
N GLN D 3 -23.99 4.89 51.74
CA GLN D 3 -23.47 4.26 50.54
C GLN D 3 -22.55 3.09 50.91
N ARG D 4 -21.78 3.26 51.98
CA ARG D 4 -20.89 2.20 52.47
C ARG D 4 -21.68 1.00 52.99
N LYS D 5 -22.78 1.27 53.68
CA LYS D 5 -23.59 0.21 54.26
C LYS D 5 -24.41 -0.54 53.21
N LEU D 6 -24.90 0.16 52.19
CA LEU D 6 -25.63 -0.51 51.12
C LEU D 6 -24.75 -1.44 50.28
N TYR D 7 -23.60 -0.94 49.79
CA TYR D 7 -22.64 -1.80 49.11
C TYR D 7 -22.24 -3.05 49.91
N LYS D 8 -22.31 -2.98 51.22
CA LYS D 8 -21.95 -4.12 52.04
C LYS D 8 -23.11 -5.09 52.20
N GLU D 9 -24.33 -4.56 52.38
CA GLU D 9 -25.49 -5.43 52.47
C GLU D 9 -25.87 -6.02 51.12
N LEU D 10 -25.64 -5.31 50.02
CA LEU D 10 -26.12 -5.82 48.74
C LEU D 10 -25.29 -6.98 48.22
N VAL D 11 -24.04 -7.13 48.66
CA VAL D 11 -23.18 -8.21 48.16
C VAL D 11 -23.23 -9.44 49.05
N LYS D 12 -23.84 -9.36 50.23
CA LYS D 12 -24.06 -10.53 51.07
C LYS D 12 -24.75 -11.64 50.29
N ASN D 13 -24.06 -12.77 50.16
CA ASN D 13 -24.56 -13.98 49.51
C ASN D 13 -24.83 -13.80 48.03
N TYR D 14 -24.40 -12.70 47.42
CA TYR D 14 -24.72 -12.50 46.02
C TYR D 14 -23.81 -13.39 45.18
N ASN D 15 -24.33 -13.81 44.03
CA ASN D 15 -23.63 -14.69 43.11
C ASN D 15 -23.84 -14.15 41.71
N PRO D 16 -22.79 -13.67 41.01
CA PRO D 16 -23.00 -13.23 39.62
C PRO D 16 -23.26 -14.38 38.65
N LEU D 17 -23.22 -15.64 39.11
CA LEU D 17 -23.57 -16.77 38.27
C LEU D 17 -25.08 -16.94 38.18
N GLU D 18 -25.80 -16.61 39.26
CA GLU D 18 -27.23 -16.83 39.33
C GLU D 18 -27.98 -15.84 38.46
N ARG D 19 -28.87 -16.35 37.62
CA ARG D 19 -29.75 -15.47 36.86
C ARG D 19 -30.71 -14.80 37.84
N PRO D 20 -30.87 -13.47 37.81
CA PRO D 20 -31.57 -12.75 38.90
C PRO D 20 -33.09 -12.64 38.84
N VAL D 21 -33.77 -13.73 39.18
CA VAL D 21 -35.22 -13.84 39.08
C VAL D 21 -35.70 -14.44 40.38
N ALA D 22 -36.94 -14.11 40.75
CA ALA D 22 -37.50 -14.65 41.98
C ALA D 22 -37.99 -16.07 41.78
N ASN D 23 -38.62 -16.34 40.64
CA ASN D 23 -39.12 -17.67 40.29
C ASN D 23 -38.23 -18.23 39.20
N ASP D 24 -37.50 -19.30 39.52
CA ASP D 24 -36.52 -19.87 38.59
C ASP D 24 -37.14 -20.39 37.31
N SER D 25 -38.43 -20.77 37.34
CA SER D 25 -39.05 -21.35 36.16
C SER D 25 -39.37 -20.30 35.10
N GLN D 26 -39.54 -19.05 35.49
CA GLN D 26 -39.86 -18.00 34.54
C GLN D 26 -38.58 -17.52 33.84
N PRO D 27 -38.68 -17.06 32.59
CA PRO D 27 -37.52 -16.40 31.98
C PRO D 27 -37.39 -14.96 32.44
N LEU D 28 -36.15 -14.48 32.41
CA LEU D 28 -35.87 -13.10 32.80
C LEU D 28 -36.05 -12.23 31.56
N THR D 29 -36.85 -11.18 31.71
CA THR D 29 -37.03 -10.24 30.62
C THR D 29 -35.84 -9.30 30.57
N VAL D 30 -35.31 -9.09 29.37
CA VAL D 30 -34.21 -8.18 29.13
C VAL D 30 -34.62 -7.36 27.93
N TYR D 31 -34.64 -6.05 28.08
CA TYR D 31 -34.89 -5.15 26.96
C TYR D 31 -33.55 -4.73 26.36
N PHE D 32 -33.37 -5.04 25.08
CA PHE D 32 -32.16 -4.70 24.36
C PHE D 32 -32.48 -3.58 23.38
N SER D 33 -31.53 -2.69 23.21
CA SER D 33 -31.62 -1.64 22.21
C SER D 33 -30.22 -1.15 21.97
N LEU D 34 -30.10 -0.02 21.30
CA LEU D 34 -28.79 0.56 21.07
C LEU D 34 -28.96 2.00 20.64
N SER D 35 -27.87 2.73 20.72
CA SER D 35 -27.79 4.11 20.25
C SER D 35 -26.71 4.11 19.20
N LEU D 36 -27.04 4.59 18.01
CA LEU D 36 -26.08 4.71 16.94
C LEU D 36 -25.50 6.11 17.01
N LEU D 37 -24.22 6.19 17.33
CA LEU D 37 -23.49 7.44 17.39
C LEU D 37 -22.83 7.80 16.07
N GLN D 38 -22.14 6.84 15.47
CA GLN D 38 -21.37 7.14 14.27
C GLN D 38 -21.11 5.86 13.50
N ILE D 39 -21.15 5.98 12.18
CA ILE D 39 -20.75 4.91 11.27
C ILE D 39 -19.31 5.27 10.94
N MET D 40 -18.38 4.53 11.50
CA MET D 40 -16.99 4.83 11.26
C MET D 40 -16.48 4.39 9.91
N ASP D 41 -16.89 3.26 9.41
CA ASP D 41 -16.35 2.79 8.15
C ASP D 41 -17.18 1.65 7.59
N VAL D 42 -17.35 1.67 6.27
CA VAL D 42 -17.99 0.60 5.52
C VAL D 42 -16.88 0.07 4.64
N ASP D 43 -16.38 -1.12 4.98
CA ASP D 43 -15.27 -1.75 4.25
C ASP D 43 -15.87 -2.68 3.21
N GLU D 44 -15.96 -2.20 1.98
CA GLU D 44 -16.59 -2.99 0.93
C GLU D 44 -15.70 -4.15 0.49
N LYS D 45 -14.39 -4.03 0.65
CA LYS D 45 -13.48 -5.10 0.25
C LYS D 45 -13.56 -6.27 1.22
N ASN D 46 -13.50 -5.99 2.51
CA ASN D 46 -13.58 -7.00 3.55
C ASN D 46 -15.01 -7.30 4.01
N GLN D 47 -16.01 -6.60 3.47
CA GLN D 47 -17.41 -6.82 3.81
C GLN D 47 -17.66 -6.60 5.31
N VAL D 48 -17.10 -5.52 5.85
CA VAL D 48 -17.15 -5.25 7.28
C VAL D 48 -17.68 -3.83 7.49
N LEU D 49 -18.67 -3.72 8.38
CA LEU D 49 -19.19 -2.44 8.84
C LEU D 49 -18.62 -2.13 10.22
N THR D 50 -17.95 -0.99 10.34
CA THR D 50 -17.50 -0.46 11.63
C THR D 50 -18.46 0.62 12.10
N THR D 51 -18.87 0.55 13.36
CA THR D 51 -19.81 1.50 13.95
C THR D 51 -19.46 1.79 15.40
N ASN D 52 -19.74 3.00 15.84
CA ASN D 52 -19.62 3.39 17.23
C ASN D 52 -21.02 3.33 17.83
N ILE D 53 -21.21 2.44 18.77
CA ILE D 53 -22.52 2.09 19.30
C ILE D 53 -22.44 2.06 20.82
N TRP D 54 -23.49 2.53 21.46
CA TRP D 54 -23.72 2.24 22.86
C TRP D 54 -24.86 1.24 22.85
N LEU D 55 -24.68 0.11 23.51
CA LEU D 55 -25.74 -0.87 23.60
C LEU D 55 -26.54 -0.53 24.82
N GLN D 56 -27.80 -0.92 24.85
CA GLN D 56 -28.66 -0.60 25.99
C GLN D 56 -29.39 -1.86 26.42
N MET D 57 -29.04 -2.37 27.58
CA MET D 57 -29.68 -3.53 28.16
C MET D 57 -30.31 -3.05 29.45
N SER D 58 -31.47 -3.57 29.77
CA SER D 58 -32.12 -3.25 31.02
C SER D 58 -32.89 -4.45 31.49
N TRP D 59 -32.83 -4.70 32.79
CA TRP D 59 -33.60 -5.78 33.37
C TRP D 59 -33.81 -5.44 34.83
N THR D 60 -34.48 -6.33 35.54
CA THR D 60 -34.69 -6.23 36.97
C THR D 60 -33.88 -7.30 37.66
N ASP D 61 -33.31 -6.94 38.83
CA ASP D 61 -32.53 -7.86 39.64
C ASP D 61 -33.30 -7.95 40.95
N HIS D 62 -33.75 -9.16 41.28
CA HIS D 62 -34.53 -9.38 42.49
C HIS D 62 -33.76 -9.06 43.77
N TYR D 63 -32.45 -9.27 43.79
CA TYR D 63 -31.67 -9.12 45.01
C TYR D 63 -31.00 -7.77 45.19
N LEU D 64 -31.00 -6.91 44.17
CA LEU D 64 -30.44 -5.57 44.27
C LEU D 64 -31.51 -4.51 44.53
N GLN D 65 -32.19 -4.63 45.66
CA GLN D 65 -33.28 -3.73 46.04
C GLN D 65 -33.08 -3.25 47.47
N TRP D 66 -33.33 -1.96 47.70
CA TRP D 66 -33.27 -1.39 49.04
C TRP D 66 -34.39 -0.37 49.22
N ASN D 67 -34.65 -0.03 50.48
CA ASN D 67 -35.60 1.01 50.86
C ASN D 67 -34.84 2.32 51.03
N VAL D 68 -35.07 3.28 50.14
CA VAL D 68 -34.36 4.56 50.17
C VAL D 68 -34.61 5.34 51.47
N SER D 69 -35.66 5.01 52.23
CA SER D 69 -35.81 5.65 53.53
C SER D 69 -34.76 5.17 54.52
N GLU D 70 -34.19 3.99 54.30
CA GLU D 70 -33.22 3.40 55.20
C GLU D 70 -31.79 3.69 54.77
N TYR D 71 -31.60 4.28 53.59
CA TYR D 71 -30.28 4.67 53.09
C TYR D 71 -30.44 6.06 52.49
N PRO D 72 -30.61 7.09 53.34
CA PRO D 72 -30.92 8.44 52.84
C PRO D 72 -29.89 9.00 51.86
N GLY D 73 -30.39 9.48 50.73
CA GLY D 73 -29.56 9.97 49.66
C GLY D 73 -28.96 8.93 48.74
N VAL D 74 -29.19 7.66 48.99
CA VAL D 74 -28.60 6.57 48.22
C VAL D 74 -29.70 6.03 47.34
N LYS D 75 -29.72 6.45 46.08
CA LYS D 75 -30.79 6.11 45.17
C LYS D 75 -30.34 5.21 44.04
N THR D 76 -29.06 5.29 43.67
CA THR D 76 -28.47 4.42 42.67
C THR D 76 -27.15 3.88 43.20
N VAL D 77 -26.80 2.68 42.72
CA VAL D 77 -25.53 2.04 43.03
C VAL D 77 -24.93 1.60 41.70
N ARG D 78 -23.65 1.26 41.73
CA ARG D 78 -22.92 0.91 40.52
C ARG D 78 -22.05 -0.30 40.80
N PHE D 79 -21.94 -1.19 39.81
CA PHE D 79 -21.15 -2.41 39.92
C PHE D 79 -20.32 -2.65 38.67
N PRO D 80 -19.04 -3.06 38.80
CA PRO D 80 -18.22 -3.28 37.59
C PRO D 80 -18.35 -4.71 37.07
N ASP D 81 -17.62 -5.02 36.01
CA ASP D 81 -17.72 -6.33 35.38
C ASP D 81 -17.32 -7.45 36.35
N GLY D 82 -18.12 -8.50 36.37
CA GLY D 82 -17.86 -9.67 37.18
C GLY D 82 -18.44 -9.63 38.57
N GLN D 83 -18.94 -8.47 39.03
CA GLN D 83 -19.43 -8.34 40.39
C GLN D 83 -20.92 -8.51 40.51
N ILE D 84 -21.68 -8.37 39.42
CA ILE D 84 -23.09 -8.71 39.40
C ILE D 84 -23.42 -9.42 38.10
N TRP D 85 -24.53 -10.15 38.12
CA TRP D 85 -25.00 -10.84 36.93
C TRP D 85 -25.32 -9.84 35.83
N LYS D 86 -24.91 -10.20 34.62
CA LYS D 86 -25.21 -9.45 33.41
C LYS D 86 -25.70 -10.43 32.35
N PRO D 87 -26.48 -9.98 31.37
CA PRO D 87 -26.73 -10.84 30.21
C PRO D 87 -25.52 -10.87 29.29
N ASP D 88 -25.16 -12.07 28.84
CA ASP D 88 -24.00 -12.24 27.97
C ASP D 88 -24.36 -12.01 26.50
N ILE D 89 -24.99 -10.87 26.22
CA ILE D 89 -25.43 -10.58 24.85
C ILE D 89 -24.20 -10.26 24.01
N LEU D 90 -24.09 -10.95 22.87
CA LEU D 90 -22.96 -10.81 21.97
C LEU D 90 -23.47 -10.47 20.58
N LEU D 91 -22.64 -9.79 19.81
CA LEU D 91 -22.88 -9.63 18.40
C LEU D 91 -22.57 -10.95 17.70
N TYR D 92 -23.56 -11.52 17.02
CA TYR D 92 -23.37 -12.82 16.40
C TYR D 92 -22.47 -12.74 15.18
N ASN D 93 -22.65 -11.72 14.34
CA ASN D 93 -21.89 -11.57 13.11
C ASN D 93 -20.71 -10.62 13.31
N SER D 94 -20.09 -10.68 14.48
CA SER D 94 -18.87 -9.94 14.72
C SER D 94 -17.77 -10.34 13.74
N ALA D 95 -17.05 -9.33 13.24
CA ALA D 95 -15.85 -9.52 12.43
C ALA D 95 -14.59 -9.08 13.16
N ASP D 96 -14.61 -9.03 14.49
CA ASP D 96 -13.47 -8.60 15.27
C ASP D 96 -12.66 -9.82 15.70
N GLU D 97 -11.34 -9.73 15.56
CA GLU D 97 -10.46 -10.84 15.93
C GLU D 97 -10.69 -11.30 17.37
N ARG D 98 -11.05 -10.37 18.26
CA ARG D 98 -11.41 -10.72 19.63
C ARG D 98 -12.85 -11.20 19.72
N PHE D 99 -13.62 -11.05 18.64
CA PHE D 99 -15.05 -11.36 18.55
C PHE D 99 -15.89 -10.33 19.30
N ASP D 100 -15.74 -10.26 20.62
CA ASP D 100 -16.51 -9.34 21.45
C ASP D 100 -15.71 -8.05 21.61
N ALA D 101 -16.24 -6.94 21.06
CA ALA D 101 -15.57 -5.66 21.07
C ALA D 101 -16.16 -4.69 22.08
N THR D 102 -16.99 -5.16 23.00
CA THR D 102 -17.69 -4.30 23.94
C THR D 102 -16.74 -3.86 25.06
N PHE D 103 -16.68 -2.55 25.32
CA PHE D 103 -15.91 -2.03 26.44
C PHE D 103 -16.81 -2.05 27.67
N HIS D 104 -16.41 -2.81 28.67
CA HIS D 104 -17.25 -3.04 29.82
C HIS D 104 -17.20 -1.84 30.76
N THR D 105 -18.37 -1.49 31.30
CA THR D 105 -18.57 -0.31 32.12
C THR D 105 -19.47 -0.72 33.28
N ASN D 106 -19.86 0.23 34.11
CA ASN D 106 -20.68 -0.11 35.25
C ASN D 106 -22.09 -0.47 34.82
N VAL D 107 -22.79 -1.17 35.71
CA VAL D 107 -24.22 -1.36 35.64
C VAL D 107 -24.83 -0.45 36.69
N LEU D 108 -25.75 0.42 36.28
CA LEU D 108 -26.45 1.29 37.20
C LEU D 108 -27.71 0.57 37.69
N VAL D 109 -28.00 0.71 38.98
CA VAL D 109 -29.09 -0.03 39.62
C VAL D 109 -29.75 0.89 40.64
N ASN D 110 -31.06 1.12 40.49
CA ASN D 110 -31.79 1.93 41.44
C ASN D 110 -32.48 1.05 42.49
N SER D 111 -33.20 1.70 43.40
CA SER D 111 -33.68 1.05 44.61
C SER D 111 -34.72 -0.05 44.38
N SER D 112 -35.45 -0.03 43.28
CA SER D 112 -36.38 -1.12 42.95
C SER D 112 -35.72 -2.24 42.16
N GLY D 113 -34.41 -2.23 42.03
CA GLY D 113 -33.69 -3.31 41.38
C GLY D 113 -33.56 -3.18 39.90
N HIS D 114 -33.97 -2.07 39.32
CA HIS D 114 -33.92 -1.91 37.89
CA HIS D 114 -33.92 -1.91 37.89
C HIS D 114 -32.48 -1.65 37.48
N CYS D 115 -31.97 -2.46 36.56
CA CYS D 115 -30.58 -2.41 36.17
C CYS D 115 -30.48 -1.86 34.77
N GLN D 116 -29.54 -0.95 34.60
CA GLN D 116 -29.27 -0.32 33.32
C GLN D 116 -27.79 -0.51 33.04
N TYR D 117 -27.47 -0.93 31.82
CA TYR D 117 -26.10 -1.26 31.44
C TYR D 117 -25.89 -0.78 30.01
N LEU D 118 -25.01 0.22 29.84
CA LEU D 118 -24.80 0.88 28.56
C LEU D 118 -23.33 0.85 28.18
N PRO D 119 -22.79 -0.31 27.85
CA PRO D 119 -21.38 -0.36 27.52
C PRO D 119 -21.14 0.24 26.16
N PRO D 120 -20.16 1.14 26.00
CA PRO D 120 -19.88 1.66 24.67
C PRO D 120 -19.08 0.63 23.88
N GLY D 121 -18.88 0.93 22.62
CA GLY D 121 -18.04 0.05 21.86
C GLY D 121 -17.83 0.45 20.43
N ILE D 122 -16.70 0.03 19.87
CA ILE D 122 -16.47 0.14 18.45
C ILE D 122 -16.64 -1.30 18.00
N PHE D 123 -17.59 -1.52 17.11
CA PHE D 123 -17.97 -2.85 16.68
C PHE D 123 -17.63 -3.00 15.22
N LYS D 124 -17.17 -4.18 14.87
CA LYS D 124 -16.96 -4.56 13.49
C LYS D 124 -17.85 -5.76 13.27
N SER D 125 -18.64 -5.73 12.21
CA SER D 125 -19.65 -6.73 11.97
C SER D 125 -19.57 -7.17 10.53
N SER D 126 -19.97 -8.41 10.27
CA SER D 126 -19.99 -8.91 8.92
C SER D 126 -21.29 -8.49 8.27
N CYS D 127 -21.18 -7.87 7.11
CA CYS D 127 -22.32 -7.33 6.39
C CYS D 127 -22.13 -7.66 4.93
N TYR D 128 -23.05 -8.41 4.35
CA TYR D 128 -23.05 -8.55 2.92
C TYR D 128 -23.26 -7.17 2.32
N ILE D 129 -22.28 -6.71 1.54
CA ILE D 129 -22.30 -5.38 0.94
C ILE D 129 -22.57 -5.61 -0.52
N ASP D 130 -23.74 -5.19 -0.98
CA ASP D 130 -24.20 -5.48 -2.32
C ASP D 130 -23.69 -4.35 -3.22
N VAL D 131 -22.71 -4.67 -4.05
CA VAL D 131 -22.04 -3.67 -4.88
C VAL D 131 -22.62 -3.66 -6.28
N ARG D 132 -23.83 -4.22 -6.46
CA ARG D 132 -24.43 -4.29 -7.79
C ARG D 132 -24.64 -2.90 -8.39
N TRP D 133 -25.03 -1.94 -7.55
CA TRP D 133 -25.43 -0.61 -8.00
C TRP D 133 -24.45 0.47 -7.59
N PHE D 134 -23.33 0.11 -6.93
CA PHE D 134 -22.24 1.01 -6.58
C PHE D 134 -21.90 1.92 -7.77
N PRO D 135 -21.77 3.24 -7.59
CA PRO D 135 -21.78 4.03 -6.34
C PRO D 135 -23.17 4.52 -5.94
N PHE D 136 -24.24 4.16 -6.64
CA PHE D 136 -25.59 4.55 -6.25
C PHE D 136 -26.28 3.42 -5.49
N ASP D 137 -25.64 2.93 -4.44
CA ASP D 137 -26.13 1.76 -3.72
C ASP D 137 -26.71 2.16 -2.37
N VAL D 138 -27.63 1.32 -1.91
CA VAL D 138 -28.18 1.39 -0.57
C VAL D 138 -27.84 0.05 0.08
N GLN D 139 -27.34 0.10 1.30
CA GLN D 139 -26.90 -1.10 2.00
C GLN D 139 -27.79 -1.32 3.21
N HIS D 140 -27.99 -2.61 3.53
CA HIS D 140 -28.85 -3.03 4.63
C HIS D 140 -27.99 -3.96 5.48
N CYS D 141 -27.25 -3.38 6.40
CA CYS D 141 -26.29 -4.14 7.20
C CYS D 141 -26.96 -4.56 8.48
N LYS D 142 -26.95 -5.85 8.75
CA LYS D 142 -27.59 -6.40 9.93
C LYS D 142 -26.61 -6.45 11.08
N LEU D 143 -27.13 -6.22 12.28
CA LEU D 143 -26.38 -6.36 13.52
C LEU D 143 -27.23 -7.30 14.37
N LYS D 144 -26.81 -8.55 14.47
CA LYS D 144 -27.58 -9.56 15.19
C LYS D 144 -27.01 -9.69 16.60
N PHE D 145 -27.89 -9.60 17.58
CA PHE D 145 -27.53 -9.61 18.99
C PHE D 145 -28.41 -10.61 19.71
N GLY D 146 -27.79 -11.42 20.55
CA GLY D 146 -28.56 -12.29 21.41
C GLY D 146 -27.68 -12.88 22.48
N SER D 147 -28.33 -13.35 23.54
CA SER D 147 -27.62 -14.06 24.59
C SER D 147 -26.98 -15.31 24.01
N TRP D 148 -25.71 -15.52 24.34
CA TRP D 148 -24.99 -16.64 23.74
C TRP D 148 -25.46 -17.96 24.32
N SER D 149 -25.59 -18.04 25.64
CA SER D 149 -25.83 -19.29 26.33
C SER D 149 -27.18 -19.38 27.04
N TYR D 150 -27.99 -18.31 27.07
CA TYR D 150 -29.30 -18.33 27.71
C TYR D 150 -30.36 -18.41 26.60
N GLY D 151 -31.08 -19.52 26.56
CA GLY D 151 -32.18 -19.67 25.63
C GLY D 151 -33.45 -18.97 26.09
N GLY D 152 -34.48 -19.09 25.25
CA GLY D 152 -35.73 -18.39 25.47
C GLY D 152 -36.47 -18.79 26.73
N TRP D 153 -36.29 -20.04 27.20
CA TRP D 153 -36.89 -20.43 28.47
C TRP D 153 -36.25 -19.76 29.67
N SER D 154 -35.06 -19.18 29.50
CA SER D 154 -34.36 -18.51 30.58
C SER D 154 -34.30 -16.99 30.41
N LEU D 155 -34.22 -16.50 29.17
CA LEU D 155 -33.98 -15.08 28.92
C LEU D 155 -34.93 -14.61 27.83
N ASP D 156 -35.92 -13.81 28.22
CA ASP D 156 -36.93 -13.28 27.30
C ASP D 156 -36.41 -11.97 26.75
N LEU D 157 -35.62 -12.06 25.68
CA LEU D 157 -35.08 -10.87 25.06
C LEU D 157 -36.19 -10.10 24.37
N GLN D 158 -36.34 -8.83 24.72
CA GLN D 158 -37.30 -7.93 24.11
C GLN D 158 -36.57 -6.75 23.48
N MET D 159 -37.23 -6.14 22.50
CA MET D 159 -36.63 -5.12 21.67
C MET D 159 -37.24 -3.76 22.01
N GLN D 160 -36.42 -2.73 21.89
CA GLN D 160 -36.88 -1.35 21.99
C GLN D 160 -36.28 -0.57 20.82
N GLU D 161 -36.96 0.51 20.46
CA GLU D 161 -36.57 1.31 19.31
C GLU D 161 -35.16 1.84 19.46
N ALA D 162 -34.41 1.82 18.35
CA ALA D 162 -33.04 2.31 18.37
C ALA D 162 -33.02 3.84 18.51
N ASP D 163 -32.02 4.33 19.25
CA ASP D 163 -31.80 5.75 19.46
C ASP D 163 -30.85 6.26 18.39
N ILE D 164 -31.24 7.37 17.74
CA ILE D 164 -30.37 8.06 16.79
C ILE D 164 -30.33 9.55 17.10
N SER D 165 -30.78 9.93 18.31
CA SER D 165 -30.83 11.35 18.66
C SER D 165 -29.43 11.94 18.74
N GLY D 166 -28.46 11.17 19.26
CA GLY D 166 -27.08 11.60 19.29
C GLY D 166 -26.25 11.11 18.12
N TYR D 167 -26.91 10.78 17.01
CA TYR D 167 -26.20 10.31 15.83
C TYR D 167 -25.48 11.46 15.14
N ILE D 168 -24.25 11.21 14.71
CA ILE D 168 -23.43 12.23 14.07
C ILE D 168 -23.31 11.82 12.61
N PRO D 169 -23.83 12.61 11.66
CA PRO D 169 -23.75 12.23 10.25
C PRO D 169 -22.35 11.96 9.75
N ASN D 170 -22.27 11.17 8.70
CA ASN D 170 -21.03 10.78 8.08
C ASN D 170 -21.08 11.45 6.71
N GLY D 171 -19.94 11.79 6.16
CA GLY D 171 -19.96 12.40 4.86
C GLY D 171 -20.14 11.46 3.69
N GLU D 172 -19.98 10.16 3.86
CA GLU D 172 -20.20 9.22 2.78
C GLU D 172 -21.53 8.46 2.87
N TRP D 173 -22.17 8.41 4.03
CA TRP D 173 -23.39 7.63 4.20
C TRP D 173 -24.48 8.43 4.89
N ASP D 174 -25.65 8.50 4.25
CA ASP D 174 -26.85 9.07 4.86
C ASP D 174 -27.62 7.93 5.52
N LEU D 175 -27.66 7.95 6.84
CA LEU D 175 -28.51 7.01 7.57
C LEU D 175 -29.98 7.17 7.17
N VAL D 176 -30.55 6.11 6.61
CA VAL D 176 -31.96 6.10 6.22
C VAL D 176 -32.82 5.69 7.40
N GLY D 177 -32.34 4.76 8.21
CA GLY D 177 -33.02 4.33 9.41
C GLY D 177 -32.34 3.08 9.95
N ILE D 178 -32.72 2.74 11.17
CA ILE D 178 -32.20 1.56 11.85
C ILE D 178 -33.36 0.71 12.38
N PRO D 179 -34.24 0.21 11.50
CA PRO D 179 -35.31 -0.68 11.96
C PRO D 179 -34.76 -1.93 12.61
N GLY D 180 -35.43 -2.39 13.66
CA GLY D 180 -35.08 -3.63 14.32
C GLY D 180 -36.19 -4.65 14.34
N LYS D 181 -35.85 -5.92 14.56
CA LYS D 181 -36.83 -7.00 14.63
C LYS D 181 -36.35 -8.07 15.59
N ARG D 182 -37.23 -8.47 16.51
CA ARG D 182 -36.97 -9.59 17.41
C ARG D 182 -37.46 -10.88 16.79
N SER D 183 -36.57 -11.87 16.70
CA SER D 183 -36.83 -13.17 16.09
C SER D 183 -36.59 -14.27 17.12
N GLU D 184 -37.25 -15.40 16.93
CA GLU D 184 -37.09 -16.58 17.78
C GLU D 184 -36.66 -17.71 16.85
N ARG D 185 -35.43 -18.20 16.99
CA ARG D 185 -34.85 -19.17 16.07
C ARG D 185 -34.37 -20.42 16.81
N PHE D 186 -34.34 -21.54 16.08
CA PHE D 186 -33.77 -22.80 16.53
C PHE D 186 -32.43 -23.03 15.86
N TYR D 187 -31.51 -23.65 16.60
CA TYR D 187 -30.20 -24.01 16.09
C TYR D 187 -29.95 -25.48 16.34
N GLU D 188 -29.18 -26.10 15.44
CA GLU D 188 -28.94 -27.54 15.53
C GLU D 188 -28.17 -27.92 16.80
N CYS D 189 -27.52 -26.95 17.45
CA CYS D 189 -26.92 -27.19 18.76
C CYS D 189 -27.93 -27.70 19.76
N CYS D 190 -29.11 -27.08 19.78
CA CYS D 190 -29.94 -27.04 20.96
C CYS D 190 -31.41 -27.27 20.59
N LYS D 191 -32.13 -27.93 21.48
CA LYS D 191 -33.57 -28.13 21.29
C LYS D 191 -34.34 -26.89 21.71
N GLU D 192 -33.83 -26.14 22.68
CA GLU D 192 -34.46 -24.90 23.08
C GLU D 192 -34.18 -23.83 22.02
N PRO D 193 -35.15 -22.95 21.72
CA PRO D 193 -34.87 -21.85 20.80
C PRO D 193 -34.21 -20.67 21.51
N TYR D 194 -33.54 -19.86 20.71
CA TYR D 194 -32.74 -18.74 21.22
C TYR D 194 -33.22 -17.44 20.60
N PRO D 195 -33.88 -16.54 21.33
CA PRO D 195 -34.25 -15.26 20.72
C PRO D 195 -33.04 -14.41 20.40
N ASP D 196 -33.20 -13.58 19.37
CA ASP D 196 -32.21 -12.57 19.04
C ASP D 196 -32.94 -11.30 18.64
N VAL D 197 -32.18 -10.22 18.60
CA VAL D 197 -32.67 -8.90 18.22
C VAL D 197 -31.72 -8.39 17.16
N THR D 198 -32.24 -8.18 15.96
CA THR D 198 -31.44 -7.75 14.85
C THR D 198 -31.84 -6.32 14.51
N PHE D 199 -30.83 -5.50 14.24
CA PHE D 199 -31.02 -4.12 13.81
C PHE D 199 -30.40 -4.04 12.44
N THR D 200 -31.15 -3.49 11.50
CA THR D 200 -30.71 -3.36 10.13
C THR D 200 -30.47 -1.88 9.89
N VAL D 201 -29.23 -1.53 9.58
CA VAL D 201 -28.86 -0.14 9.35
C VAL D 201 -28.98 0.07 7.85
N THR D 202 -29.95 0.89 7.45
CA THR D 202 -30.17 1.23 6.06
C THR D 202 -29.45 2.55 5.80
N MET D 203 -28.40 2.50 4.98
CA MET D 203 -27.53 3.64 4.76
C MET D 203 -27.31 3.82 3.26
N ARG D 204 -27.47 5.04 2.79
CA ARG D 204 -27.41 5.38 1.38
C ARG D 204 -26.06 6.01 1.11
N ARG D 205 -25.37 5.54 0.09
CA ARG D 205 -24.11 6.14 -0.28
C ARG D 205 -24.34 7.52 -0.85
N ARG D 206 -23.53 8.47 -0.41
CA ARG D 206 -23.52 9.82 -0.97
C ARG D 206 -22.51 9.82 -2.10
N THR D 207 -22.90 10.39 -3.22
CA THR D 207 -22.25 10.10 -4.48
C THR D 207 -21.43 11.26 -5.05
N LEU D 208 -21.30 12.38 -4.33
CA LEU D 208 -20.53 13.49 -4.87
C LEU D 208 -19.07 13.10 -5.08
N TYR D 209 -18.43 12.57 -4.04
CA TYR D 209 -17.03 12.14 -4.14
C TYR D 209 -16.83 11.14 -5.28
N TYR D 210 -17.71 10.16 -5.40
CA TYR D 210 -17.57 9.16 -6.45
C TYR D 210 -17.97 9.72 -7.80
N GLY D 211 -18.87 10.71 -7.83
CA GLY D 211 -19.11 11.40 -9.09
C GLY D 211 -17.88 12.11 -9.61
N LEU D 212 -17.16 12.77 -8.72
CA LEU D 212 -16.00 13.54 -9.10
C LEU D 212 -14.73 12.71 -9.24
N ASN D 213 -14.65 11.54 -8.63
CA ASN D 213 -13.44 10.72 -8.71
C ASN D 213 -13.56 9.52 -9.63
N LEU D 214 -14.77 9.06 -9.95
CA LEU D 214 -14.96 7.87 -10.78
C LEU D 214 -15.80 8.14 -12.01
N LEU D 215 -16.99 8.70 -11.84
CA LEU D 215 -17.93 8.85 -12.95
C LEU D 215 -17.59 10.00 -13.87
N ILE D 216 -17.36 11.21 -13.33
CA ILE D 216 -17.03 12.36 -14.16
C ILE D 216 -15.67 12.20 -14.83
N PRO D 217 -14.61 11.77 -14.14
CA PRO D 217 -13.34 11.54 -14.85
C PRO D 217 -13.49 10.60 -16.03
N CYS D 218 -14.33 9.57 -15.90
CA CYS D 218 -14.52 8.61 -16.97
C CYS D 218 -15.22 9.21 -18.17
N VAL D 219 -16.21 10.08 -17.94
CA VAL D 219 -16.94 10.70 -19.05
C VAL D 219 -16.03 11.55 -19.91
N LEU D 220 -15.15 12.32 -19.27
CA LEU D 220 -14.30 13.25 -20.02
C LEU D 220 -13.27 12.50 -20.87
N ILE D 221 -12.77 11.42 -20.31
CA ILE D 221 -11.78 10.51 -20.95
C ILE D 221 -12.49 9.82 -22.11
N SER D 222 -13.76 9.48 -21.96
CA SER D 222 -14.56 8.97 -23.05
C SER D 222 -14.69 10.01 -24.14
N ALA D 223 -14.89 11.28 -23.74
CA ALA D 223 -14.94 12.37 -24.71
C ALA D 223 -13.59 12.59 -25.38
N LEU D 224 -12.48 12.41 -24.63
CA LEU D 224 -11.16 12.52 -25.24
C LEU D 224 -10.95 11.46 -26.30
N ALA D 225 -11.47 10.25 -26.07
CA ALA D 225 -11.32 9.18 -27.05
C ALA D 225 -12.01 9.54 -28.37
N LEU D 226 -13.04 10.37 -28.33
CA LEU D 226 -13.68 10.84 -29.55
C LEU D 226 -12.89 11.92 -30.27
N LEU D 227 -11.88 12.52 -29.61
CA LEU D 227 -11.04 13.46 -30.33
C LEU D 227 -10.11 12.78 -31.30
N VAL D 228 -9.92 11.46 -31.17
CA VAL D 228 -9.16 10.73 -32.17
C VAL D 228 -9.88 10.78 -33.51
N PHE D 229 -11.21 10.77 -33.50
CA PHE D 229 -11.98 10.89 -34.72
C PHE D 229 -11.95 12.28 -35.32
N LEU D 230 -11.42 13.28 -34.61
CA LEU D 230 -11.26 14.63 -35.13
C LEU D 230 -9.81 14.96 -35.46
N LEU D 231 -8.86 14.14 -35.00
CA LEU D 231 -7.48 14.37 -35.34
C LEU D 231 -7.25 14.07 -36.82
N PRO D 232 -6.58 14.94 -37.58
CA PRO D 232 -6.24 14.54 -38.96
C PRO D 232 -5.32 13.34 -38.96
N ALA D 233 -5.41 12.54 -40.03
CA ALA D 233 -4.57 11.36 -40.13
C ALA D 233 -3.11 11.73 -40.36
N ASP D 234 -2.84 12.82 -41.06
CA ASP D 234 -1.47 13.25 -41.31
C ASP D 234 -0.75 13.72 -40.06
N SER D 235 -1.46 13.90 -38.93
CA SER D 235 -0.79 14.36 -37.72
C SER D 235 0.18 13.31 -37.19
N GLY D 236 -0.13 12.03 -37.38
CA GLY D 236 0.74 10.98 -36.91
C GLY D 236 0.58 10.64 -35.44
N GLU D 237 -0.52 11.07 -34.82
CA GLU D 237 -0.72 10.93 -33.38
C GLU D 237 -2.07 10.31 -33.01
N LYS D 238 -2.72 9.61 -33.95
CA LYS D 238 -4.04 9.05 -33.63
C LYS D 238 -3.91 7.88 -32.68
N ILE D 239 -3.02 6.94 -32.97
CA ILE D 239 -2.85 5.79 -32.09
C ILE D 239 -2.28 6.24 -30.75
N SER D 240 -1.35 7.20 -30.77
CA SER D 240 -0.81 7.72 -29.52
C SER D 240 -1.92 8.28 -28.64
N LEU D 241 -2.77 9.15 -29.20
CA LEU D 241 -3.92 9.65 -28.46
C LEU D 241 -4.84 8.52 -28.02
N GLY D 242 -5.24 7.67 -28.96
CA GLY D 242 -6.19 6.63 -28.65
C GLY D 242 -5.67 5.65 -27.62
N ILE D 243 -4.50 5.05 -27.87
CA ILE D 243 -3.98 4.06 -26.94
C ILE D 243 -3.61 4.71 -25.60
N THR D 244 -3.19 5.97 -25.61
CA THR D 244 -2.86 6.63 -24.35
C THR D 244 -4.11 6.85 -23.51
N VAL D 245 -5.23 7.20 -24.16
CA VAL D 245 -6.48 7.33 -23.43
C VAL D 245 -6.87 5.96 -22.88
N LEU D 246 -6.59 4.90 -23.65
CA LEU D 246 -6.91 3.55 -23.18
C LEU D 246 -6.06 3.19 -21.96
N LEU D 247 -4.77 3.56 -21.96
CA LEU D 247 -3.96 3.35 -20.77
C LEU D 247 -4.42 4.22 -19.62
N SER D 248 -5.08 5.34 -19.91
CA SER D 248 -5.59 6.20 -18.85
C SER D 248 -6.81 5.54 -18.23
N LEU D 249 -7.50 4.69 -19.00
CA LEU D 249 -8.71 4.02 -18.56
C LEU D 249 -8.40 2.83 -17.64
N THR D 250 -7.24 2.19 -17.78
CA THR D 250 -6.88 1.11 -16.86
C THR D 250 -6.59 1.59 -15.44
N VAL D 251 -6.27 2.87 -15.24
CA VAL D 251 -5.92 3.27 -13.89
C VAL D 251 -7.20 3.28 -13.07
N PHE D 252 -8.30 3.55 -13.77
CA PHE D 252 -9.58 3.57 -13.11
C PHE D 252 -10.07 2.14 -12.88
N MET D 253 -9.76 1.22 -13.79
CA MET D 253 -10.23 -0.16 -13.68
C MET D 253 -9.53 -0.84 -12.52
N LEU D 254 -8.27 -0.47 -12.25
CA LEU D 254 -7.54 -0.98 -11.11
C LEU D 254 -7.96 -0.28 -9.82
N LEU D 255 -8.38 0.97 -9.90
CA LEU D 255 -8.92 1.62 -8.71
C LEU D 255 -10.19 0.92 -8.26
N VAL D 256 -11.08 0.56 -9.21
CA VAL D 256 -12.31 -0.15 -8.87
C VAL D 256 -12.00 -1.56 -8.37
N ALA D 257 -11.07 -2.25 -9.04
CA ALA D 257 -10.74 -3.61 -8.62
C ALA D 257 -10.15 -3.61 -7.21
N GLU D 258 -9.45 -2.54 -6.84
CA GLU D 258 -8.86 -2.46 -5.51
C GLU D 258 -9.90 -2.18 -4.41
N ILE D 259 -10.95 -1.40 -4.69
CA ILE D 259 -11.96 -1.12 -3.67
C ILE D 259 -13.15 -2.07 -3.67
N MET D 260 -13.35 -2.84 -4.73
CA MET D 260 -14.51 -3.73 -4.79
C MET D 260 -14.17 -5.11 -4.23
N PRO D 261 -15.12 -5.80 -3.60
CA PRO D 261 -14.83 -7.17 -3.13
C PRO D 261 -14.72 -8.10 -4.32
N ALA D 262 -13.90 -9.13 -4.18
CA ALA D 262 -13.65 -10.06 -5.28
C ALA D 262 -14.74 -11.14 -5.27
N THR D 263 -15.93 -10.75 -5.72
CA THR D 263 -17.11 -11.59 -5.64
C THR D 263 -17.77 -11.75 -7.00
N SER D 264 -18.54 -12.83 -7.10
CA SER D 264 -19.19 -13.24 -8.34
C SER D 264 -20.70 -13.32 -8.17
N ASP D 265 -21.25 -12.62 -7.16
CA ASP D 265 -22.69 -12.56 -6.99
C ASP D 265 -23.34 -11.65 -8.02
N SER D 266 -22.55 -10.80 -8.68
CA SER D 266 -23.03 -9.88 -9.71
C SER D 266 -21.85 -9.06 -10.20
N VAL D 267 -22.09 -8.21 -11.20
CA VAL D 267 -21.10 -7.28 -11.71
C VAL D 267 -21.56 -5.90 -11.26
N PRO D 268 -20.73 -5.13 -10.51
CA PRO D 268 -21.14 -3.77 -10.15
C PRO D 268 -21.54 -2.90 -11.31
N LEU D 269 -22.36 -1.91 -11.01
CA LEU D 269 -22.73 -0.95 -12.04
C LEU D 269 -21.50 -0.21 -12.56
N ILE D 270 -20.61 0.19 -11.66
CA ILE D 270 -19.39 0.88 -12.07
C ILE D 270 -18.55 0.00 -12.98
N ALA D 271 -18.51 -1.30 -12.71
CA ALA D 271 -17.77 -2.21 -13.57
C ALA D 271 -18.38 -2.28 -14.96
N GLN D 272 -19.71 -2.28 -15.05
CA GLN D 272 -20.34 -2.32 -16.36
C GLN D 272 -20.13 -1.01 -17.11
N TYR D 273 -20.10 0.10 -16.38
CA TYR D 273 -19.91 1.40 -17.02
C TYR D 273 -18.47 1.59 -17.48
N PHE D 274 -17.50 1.22 -16.65
CA PHE D 274 -16.10 1.32 -17.07
C PHE D 274 -15.77 0.29 -18.14
N ALA D 275 -16.32 -0.92 -18.03
CA ALA D 275 -16.07 -1.92 -19.06
C ALA D 275 -16.66 -1.50 -20.40
N SER D 276 -17.85 -0.89 -20.39
CA SER D 276 -18.41 -0.40 -21.65
C SER D 276 -17.60 0.76 -22.20
N THR D 277 -17.17 1.68 -21.34
CA THR D 277 -16.35 2.80 -21.80
C THR D 277 -15.04 2.28 -22.40
N MET D 278 -14.42 1.30 -21.75
CA MET D 278 -13.16 0.79 -22.28
C MET D 278 -13.36 -0.01 -23.55
N ILE D 279 -14.55 -0.58 -23.75
CA ILE D 279 -14.85 -1.24 -25.01
C ILE D 279 -15.21 -0.25 -26.09
N ILE D 280 -15.67 0.95 -25.73
CA ILE D 280 -15.92 1.98 -26.74
C ILE D 280 -14.61 2.64 -27.15
N VAL D 281 -13.69 2.83 -26.21
CA VAL D 281 -12.38 3.37 -26.55
C VAL D 281 -11.53 2.31 -27.22
N GLY D 282 -11.63 1.07 -26.75
CA GLY D 282 -10.91 -0.01 -27.39
C GLY D 282 -11.40 -0.27 -28.80
N LEU D 283 -12.69 -0.04 -29.06
CA LEU D 283 -13.21 -0.16 -30.41
C LEU D 283 -12.89 1.06 -31.26
N SER D 284 -12.59 2.20 -30.65
CA SER D 284 -12.16 3.36 -31.42
C SER D 284 -10.71 3.24 -31.85
N VAL D 285 -9.94 2.37 -31.19
CA VAL D 285 -8.58 2.06 -31.63
C VAL D 285 -8.64 1.10 -32.81
N VAL D 286 -9.57 0.14 -32.76
CA VAL D 286 -9.77 -0.77 -33.88
C VAL D 286 -10.20 0.00 -35.12
N VAL D 287 -11.18 0.89 -34.95
CA VAL D 287 -11.64 1.73 -36.05
C VAL D 287 -10.56 2.67 -36.53
N THR D 288 -9.73 3.16 -35.60
CA THR D 288 -8.62 4.04 -35.99
C THR D 288 -7.63 3.30 -36.87
N VAL D 289 -7.36 2.03 -36.56
CA VAL D 289 -6.49 1.22 -37.39
C VAL D 289 -7.08 1.07 -38.79
N ILE D 290 -8.40 0.86 -38.88
CA ILE D 290 -9.04 0.77 -40.18
C ILE D 290 -8.97 2.10 -40.92
N VAL D 291 -9.15 3.21 -40.20
CA VAL D 291 -9.04 4.53 -40.81
C VAL D 291 -7.65 4.74 -41.39
N LEU D 292 -6.61 4.37 -40.63
CA LEU D 292 -5.25 4.56 -41.09
C LEU D 292 -4.94 3.69 -42.29
N GLN D 293 -5.51 2.48 -42.36
CA GLN D 293 -5.37 1.66 -43.55
C GLN D 293 -5.94 2.35 -44.77
N TYR D 294 -7.09 3.00 -44.63
CA TYR D 294 -7.67 3.76 -45.74
C TYR D 294 -6.78 4.93 -46.12
N HIS D 295 -6.30 5.68 -45.11
CA HIS D 295 -5.50 6.87 -45.37
C HIS D 295 -4.17 6.51 -46.03
N HIS D 296 -3.51 5.46 -45.54
CA HIS D 296 -2.21 5.04 -46.04
C HIS D 296 -2.31 3.97 -47.12
N HIS D 297 -3.47 3.84 -47.76
CA HIS D 297 -3.65 2.81 -48.77
C HIS D 297 -2.70 3.03 -49.95
N ASP D 298 -2.07 1.95 -50.38
CA ASP D 298 -1.17 2.00 -51.52
C ASP D 298 -1.98 2.24 -52.79
N PRO D 299 -1.73 3.32 -53.55
CA PRO D 299 -2.57 3.54 -54.75
C PRO D 299 -2.43 2.44 -55.79
N ASP D 300 -1.28 1.78 -55.87
CA ASP D 300 -1.06 0.70 -56.82
C ASP D 300 -1.55 -0.64 -56.30
N GLY D 301 -2.31 -0.65 -55.21
CA GLY D 301 -2.88 -1.88 -54.67
C GLY D 301 -4.27 -2.15 -55.22
N GLY D 302 -5.03 -2.93 -54.45
CA GLY D 302 -6.38 -3.27 -54.87
C GLY D 302 -7.26 -2.03 -54.96
N LYS D 303 -8.05 -1.96 -56.03
CA LYS D 303 -8.95 -0.85 -56.23
C LYS D 303 -10.03 -0.83 -55.16
N MET D 304 -10.74 0.28 -55.07
CA MET D 304 -11.77 0.44 -54.06
C MET D 304 -13.02 -0.33 -54.47
N PRO D 305 -13.52 -1.29 -53.67
CA PRO D 305 -14.77 -1.97 -54.02
C PRO D 305 -15.90 -0.99 -54.29
N LYS D 306 -16.70 -1.30 -55.32
CA LYS D 306 -17.85 -0.48 -55.66
C LYS D 306 -18.81 -0.29 -54.49
N TRP D 307 -18.92 -1.27 -53.59
CA TRP D 307 -19.77 -1.08 -52.42
C TRP D 307 -19.23 0.04 -51.53
N THR D 308 -17.90 0.22 -51.51
CA THR D 308 -17.30 1.24 -50.66
C THR D 308 -17.46 2.63 -51.26
N ARG D 309 -17.36 2.76 -52.59
CA ARG D 309 -17.46 4.08 -53.21
C ARG D 309 -18.89 4.61 -53.23
N VAL D 310 -19.88 3.79 -52.92
CA VAL D 310 -21.27 4.23 -52.79
C VAL D 310 -21.66 4.42 -51.33
N ILE D 311 -21.30 3.46 -50.47
CA ILE D 311 -21.74 3.53 -49.07
C ILE D 311 -21.11 4.72 -48.37
N LEU D 312 -19.85 5.05 -48.71
CA LEU D 312 -19.13 6.11 -48.02
C LEU D 312 -19.05 7.40 -48.84
N LEU D 313 -18.65 7.33 -50.10
CA LEU D 313 -18.41 8.54 -50.87
C LEU D 313 -19.66 9.11 -51.55
N ASN D 314 -20.80 8.42 -51.47
CA ASN D 314 -22.05 8.96 -51.99
C ASN D 314 -23.08 9.16 -50.88
N TRP D 315 -23.51 8.10 -50.21
CA TRP D 315 -24.52 8.21 -49.17
C TRP D 315 -24.02 9.04 -47.99
N CYS D 316 -23.07 8.47 -47.24
CA CYS D 316 -22.53 9.15 -46.06
C CYS D 316 -21.82 10.45 -46.40
N ALA D 317 -21.29 10.58 -47.61
CA ALA D 317 -20.66 11.84 -48.01
C ALA D 317 -21.68 12.91 -48.38
N TRP D 318 -22.94 12.55 -48.54
CA TRP D 318 -24.04 13.51 -48.75
C TRP D 318 -24.78 13.80 -47.45
N PHE D 319 -25.07 12.77 -46.66
CA PHE D 319 -25.70 12.96 -45.36
C PHE D 319 -24.92 13.94 -44.50
N LEU D 320 -23.63 13.70 -44.34
CA LEU D 320 -22.78 14.54 -43.50
C LEU D 320 -22.39 15.86 -44.16
N ARG D 321 -22.82 16.10 -45.40
CA ARG D 321 -22.60 17.37 -46.09
C ARG D 321 -21.11 17.72 -46.17
N MET D 322 -20.30 16.73 -46.59
CA MET D 322 -18.85 16.90 -46.58
C MET D 322 -18.28 17.26 -47.95
N LYS D 323 -18.63 16.51 -48.98
CA LYS D 323 -18.09 16.73 -50.32
C LYS D 323 -16.58 16.56 -50.35
N PRO D 479 16.00 16.37 -86.18
CA PRO D 479 16.40 15.04 -85.71
C PRO D 479 16.67 15.01 -84.21
N ASP D 480 17.29 16.08 -83.70
CA ASP D 480 17.54 16.19 -82.27
C ASP D 480 16.33 16.73 -81.53
N LEU D 481 15.48 17.49 -82.20
CA LEU D 481 14.30 18.05 -81.54
C LEU D 481 13.28 16.98 -81.20
N ALA D 482 13.26 15.87 -81.95
CA ALA D 482 12.36 14.78 -81.64
C ALA D 482 12.82 13.99 -80.43
N LYS D 483 14.13 13.91 -80.21
CA LYS D 483 14.64 13.25 -79.01
C LYS D 483 14.32 14.06 -77.76
N ILE D 484 14.41 15.39 -77.85
CA ILE D 484 13.96 16.23 -76.74
C ILE D 484 12.48 16.02 -76.48
N LEU D 485 11.68 15.95 -77.55
CA LEU D 485 10.24 15.76 -77.40
C LEU D 485 9.94 14.44 -76.71
N GLU D 486 10.62 13.37 -77.11
CA GLU D 486 10.41 12.08 -76.47
C GLU D 486 10.79 12.13 -75.00
N GLU D 487 11.89 12.81 -74.69
CA GLU D 487 12.40 12.80 -73.32
C GLU D 487 11.50 13.64 -72.41
N VAL D 488 11.10 14.83 -72.86
CA VAL D 488 10.23 15.70 -72.06
C VAL D 488 8.83 15.10 -71.92
N ARG D 489 8.38 14.39 -72.95
CA ARG D 489 7.08 13.72 -72.86
C ARG D 489 7.08 12.69 -71.75
N TYR D 490 8.19 11.98 -71.57
CA TYR D 490 8.32 11.07 -70.45
C TYR D 490 8.22 11.81 -69.12
N ILE D 491 8.87 12.97 -69.00
CA ILE D 491 8.85 13.71 -67.74
C ILE D 491 7.43 14.15 -67.41
N ALA D 492 6.73 14.68 -68.39
CA ALA D 492 5.35 15.13 -68.17
C ALA D 492 4.40 13.95 -67.97
N ASN D 493 4.56 12.88 -68.74
CA ASN D 493 3.69 11.72 -68.55
C ASN D 493 3.94 11.09 -67.19
N ARG D 494 5.18 11.11 -66.72
CA ARG D 494 5.47 10.68 -65.35
C ARG D 494 4.73 11.54 -64.34
N PHE D 495 4.68 12.85 -64.59
CA PHE D 495 3.90 13.73 -63.74
C PHE D 495 2.41 13.39 -63.79
N ARG D 496 1.90 13.11 -64.98
CA ARG D 496 0.48 12.79 -65.11
C ARG D 496 0.13 11.51 -64.37
N CYS D 497 0.99 10.48 -64.48
CA CYS D 497 0.77 9.26 -63.72
C CYS D 497 0.80 9.53 -62.22
N GLN D 498 1.64 10.47 -61.78
CA GLN D 498 1.70 10.81 -60.37
C GLN D 498 0.43 11.53 -59.93
N ASP D 499 -0.17 12.34 -60.81
CA ASP D 499 -1.42 13.01 -60.48
C ASP D 499 -2.57 12.02 -60.36
N GLU D 500 -2.67 11.06 -61.28
CA GLU D 500 -3.73 10.06 -61.19
C GLU D 500 -3.55 9.19 -59.95
N SER D 501 -2.31 8.79 -59.65
CA SER D 501 -2.04 8.07 -58.42
C SER D 501 -2.37 8.93 -57.22
N GLU D 502 -2.05 10.22 -57.29
CA GLU D 502 -2.38 11.14 -56.20
C GLU D 502 -3.90 11.31 -56.06
N ALA D 503 -4.62 11.36 -57.18
CA ALA D 503 -6.07 11.48 -57.13
C ALA D 503 -6.69 10.25 -56.48
N VAL D 504 -6.19 9.06 -56.82
CA VAL D 504 -6.65 7.84 -56.16
C VAL D 504 -6.33 7.90 -54.68
N CYS D 505 -5.13 8.39 -54.32
CA CYS D 505 -4.77 8.51 -52.92
C CYS D 505 -5.70 9.48 -52.19
N SER D 506 -6.02 10.61 -52.83
CA SER D 506 -6.91 11.59 -52.19
C SER D 506 -8.30 11.01 -52.04
N GLU D 507 -8.72 10.22 -53.03
CA GLU D 507 -9.99 9.52 -52.95
C GLU D 507 -10.03 8.54 -51.76
N TRP D 508 -8.95 7.77 -51.58
CA TRP D 508 -8.86 6.90 -50.41
C TRP D 508 -8.75 7.71 -49.12
N LYS D 509 -8.04 8.84 -49.16
CA LYS D 509 -7.97 9.71 -47.98
C LYS D 509 -9.33 10.28 -47.62
N PHE D 510 -10.14 10.62 -48.62
CA PHE D 510 -11.47 11.15 -48.34
C PHE D 510 -12.36 10.10 -47.68
N ALA D 511 -12.22 8.84 -48.07
CA ALA D 511 -12.95 7.76 -47.40
C ALA D 511 -12.61 7.70 -45.92
N ALA D 512 -11.33 7.86 -45.58
CA ALA D 512 -10.92 7.86 -44.18
C ALA D 512 -11.58 9.01 -43.41
N CYS D 513 -11.70 10.18 -44.04
CA CYS D 513 -12.34 11.31 -43.40
C CYS D 513 -13.81 11.04 -43.14
N VAL D 514 -14.50 10.44 -44.11
CA VAL D 514 -15.91 10.10 -43.91
C VAL D 514 -16.07 9.07 -42.80
N VAL D 515 -15.19 8.08 -42.75
CA VAL D 515 -15.26 7.07 -41.70
C VAL D 515 -15.01 7.69 -40.34
N ASP D 516 -14.11 8.67 -40.27
CA ASP D 516 -13.91 9.42 -39.02
C ASP D 516 -15.20 10.09 -38.57
N ARG D 517 -15.90 10.76 -39.49
CA ARG D 517 -17.11 11.48 -39.11
C ARG D 517 -18.23 10.51 -38.73
N LEU D 518 -18.39 9.42 -39.48
CA LEU D 518 -19.40 8.43 -39.14
C LEU D 518 -19.14 7.84 -37.76
N CYS D 519 -17.91 7.41 -37.53
CA CYS D 519 -17.60 6.78 -36.25
C CYS D 519 -17.48 7.81 -35.14
N LEU D 520 -17.27 9.09 -35.48
CA LEU D 520 -17.44 10.15 -34.49
C LEU D 520 -18.89 10.19 -34.00
N MET D 521 -19.84 10.26 -34.93
CA MET D 521 -21.25 10.29 -34.57
C MET D 521 -21.67 8.98 -33.91
N ALA D 522 -21.26 7.85 -34.48
CA ALA D 522 -21.68 6.55 -33.96
C ALA D 522 -21.16 6.32 -32.54
N PHE D 523 -19.90 6.64 -32.29
CA PHE D 523 -19.34 6.42 -30.96
C PHE D 523 -19.88 7.45 -29.96
N SER D 524 -20.26 8.64 -30.44
CA SER D 524 -20.90 9.61 -29.56
C SER D 524 -22.24 9.10 -29.07
N VAL D 525 -23.04 8.53 -29.96
CA VAL D 525 -24.33 7.96 -29.56
C VAL D 525 -24.12 6.78 -28.61
N PHE D 526 -23.17 5.90 -28.93
CA PHE D 526 -22.91 4.76 -28.06
C PHE D 526 -22.49 5.23 -26.68
N THR D 527 -21.62 6.24 -26.61
CA THR D 527 -21.17 6.75 -25.32
C THR D 527 -22.33 7.33 -24.52
N ILE D 528 -23.17 8.13 -25.17
CA ILE D 528 -24.28 8.77 -24.47
C ILE D 528 -25.28 7.73 -23.98
N ILE D 529 -25.70 6.82 -24.86
CA ILE D 529 -26.69 5.82 -24.48
C ILE D 529 -26.13 4.88 -23.42
N CYS D 530 -24.89 4.43 -23.58
CA CYS D 530 -24.29 3.57 -22.56
C CYS D 530 -24.10 4.32 -21.25
N THR D 531 -23.61 5.56 -21.32
CA THR D 531 -23.48 6.37 -20.12
C THR D 531 -24.83 6.58 -19.45
N ILE D 532 -25.81 7.07 -20.21
CA ILE D 532 -27.13 7.34 -19.63
C ILE D 532 -27.82 6.04 -19.26
N GLY D 533 -27.77 5.04 -20.14
CA GLY D 533 -28.51 3.81 -19.88
C GLY D 533 -28.01 3.05 -18.68
N ILE D 534 -26.69 2.94 -18.54
CA ILE D 534 -26.13 2.20 -17.40
C ILE D 534 -26.36 2.97 -16.11
N LEU D 535 -26.20 4.29 -16.12
CA LEU D 535 -26.33 5.06 -14.90
C LEU D 535 -27.78 5.17 -14.43
N MET D 536 -28.71 5.43 -15.35
CA MET D 536 -30.11 5.56 -14.96
C MET D 536 -30.82 4.21 -14.83
N SER D 537 -30.13 3.10 -15.10
CA SER D 537 -30.69 1.80 -14.73
C SER D 537 -30.65 1.57 -13.22
N ALA D 538 -29.86 2.33 -12.49
CA ALA D 538 -29.84 2.21 -11.04
C ALA D 538 -31.14 2.74 -10.44
N PRO D 539 -31.79 2.03 -9.52
CA PRO D 539 -33.00 2.59 -8.90
C PRO D 539 -32.77 3.90 -8.17
N ASN D 540 -31.57 4.12 -7.63
CA ASN D 540 -31.27 5.26 -6.77
C ASN D 540 -30.51 6.37 -7.47
N PHE D 541 -30.42 6.35 -8.80
CA PHE D 541 -29.67 7.38 -9.50
C PHE D 541 -30.37 8.74 -9.42
N VAL D 542 -31.69 8.75 -9.62
CA VAL D 542 -32.43 10.01 -9.59
C VAL D 542 -32.36 10.64 -8.21
N GLU D 543 -32.50 9.81 -7.16
CA GLU D 543 -32.35 10.31 -5.79
C GLU D 543 -30.97 10.90 -5.57
N ALA D 544 -29.93 10.26 -6.11
CA ALA D 544 -28.56 10.71 -5.88
C ALA D 544 -28.32 12.10 -6.46
N VAL D 545 -28.67 12.31 -7.73
CA VAL D 545 -28.45 13.61 -8.36
C VAL D 545 -29.29 14.69 -7.69
N SER D 546 -30.46 14.32 -7.15
CA SER D 546 -31.28 15.31 -6.47
C SER D 546 -30.66 15.74 -5.14
N LYS D 547 -30.17 14.79 -4.36
CA LYS D 547 -29.70 15.08 -3.01
C LYS D 547 -28.24 15.49 -2.96
N ASP D 548 -27.36 14.81 -3.71
CA ASP D 548 -25.93 14.99 -3.59
C ASP D 548 -25.34 15.95 -4.62
N PHE D 549 -26.14 16.43 -5.57
CA PHE D 549 -25.66 17.30 -6.64
C PHE D 549 -26.55 18.52 -6.79
N GLU E 1 -34.06 -18.97 44.60
CA GLU E 1 -34.04 -19.79 45.85
C GLU E 1 -33.34 -21.11 45.58
N PHE E 2 -33.60 -21.68 44.40
CA PHE E 2 -33.07 -22.98 44.01
C PHE E 2 -31.86 -22.84 43.11
N GLN E 3 -31.87 -21.84 42.24
CA GLN E 3 -30.69 -21.56 41.44
C GLN E 3 -29.53 -21.14 42.34
N ARG E 4 -29.82 -20.38 43.39
CA ARG E 4 -28.80 -19.95 44.34
C ARG E 4 -28.22 -21.13 45.13
N LYS E 5 -29.08 -22.09 45.48
CA LYS E 5 -28.65 -23.24 46.26
C LYS E 5 -27.87 -24.24 45.43
N LEU E 6 -28.24 -24.42 44.16
CA LEU E 6 -27.50 -25.32 43.27
C LEU E 6 -26.09 -24.81 42.96
N TYR E 7 -25.96 -23.56 42.53
CA TYR E 7 -24.63 -22.96 42.35
C TYR E 7 -23.74 -23.06 43.58
N LYS E 8 -24.32 -23.13 44.77
CA LYS E 8 -23.53 -23.24 45.98
C LYS E 8 -23.14 -24.67 46.26
N GLU E 9 -24.06 -25.62 46.06
CA GLU E 9 -23.73 -27.02 46.26
C GLU E 9 -22.82 -27.56 45.16
N LEU E 10 -22.94 -27.05 43.92
CA LEU E 10 -22.17 -27.64 42.83
C LEU E 10 -20.68 -27.30 42.91
N VAL E 11 -20.31 -26.19 43.56
CA VAL E 11 -18.91 -25.78 43.61
C VAL E 11 -18.21 -26.28 44.86
N LYS E 12 -18.93 -26.86 45.82
CA LYS E 12 -18.31 -27.51 46.97
C LYS E 12 -17.28 -28.54 46.52
N ASN E 13 -16.03 -28.31 46.90
CA ASN E 13 -14.90 -29.20 46.64
C ASN E 13 -14.57 -29.35 45.16
N TYR E 14 -15.15 -28.53 44.29
CA TYR E 14 -14.90 -28.72 42.88
C TYR E 14 -13.51 -28.18 42.56
N ASN E 15 -12.88 -28.78 41.57
CA ASN E 15 -11.54 -28.43 41.13
C ASN E 15 -11.52 -28.39 39.61
N PRO E 16 -11.33 -27.23 38.96
CA PRO E 16 -11.24 -27.23 37.50
C PRO E 16 -9.97 -27.86 36.96
N LEU E 17 -9.06 -28.29 37.82
CA LEU E 17 -7.86 -29.01 37.38
C LEU E 17 -8.18 -30.47 37.12
N GLU E 18 -9.11 -31.04 37.88
CA GLU E 18 -9.42 -32.46 37.80
C GLU E 18 -10.19 -32.78 36.53
N ARG E 19 -9.72 -33.77 35.78
CA ARG E 19 -10.47 -34.25 34.63
C ARG E 19 -11.74 -34.93 35.15
N PRO E 20 -12.94 -34.59 34.64
CA PRO E 20 -14.20 -35.01 35.28
C PRO E 20 -14.77 -36.39 34.94
N VAL E 21 -14.19 -37.42 35.53
CA VAL E 21 -14.53 -38.81 35.24
C VAL E 21 -14.67 -39.51 36.57
N ALA E 22 -15.50 -40.55 36.61
CA ALA E 22 -15.68 -41.30 37.83
C ALA E 22 -14.54 -42.27 38.06
N ASN E 23 -14.08 -42.92 37.00
CA ASN E 23 -12.96 -43.87 37.06
C ASN E 23 -11.77 -43.21 36.39
N ASP E 24 -10.72 -42.94 37.18
CA ASP E 24 -9.56 -42.20 36.67
C ASP E 24 -8.82 -42.93 35.57
N SER E 25 -8.94 -44.26 35.53
CA SER E 25 -8.19 -45.03 34.53
C SER E 25 -8.79 -44.92 33.14
N GLN E 26 -10.07 -44.63 33.04
CA GLN E 26 -10.72 -44.52 31.75
C GLN E 26 -10.45 -43.14 31.14
N PRO E 27 -10.41 -43.03 29.81
CA PRO E 27 -10.35 -41.71 29.20
C PRO E 27 -11.73 -41.06 29.15
N LEU E 28 -11.74 -39.74 29.16
CA LEU E 28 -12.97 -38.98 29.08
C LEU E 28 -13.32 -38.80 27.62
N THR E 29 -14.55 -39.17 27.25
CA THR E 29 -15.00 -38.96 25.89
C THR E 29 -15.42 -37.51 25.70
N VAL E 30 -14.95 -36.91 24.61
CA VAL E 30 -15.29 -35.55 24.25
C VAL E 30 -15.67 -35.60 22.79
N TYR E 31 -16.87 -35.14 22.47
CA TYR E 31 -17.30 -35.02 21.08
C TYR E 31 -17.00 -33.61 20.60
N PHE E 32 -16.18 -33.52 19.55
CA PHE E 32 -15.81 -32.25 18.96
C PHE E 32 -16.49 -32.13 17.62
N SER E 33 -16.89 -30.91 17.30
CA SER E 33 -17.44 -30.59 16.00
C SER E 33 -17.32 -29.09 15.83
N LEU E 34 -18.00 -28.55 14.84
CA LEU E 34 -17.98 -27.12 14.63
C LEU E 34 -19.12 -26.74 13.71
N SER E 35 -19.43 -25.46 13.70
CA SER E 35 -20.41 -24.87 12.81
C SER E 35 -19.66 -23.83 12.01
N LEU E 36 -19.73 -23.95 10.69
CA LEU E 36 -19.10 -22.98 9.82
C LEU E 36 -20.14 -21.94 9.49
N LEU E 37 -19.91 -20.71 9.96
CA LEU E 37 -20.78 -19.58 9.70
C LEU E 37 -20.38 -18.81 8.46
N GLN E 38 -19.09 -18.50 8.34
CA GLN E 38 -18.63 -17.64 7.27
C GLN E 38 -17.15 -17.84 7.04
N ILE E 39 -16.76 -17.81 5.78
CA ILE E 39 -15.36 -17.80 5.37
C ILE E 39 -15.08 -16.33 5.17
N MET E 40 -14.34 -15.74 6.09
CA MET E 40 -14.05 -14.33 6.00
C MET E 40 -13.00 -13.98 4.98
N ASP E 41 -11.96 -14.77 4.84
CA ASP E 41 -10.89 -14.40 3.93
C ASP E 41 -9.96 -15.57 3.68
N VAL E 42 -9.54 -15.69 2.42
CA VAL E 42 -8.54 -16.66 2.00
C VAL E 42 -7.37 -15.79 1.55
N ASP E 43 -6.31 -15.77 2.35
CA ASP E 43 -5.13 -14.95 2.08
C ASP E 43 -4.12 -15.82 1.35
N GLU E 44 -4.09 -15.70 0.02
CA GLU E 44 -3.22 -16.55 -0.77
C GLU E 44 -1.76 -16.13 -0.63
N LYS E 45 -1.49 -14.87 -0.32
CA LYS E 45 -0.12 -14.40 -0.17
C LYS E 45 0.50 -14.93 1.12
N ASN E 46 -0.22 -14.80 2.24
CA ASN E 46 0.23 -15.29 3.53
C ASN E 46 -0.15 -16.72 3.82
N GLN E 47 -0.89 -17.38 2.92
CA GLN E 47 -1.28 -18.78 3.09
C GLN E 47 -2.12 -18.97 4.35
N VAL E 48 -3.07 -18.07 4.57
CA VAL E 48 -3.89 -18.05 5.78
C VAL E 48 -5.36 -18.04 5.41
N LEU E 49 -6.12 -18.94 6.03
CA LEU E 49 -7.57 -18.97 5.93
C LEU E 49 -8.18 -18.36 7.18
N THR E 50 -8.99 -17.32 7.01
CA THR E 50 -9.78 -16.75 8.09
C THR E 50 -11.23 -17.25 8.00
N THR E 51 -11.78 -17.70 9.12
CA THR E 51 -13.14 -18.24 9.18
C THR E 51 -13.81 -17.84 10.48
N ASN E 52 -15.12 -17.67 10.41
CA ASN E 52 -15.97 -17.46 11.58
C ASN E 52 -16.59 -18.79 11.92
N ILE E 53 -16.24 -19.32 13.09
CA ILE E 53 -16.57 -20.68 13.49
C ILE E 53 -17.10 -20.65 14.91
N TRP E 54 -18.10 -21.47 15.17
CA TRP E 54 -18.45 -21.83 16.52
C TRP E 54 -17.97 -23.26 16.67
N LEU E 55 -17.18 -23.51 17.71
CA LEU E 55 -16.71 -24.86 17.96
C LEU E 55 -17.74 -25.51 18.84
N GLN E 56 -17.83 -26.83 18.80
CA GLN E 56 -18.81 -27.55 19.60
C GLN E 56 -18.14 -28.70 20.32
N MET E 57 -18.02 -28.58 21.63
CA MET E 57 -17.44 -29.61 22.46
C MET E 57 -18.57 -30.05 23.39
N SER E 58 -18.61 -31.34 23.68
CA SER E 58 -19.59 -31.85 24.62
C SER E 58 -18.97 -33.03 25.35
N TRP E 59 -19.24 -33.09 26.64
CA TRP E 59 -18.78 -34.21 27.43
C TRP E 59 -19.70 -34.32 28.63
N THR E 60 -19.42 -35.29 29.48
CA THR E 60 -20.13 -35.48 30.73
C THR E 60 -19.20 -35.13 31.88
N ASP E 61 -19.76 -34.51 32.91
CA ASP E 61 -19.04 -34.14 34.12
C ASP E 61 -19.70 -34.92 35.24
N HIS E 62 -18.92 -35.78 35.88
CA HIS E 62 -19.45 -36.62 36.95
C HIS E 62 -19.97 -35.82 38.15
N TYR E 63 -19.37 -34.68 38.45
CA TYR E 63 -19.70 -33.93 39.66
C TYR E 63 -20.73 -32.82 39.45
N LEU E 64 -21.07 -32.49 38.22
CA LEU E 64 -22.09 -31.46 37.93
C LEU E 64 -23.46 -32.09 37.63
N GLN E 65 -24.02 -32.79 38.61
CA GLN E 65 -25.29 -33.48 38.46
C GLN E 65 -26.18 -33.16 39.65
N TRP E 66 -27.47 -32.93 39.38
CA TRP E 66 -28.45 -32.70 40.43
C TRP E 66 -29.77 -33.38 40.07
N ASN E 67 -30.62 -33.52 41.07
CA ASN E 67 -31.99 -34.04 40.91
C ASN E 67 -32.94 -32.86 40.74
N VAL E 68 -33.50 -32.70 39.54
CA VAL E 68 -34.38 -31.57 39.24
C VAL E 68 -35.64 -31.57 40.12
N SER E 69 -35.98 -32.67 40.78
CA SER E 69 -37.08 -32.62 41.73
C SER E 69 -36.70 -31.84 42.98
N GLU E 70 -35.41 -31.73 43.27
CA GLU E 70 -34.93 -31.07 44.47
C GLU E 70 -34.54 -29.62 44.20
N TYR E 71 -34.54 -29.20 42.93
CA TYR E 71 -34.25 -27.82 42.55
C TYR E 71 -35.28 -27.43 41.49
N PRO E 72 -36.54 -27.24 41.90
CA PRO E 72 -37.62 -27.03 40.91
C PRO E 72 -37.40 -25.84 39.98
N GLY E 73 -37.54 -26.10 38.68
CA GLY E 73 -37.29 -25.12 37.65
C GLY E 73 -35.85 -24.93 37.26
N VAL E 74 -34.91 -25.61 37.91
CA VAL E 74 -33.49 -25.43 37.66
C VAL E 74 -33.03 -26.63 36.87
N LYS E 75 -32.92 -26.46 35.55
CA LYS E 75 -32.64 -27.57 34.65
C LYS E 75 -31.28 -27.44 34.00
N THR E 76 -30.79 -26.22 33.82
CA THR E 76 -29.46 -25.95 33.30
C THR E 76 -28.76 -24.94 34.19
N VAL E 77 -27.43 -25.03 34.23
CA VAL E 77 -26.57 -24.10 34.93
C VAL E 77 -25.49 -23.67 33.96
N ARG E 78 -24.79 -22.59 34.31
CA ARG E 78 -23.79 -22.02 33.43
C ARG E 78 -22.56 -21.65 34.24
N PHE E 79 -21.37 -21.85 33.66
CA PHE E 79 -20.12 -21.56 34.31
C PHE E 79 -19.15 -20.85 33.37
N PRO E 80 -18.43 -19.81 33.84
CA PRO E 80 -17.51 -19.10 32.94
C PRO E 80 -16.12 -19.72 32.93
N ASP E 81 -15.20 -19.13 32.17
CA ASP E 81 -13.86 -19.68 32.04
C ASP E 81 -13.14 -19.75 33.38
N GLY E 82 -12.50 -20.88 33.64
CA GLY E 82 -11.71 -21.08 34.83
C GLY E 82 -12.47 -21.64 36.01
N GLN E 83 -13.80 -21.69 35.96
CA GLN E 83 -14.60 -22.13 37.09
C GLN E 83 -14.98 -23.60 37.01
N ILE E 84 -14.94 -24.22 35.84
CA ILE E 84 -15.10 -25.66 35.71
C ILE E 84 -14.10 -26.19 34.70
N TRP E 85 -13.85 -27.49 34.80
CA TRP E 85 -12.95 -28.15 33.86
C TRP E 85 -13.49 -28.05 32.45
N LYS E 86 -12.59 -27.77 31.52
CA LYS E 86 -12.87 -27.75 30.09
C LYS E 86 -11.77 -28.53 29.38
N PRO E 87 -12.05 -29.08 28.20
CA PRO E 87 -10.95 -29.59 27.37
C PRO E 87 -10.17 -28.45 26.73
N ASP E 88 -8.84 -28.54 26.78
CA ASP E 88 -7.98 -27.50 26.22
C ASP E 88 -7.75 -27.71 24.73
N ILE E 89 -8.83 -27.88 23.97
CA ILE E 89 -8.70 -28.14 22.55
C ILE E 89 -8.25 -26.87 21.85
N LEU E 90 -7.19 -26.97 21.07
CA LEU E 90 -6.59 -25.86 20.36
C LEU E 90 -6.51 -26.17 18.87
N LEU E 91 -6.54 -25.13 18.06
CA LEU E 91 -6.21 -25.26 16.66
C LEU E 91 -4.71 -25.44 16.54
N TYR E 92 -4.28 -26.56 15.94
CA TYR E 92 -2.85 -26.83 15.84
C TYR E 92 -2.17 -25.93 14.83
N ASN E 93 -2.79 -25.72 13.68
CA ASN E 93 -2.19 -24.91 12.61
C ASN E 93 -2.70 -23.47 12.65
N SER E 94 -2.89 -22.95 13.85
CA SER E 94 -3.22 -21.54 14.02
C SER E 94 -2.14 -20.65 13.42
N ALA E 95 -2.59 -19.60 12.72
CA ALA E 95 -1.73 -18.53 12.24
C ALA E 95 -1.98 -17.21 12.96
N ASP E 96 -2.53 -17.25 14.17
CA ASP E 96 -2.83 -16.05 14.93
C ASP E 96 -1.67 -15.76 15.87
N GLU E 97 -1.26 -14.48 15.93
CA GLU E 97 -0.16 -14.08 16.81
C GLU E 97 -0.39 -14.50 18.25
N ARG E 98 -1.64 -14.52 18.69
CA ARG E 98 -1.98 -15.01 20.02
C ARG E 98 -2.08 -16.53 20.04
N PHE E 99 -2.04 -17.17 18.87
CA PHE E 99 -2.21 -18.60 18.66
C PHE E 99 -3.66 -19.04 18.86
N ASP E 100 -4.18 -18.91 20.08
CA ASP E 100 -5.55 -19.31 20.40
C ASP E 100 -6.47 -18.10 20.23
N ALA E 101 -7.37 -18.17 19.25
CA ALA E 101 -8.28 -17.08 18.92
C ALA E 101 -9.69 -17.29 19.43
N THR E 102 -9.91 -18.27 20.31
CA THR E 102 -11.24 -18.62 20.77
C THR E 102 -11.73 -17.61 21.80
N PHE E 103 -12.95 -17.08 21.59
CA PHE E 103 -13.58 -16.21 22.57
C PHE E 103 -14.31 -17.08 23.56
N HIS E 104 -13.91 -17.01 24.82
CA HIS E 104 -14.43 -17.91 25.83
C HIS E 104 -15.80 -17.45 26.29
N THR E 105 -16.70 -18.42 26.48
CA THR E 105 -18.10 -18.20 26.80
C THR E 105 -18.48 -19.22 27.87
N ASN E 106 -19.76 -19.25 28.23
CA ASN E 106 -20.16 -20.17 29.28
C ASN E 106 -20.15 -21.61 28.78
N VAL E 107 -20.12 -22.52 29.73
CA VAL E 107 -20.39 -23.94 29.50
C VAL E 107 -21.78 -24.19 30.05
N LEU E 108 -22.67 -24.72 29.23
CA LEU E 108 -24.02 -25.08 29.67
C LEU E 108 -23.99 -26.52 30.16
N VAL E 109 -24.69 -26.77 31.26
CA VAL E 109 -24.66 -28.07 31.93
C VAL E 109 -26.06 -28.37 32.44
N ASN E 110 -26.62 -29.51 32.03
CA ASN E 110 -27.93 -29.93 32.49
C ASN E 110 -27.80 -30.91 33.66
N SER E 111 -28.94 -31.38 34.15
CA SER E 111 -29.00 -32.09 35.43
C SER E 111 -28.30 -33.45 35.43
N SER E 112 -28.14 -34.09 34.28
CA SER E 112 -27.39 -35.34 34.21
C SER E 112 -25.90 -35.12 33.97
N GLY E 113 -25.42 -33.89 34.07
CA GLY E 113 -24.01 -33.61 33.96
C GLY E 113 -23.51 -33.40 32.56
N HIS E 114 -24.38 -33.36 31.58
CA HIS E 114 -23.95 -33.22 30.21
CA HIS E 114 -23.95 -33.22 30.21
C HIS E 114 -23.55 -31.77 29.97
N CYS E 115 -22.34 -31.57 29.48
CA CYS E 115 -21.76 -30.24 29.34
C CYS E 115 -21.69 -29.92 27.86
N GLN E 116 -22.08 -28.70 27.53
CA GLN E 116 -22.06 -28.19 26.18
C GLN E 116 -21.29 -26.88 26.23
N TYR E 117 -20.37 -26.71 25.29
CA TYR E 117 -19.49 -25.54 25.28
C TYR E 117 -19.30 -25.13 23.83
N LEU E 118 -19.79 -23.95 23.47
CA LEU E 118 -19.82 -23.47 22.09
C LEU E 118 -19.16 -22.11 21.97
N PRO E 119 -17.85 -22.02 22.17
CA PRO E 119 -17.22 -20.72 22.11
C PRO E 119 -17.14 -20.24 20.67
N PRO E 120 -17.54 -18.99 20.38
CA PRO E 120 -17.38 -18.51 19.01
C PRO E 120 -15.93 -18.12 18.77
N GLY E 121 -15.64 -17.79 17.54
CA GLY E 121 -14.32 -17.32 17.28
C GLY E 121 -14.04 -16.94 15.85
N ILE E 122 -13.10 -16.03 15.66
CA ILE E 122 -12.57 -15.74 14.35
C ILE E 122 -11.22 -16.41 14.40
N PHE E 123 -11.01 -17.36 13.51
CA PHE E 123 -9.81 -18.18 13.50
C PHE E 123 -9.01 -17.89 12.26
N LYS E 124 -7.70 -17.87 12.43
CA LYS E 124 -6.78 -17.78 11.32
C LYS E 124 -5.96 -19.05 11.40
N SER E 125 -5.84 -19.74 10.27
CA SER E 125 -5.21 -21.04 10.24
C SER E 125 -4.26 -21.08 9.06
N SER E 126 -3.22 -21.90 9.19
CA SER E 126 -2.26 -22.07 8.11
C SER E 126 -2.81 -23.11 7.16
N CYS E 127 -2.87 -22.75 5.89
CA CYS E 127 -3.44 -23.60 4.86
C CYS E 127 -2.52 -23.50 3.65
N TYR E 128 -1.96 -24.63 3.24
CA TYR E 128 -1.30 -24.64 1.96
C TYR E 128 -2.32 -24.31 0.89
N ILE E 129 -2.10 -23.22 0.17
CA ILE E 129 -3.03 -22.74 -0.84
C ILE E 129 -2.36 -23.03 -2.17
N ASP E 130 -2.94 -23.96 -2.92
CA ASP E 130 -2.33 -24.45 -4.14
C ASP E 130 -2.79 -23.55 -5.27
N VAL E 131 -1.88 -22.73 -5.77
CA VAL E 131 -2.20 -21.72 -6.77
C VAL E 131 -1.86 -22.23 -8.18
N ARG E 132 -1.71 -23.55 -8.34
CA ARG E 132 -1.34 -24.11 -9.63
C ARG E 132 -2.38 -23.77 -10.70
N TRP E 133 -3.66 -23.81 -10.33
CA TRP E 133 -4.76 -23.69 -11.27
C TRP E 133 -5.54 -22.39 -11.11
N PHE E 134 -5.11 -21.50 -10.20
CA PHE E 134 -5.68 -20.16 -10.01
C PHE E 134 -5.88 -19.49 -11.37
N PRO E 135 -7.06 -18.88 -11.64
CA PRO E 135 -8.20 -18.64 -10.76
C PRO E 135 -9.25 -19.76 -10.79
N PHE E 136 -9.02 -20.86 -11.48
CA PHE E 136 -9.95 -22.00 -11.47
C PHE E 136 -9.49 -23.06 -10.49
N ASP E 137 -9.25 -22.67 -9.24
CA ASP E 137 -8.67 -23.57 -8.25
C ASP E 137 -9.73 -24.02 -7.24
N VAL E 138 -9.49 -25.18 -6.67
CA VAL E 138 -10.23 -25.71 -5.54
C VAL E 138 -9.21 -25.89 -4.43
N GLN E 139 -9.56 -25.43 -3.23
CA GLN E 139 -8.65 -25.48 -2.11
C GLN E 139 -9.20 -26.42 -1.05
N HIS E 140 -8.29 -27.09 -0.34
CA HIS E 140 -8.62 -28.07 0.69
C HIS E 140 -7.86 -27.63 1.93
N CYS E 141 -8.46 -26.75 2.70
CA CYS E 141 -7.81 -26.15 3.85
C CYS E 141 -8.15 -26.96 5.08
N LYS E 142 -7.13 -27.43 5.78
CA LYS E 142 -7.32 -28.26 6.96
C LYS E 142 -7.39 -27.39 8.20
N LEU E 143 -8.22 -27.82 9.15
CA LEU E 143 -8.33 -27.21 10.45
C LEU E 143 -8.12 -28.36 11.43
N LYS E 144 -6.94 -28.43 12.02
CA LYS E 144 -6.59 -29.53 12.92
C LYS E 144 -6.84 -29.08 14.35
N PHE E 145 -7.57 -29.90 15.09
CA PHE E 145 -8.00 -29.60 16.45
C PHE E 145 -7.67 -30.80 17.32
N GLY E 146 -7.10 -30.54 18.48
CA GLY E 146 -6.94 -31.60 19.46
C GLY E 146 -6.54 -31.02 20.79
N SER E 147 -6.76 -31.82 21.83
CA SER E 147 -6.31 -31.44 23.16
C SER E 147 -4.80 -31.29 23.16
N TRP E 148 -4.33 -30.19 23.73
CA TRP E 148 -2.90 -29.91 23.69
C TRP E 148 -2.12 -30.84 24.61
N SER E 149 -2.61 -31.04 25.83
CA SER E 149 -1.87 -31.74 26.87
C SER E 149 -2.51 -33.04 27.34
N TYR E 150 -3.70 -33.40 26.86
CA TYR E 150 -4.36 -34.65 27.24
C TYR E 150 -4.22 -35.63 26.09
N GLY E 151 -3.49 -36.71 26.31
CA GLY E 151 -3.35 -37.75 25.33
C GLY E 151 -4.55 -38.69 25.31
N GLY E 152 -4.46 -39.68 24.40
CA GLY E 152 -5.57 -40.60 24.17
C GLY E 152 -5.94 -41.46 25.36
N TRP E 153 -4.98 -41.76 26.24
CA TRP E 153 -5.32 -42.50 27.45
C TRP E 153 -6.15 -41.69 28.43
N SER E 154 -6.20 -40.36 28.28
CA SER E 154 -6.97 -39.49 29.15
C SER E 154 -8.18 -38.88 28.48
N LEU E 155 -8.12 -38.59 27.18
CA LEU E 155 -9.17 -37.85 26.48
C LEU E 155 -9.47 -38.54 25.16
N ASP E 156 -10.63 -39.17 25.08
CA ASP E 156 -11.07 -39.89 23.89
C ASP E 156 -11.82 -38.91 23.01
N LEU E 157 -11.08 -38.18 22.19
CA LEU E 157 -11.69 -37.23 21.28
C LEU E 157 -12.46 -37.97 20.20
N GLN E 158 -13.75 -37.66 20.05
CA GLN E 158 -14.60 -38.21 19.02
C GLN E 158 -15.15 -37.09 18.15
N MET E 159 -15.49 -37.44 16.93
CA MET E 159 -15.87 -36.50 15.90
C MET E 159 -17.37 -36.59 15.65
N GLN E 160 -17.96 -35.44 15.30
CA GLN E 160 -19.33 -35.37 14.84
C GLN E 160 -19.37 -34.50 13.60
N GLU E 161 -20.39 -34.72 12.77
CA GLU E 161 -20.50 -34.04 11.50
C GLU E 161 -20.56 -32.53 11.68
N ALA E 162 -19.88 -31.82 10.79
CA ALA E 162 -19.86 -30.36 10.85
C ALA E 162 -21.21 -29.79 10.45
N ASP E 163 -21.60 -28.71 11.13
CA ASP E 163 -22.84 -28.00 10.86
C ASP E 163 -22.57 -26.88 9.85
N ILE E 164 -23.40 -26.83 8.80
CA ILE E 164 -23.34 -25.75 7.83
C ILE E 164 -24.73 -25.17 7.60
N SER E 165 -25.68 -25.48 8.50
CA SER E 165 -27.05 -25.02 8.34
C SER E 165 -27.13 -23.50 8.44
N GLY E 166 -26.34 -22.90 9.32
CA GLY E 166 -26.27 -21.46 9.45
C GLY E 166 -25.14 -20.83 8.65
N TYR E 167 -24.65 -21.54 7.64
CA TYR E 167 -23.55 -21.03 6.83
C TYR E 167 -24.05 -19.92 5.91
N ILE E 168 -23.27 -18.85 5.80
CA ILE E 168 -23.64 -17.70 4.98
C ILE E 168 -22.68 -17.69 3.79
N PRO E 169 -23.17 -17.86 2.57
CA PRO E 169 -22.28 -17.90 1.40
C PRO E 169 -21.40 -16.68 1.26
N ASN E 170 -20.28 -16.87 0.57
CA ASN E 170 -19.30 -15.83 0.33
C ASN E 170 -19.37 -15.62 -1.16
N GLY E 171 -19.09 -14.41 -1.60
CA GLY E 171 -19.11 -14.17 -3.03
C GLY E 171 -17.92 -14.65 -3.82
N GLU E 172 -16.81 -14.98 -3.17
CA GLU E 172 -15.66 -15.50 -3.88
C GLU E 172 -15.47 -17.01 -3.75
N TRP E 173 -16.09 -17.65 -2.77
CA TRP E 173 -15.88 -19.08 -2.53
C TRP E 173 -17.20 -19.82 -2.35
N ASP E 174 -17.38 -20.88 -3.15
CA ASP E 174 -18.51 -21.79 -2.99
C ASP E 174 -18.03 -22.94 -2.11
N LEU E 175 -18.56 -23.02 -0.89
CA LEU E 175 -18.30 -24.17 -0.04
C LEU E 175 -18.77 -25.46 -0.69
N VAL E 176 -17.83 -26.37 -0.94
CA VAL E 176 -18.13 -27.67 -1.51
C VAL E 176 -18.51 -28.65 -0.42
N GLY E 177 -17.86 -28.56 0.73
CA GLY E 177 -18.17 -29.38 1.88
C GLY E 177 -17.08 -29.22 2.92
N ILE E 178 -17.38 -29.73 4.11
CA ILE E 178 -16.44 -29.69 5.23
C ILE E 178 -16.29 -31.10 5.82
N PRO E 179 -15.81 -32.07 5.04
CA PRO E 179 -15.57 -33.41 5.60
C PRO E 179 -14.56 -33.36 6.73
N GLY E 180 -14.78 -34.19 7.75
CA GLY E 180 -13.85 -34.33 8.84
C GLY E 180 -13.35 -35.74 9.04
N LYS E 181 -12.22 -35.89 9.74
CA LYS E 181 -11.62 -37.19 10.02
C LYS E 181 -10.90 -37.16 11.35
N ARG E 182 -11.20 -38.15 12.20
CA ARG E 182 -10.51 -38.34 13.46
C ARG E 182 -9.30 -39.26 13.25
N SER E 183 -8.13 -38.78 13.66
CA SER E 183 -6.86 -39.48 13.51
C SER E 183 -6.23 -39.67 14.88
N GLU E 184 -5.38 -40.71 14.99
CA GLU E 184 -4.64 -41.01 16.21
C GLU E 184 -3.16 -41.00 15.82
N ARG E 185 -2.40 -40.03 16.31
CA ARG E 185 -1.02 -39.82 15.90
C ARG E 185 -0.06 -39.85 17.09
N PHE E 186 1.19 -40.21 16.81
CA PHE E 186 2.29 -40.16 17.76
C PHE E 186 3.19 -38.97 17.43
N TYR E 187 3.75 -38.36 18.47
CA TYR E 187 4.69 -37.25 18.34
C TYR E 187 5.95 -37.57 19.12
N GLU E 188 7.08 -37.06 18.63
CA GLU E 188 8.37 -37.35 19.26
C GLU E 188 8.46 -36.81 20.68
N CYS E 189 7.58 -35.87 21.06
CA CYS E 189 7.49 -35.43 22.44
C CYS E 189 7.21 -36.59 23.38
N CYS E 190 6.28 -37.46 22.99
CA CYS E 190 5.52 -38.25 23.94
C CYS E 190 5.39 -39.68 23.43
N LYS E 191 5.38 -40.62 24.38
CA LYS E 191 5.15 -42.02 24.03
C LYS E 191 3.67 -42.32 23.87
N GLU E 192 2.82 -41.59 24.59
CA GLU E 192 1.38 -41.73 24.43
C GLU E 192 0.95 -41.05 23.11
N PRO E 193 -0.01 -41.63 22.39
CA PRO E 193 -0.50 -40.94 21.19
C PRO E 193 -1.58 -39.92 21.54
N TYR E 194 -1.76 -38.97 20.63
CA TYR E 194 -2.66 -37.84 20.84
C TYR E 194 -3.70 -37.79 19.74
N PRO E 195 -4.98 -38.09 20.00
CA PRO E 195 -5.98 -37.96 18.94
C PRO E 195 -6.18 -36.52 18.53
N ASP E 196 -6.56 -36.34 17.27
CA ASP E 196 -6.98 -35.04 16.78
C ASP E 196 -8.17 -35.24 15.86
N VAL E 197 -8.84 -34.14 15.55
CA VAL E 197 -9.99 -34.11 14.66
C VAL E 197 -9.72 -33.01 13.67
N THR E 198 -9.62 -33.38 12.41
CA THR E 198 -9.30 -32.45 11.35
C THR E 198 -10.53 -32.29 10.47
N PHE E 199 -10.81 -31.06 10.11
CA PHE E 199 -11.89 -30.72 9.20
C PHE E 199 -11.24 -30.09 8.00
N THR E 200 -11.60 -30.56 6.82
CA THR E 200 -11.05 -30.06 5.58
C THR E 200 -12.15 -29.29 4.89
N VAL E 201 -11.93 -28.00 4.68
CA VAL E 201 -12.92 -27.14 4.04
C VAL E 201 -12.57 -27.14 2.56
N THR E 202 -13.45 -27.74 1.76
CA THR E 202 -13.28 -27.77 0.31
C THR E 202 -14.09 -26.61 -0.26
N MET E 203 -13.39 -25.64 -0.84
CA MET E 203 -14.00 -24.41 -1.30
C MET E 203 -13.51 -24.11 -2.71
N ARG E 204 -14.45 -23.80 -3.59
CA ARG E 204 -14.18 -23.58 -5.00
C ARG E 204 -14.18 -22.09 -5.25
N ARG E 205 -13.15 -21.60 -5.93
CA ARG E 205 -13.11 -20.19 -6.26
C ARG E 205 -14.17 -19.88 -7.32
N ARG E 206 -14.89 -18.79 -7.11
CA ARG E 206 -15.84 -18.28 -8.09
C ARG E 206 -15.09 -17.31 -8.97
N THR E 207 -15.27 -17.44 -10.26
CA THR E 207 -14.32 -16.91 -11.23
C THR E 207 -14.84 -15.71 -12.03
N LEU E 208 -16.02 -15.19 -11.72
CA LEU E 208 -16.54 -14.06 -12.48
C LEU E 208 -15.65 -12.83 -12.31
N TYR E 209 -15.37 -12.46 -11.06
CA TYR E 209 -14.50 -11.31 -10.78
C TYR E 209 -13.14 -11.46 -11.46
N TYR E 210 -12.54 -12.64 -11.36
CA TYR E 210 -11.23 -12.84 -11.96
C TYR E 210 -11.32 -12.98 -13.47
N GLY E 211 -12.45 -13.45 -14.00
CA GLY E 211 -12.65 -13.40 -15.43
C GLY E 211 -12.67 -11.97 -15.96
N LEU E 212 -13.34 -11.09 -15.25
CA LEU E 212 -13.48 -9.72 -15.68
C LEU E 212 -12.29 -8.83 -15.32
N ASN E 213 -11.48 -9.20 -14.33
CA ASN E 213 -10.35 -8.38 -13.93
C ASN E 213 -9.00 -8.90 -14.38
N LEU E 214 -8.88 -10.19 -14.72
CA LEU E 214 -7.60 -10.77 -15.10
C LEU E 214 -7.64 -11.42 -16.47
N LEU E 215 -8.57 -12.35 -16.69
CA LEU E 215 -8.58 -13.13 -17.92
C LEU E 215 -9.12 -12.36 -19.13
N ILE E 216 -10.29 -11.73 -19.00
CA ILE E 216 -10.87 -10.98 -20.11
C ILE E 216 -10.02 -9.75 -20.47
N PRO E 217 -9.57 -8.94 -19.51
CA PRO E 217 -8.68 -7.83 -19.87
C PRO E 217 -7.47 -8.28 -20.66
N CYS E 218 -6.91 -9.44 -20.32
CA CYS E 218 -5.72 -9.94 -21.00
C CYS E 218 -6.02 -10.35 -22.43
N VAL E 219 -7.18 -10.96 -22.68
CA VAL E 219 -7.53 -11.39 -24.04
C VAL E 219 -7.64 -10.19 -24.98
N LEU E 220 -8.26 -9.11 -24.52
CA LEU E 220 -8.50 -7.97 -25.40
C LEU E 220 -7.19 -7.26 -25.75
N ILE E 221 -6.29 -7.20 -24.79
CA ILE E 221 -4.95 -6.60 -24.89
C ILE E 221 -4.14 -7.48 -25.84
N SER E 222 -4.32 -8.78 -25.79
CA SER E 222 -3.72 -9.70 -26.75
C SER E 222 -4.26 -9.40 -28.14
N ALA E 223 -5.57 -9.14 -28.25
CA ALA E 223 -6.16 -8.76 -29.53
C ALA E 223 -5.65 -7.40 -30.00
N LEU E 224 -5.42 -6.47 -29.07
CA LEU E 224 -4.85 -5.18 -29.46
C LEU E 224 -3.45 -5.34 -30.03
N ALA E 225 -2.67 -6.28 -29.49
CA ALA E 225 -1.33 -6.50 -30.00
C ALA E 225 -1.35 -6.97 -31.45
N LEU E 226 -2.43 -7.63 -31.87
CA LEU E 226 -2.57 -8.03 -33.26
C LEU E 226 -2.97 -6.88 -34.17
N LEU E 227 -3.41 -5.75 -33.62
CA LEU E 227 -3.68 -4.59 -34.47
C LEU E 227 -2.40 -3.95 -34.98
N VAL E 228 -1.25 -4.26 -34.37
CA VAL E 228 0.01 -3.80 -34.91
C VAL E 228 0.24 -4.41 -36.29
N PHE E 229 -0.20 -5.65 -36.49
CA PHE E 229 -0.08 -6.30 -37.78
C PHE E 229 -1.05 -5.74 -38.82
N LEU E 230 -2.01 -4.91 -38.42
CA LEU E 230 -2.93 -4.25 -39.35
C LEU E 230 -2.61 -2.78 -39.53
N LEU E 231 -1.77 -2.20 -38.67
CA LEU E 231 -1.38 -0.82 -38.84
C LEU E 231 -0.48 -0.68 -40.07
N PRO E 232 -0.72 0.28 -40.97
CA PRO E 232 0.25 0.49 -42.04
C PRO E 232 1.60 0.90 -41.48
N ALA E 233 2.67 0.56 -42.20
CA ALA E 233 4.00 0.91 -41.75
C ALA E 233 4.25 2.40 -41.85
N ASP E 234 3.67 3.07 -42.84
CA ASP E 234 3.84 4.51 -43.00
C ASP E 234 3.19 5.32 -41.89
N SER E 235 2.37 4.70 -41.02
CA SER E 235 1.73 5.46 -39.96
C SER E 235 2.76 5.97 -38.95
N GLY E 236 3.84 5.22 -38.73
CA GLY E 236 4.85 5.63 -37.78
C GLY E 236 4.52 5.32 -36.34
N GLU E 237 3.56 4.43 -36.09
CA GLU E 237 3.07 4.16 -34.74
C GLU E 237 3.02 2.68 -34.41
N LYS E 238 3.77 1.84 -35.13
CA LYS E 238 3.69 0.39 -34.86
C LYS E 238 4.38 0.06 -33.55
N ILE E 239 5.60 0.56 -33.36
CA ILE E 239 6.31 0.28 -32.12
C ILE E 239 5.60 0.94 -30.94
N SER E 240 5.07 2.14 -31.14
CA SER E 240 4.33 2.81 -30.07
C SER E 240 3.15 1.97 -29.64
N LEU E 241 2.33 1.50 -30.59
CA LEU E 241 1.24 0.59 -30.27
C LEU E 241 1.74 -0.68 -29.62
N GLY E 242 2.71 -1.34 -30.26
CA GLY E 242 3.19 -2.61 -29.76
C GLY E 242 3.81 -2.51 -28.39
N ILE E 243 4.80 -1.64 -28.23
CA ILE E 243 5.46 -1.54 -26.94
C ILE E 243 4.53 -0.99 -25.87
N THR E 244 3.57 -0.13 -26.25
CA THR E 244 2.62 0.37 -25.25
C THR E 244 1.70 -0.73 -24.76
N VAL E 245 1.28 -1.62 -25.66
CA VAL E 245 0.48 -2.76 -25.23
C VAL E 245 1.33 -3.64 -24.32
N LEU E 246 2.64 -3.75 -24.61
CA LEU E 246 3.52 -4.54 -23.76
C LEU E 246 3.64 -3.92 -22.37
N LEU E 247 3.74 -2.59 -22.29
CA LEU E 247 3.73 -1.93 -20.98
C LEU E 247 2.38 -2.08 -20.29
N SER E 248 1.31 -2.27 -21.06
CA SER E 248 0.00 -2.46 -20.46
C SER E 248 -0.07 -3.85 -19.86
N LEU E 249 0.73 -4.78 -20.39
CA LEU E 249 0.77 -6.17 -19.93
C LEU E 249 1.52 -6.34 -18.62
N THR E 250 2.52 -5.48 -18.35
CA THR E 250 3.21 -5.57 -17.07
C THR E 250 2.36 -5.15 -15.88
N VAL E 251 1.28 -4.39 -16.08
CA VAL E 251 0.52 -3.96 -14.91
C VAL E 251 -0.22 -5.17 -14.37
N PHE E 252 -0.54 -6.07 -15.28
CA PHE E 252 -1.22 -7.27 -14.89
C PHE E 252 -0.24 -8.25 -14.26
N MET E 253 1.00 -8.29 -14.74
CA MET E 253 2.00 -9.22 -14.22
C MET E 253 2.38 -8.86 -12.79
N LEU E 254 2.36 -7.56 -12.49
CA LEU E 254 2.61 -7.09 -11.14
C LEU E 254 1.38 -7.25 -10.25
N LEU E 255 0.19 -7.19 -10.83
CA LEU E 255 -1.01 -7.48 -10.05
C LEU E 255 -0.99 -8.93 -9.59
N VAL E 256 -0.61 -9.87 -10.48
CA VAL E 256 -0.52 -11.28 -10.12
C VAL E 256 0.61 -11.51 -9.12
N ALA E 257 1.76 -10.90 -9.35
CA ALA E 257 2.88 -11.08 -8.43
C ALA E 257 2.54 -10.57 -7.04
N GLU E 258 1.70 -9.54 -6.95
CA GLU E 258 1.32 -9.01 -5.66
C GLU E 258 0.32 -9.89 -4.91
N ILE E 259 -0.60 -10.57 -5.61
CA ILE E 259 -1.56 -11.44 -4.92
C ILE E 259 -1.13 -12.90 -4.79
N MET E 260 -0.13 -13.34 -5.53
CA MET E 260 0.29 -14.73 -5.46
C MET E 260 1.38 -14.94 -4.42
N PRO E 261 1.42 -16.09 -3.74
CA PRO E 261 2.51 -16.33 -2.79
C PRO E 261 3.81 -16.54 -3.55
N ALA E 262 4.92 -16.15 -2.92
CA ALA E 262 6.23 -16.24 -3.58
C ALA E 262 6.81 -17.64 -3.38
N THR E 263 6.23 -18.59 -4.11
CA THR E 263 6.55 -20.00 -3.94
C THR E 263 6.99 -20.64 -5.25
N SER E 264 7.71 -21.75 -5.09
CA SER E 264 8.33 -22.48 -6.19
C SER E 264 7.82 -23.91 -6.25
N ASP E 265 6.67 -24.19 -5.65
CA ASP E 265 6.07 -25.51 -5.74
C ASP E 265 5.46 -25.77 -7.12
N SER E 266 5.24 -24.71 -7.89
CA SER E 266 4.69 -24.79 -9.25
C SER E 266 4.55 -23.38 -9.80
N VAL E 267 4.12 -23.27 -11.05
CA VAL E 267 3.84 -22.00 -11.69
C VAL E 267 2.32 -21.92 -11.83
N PRO E 268 1.65 -20.89 -11.26
CA PRO E 268 0.19 -20.79 -11.46
C PRO E 268 -0.25 -20.81 -12.91
N LEU E 269 -1.49 -21.22 -13.11
CA LEU E 269 -2.05 -21.19 -14.46
C LEU E 269 -2.08 -19.77 -15.00
N ILE E 270 -2.48 -18.81 -14.15
CA ILE E 270 -2.53 -17.41 -14.56
C ILE E 270 -1.14 -16.93 -14.97
N ALA E 271 -0.10 -17.38 -14.27
CA ALA E 271 1.27 -17.00 -14.63
C ALA E 271 1.64 -17.55 -15.99
N GLN E 272 1.24 -18.79 -16.29
CA GLN E 272 1.57 -19.36 -17.59
C GLN E 272 0.80 -18.66 -18.69
N TYR E 273 -0.43 -18.25 -18.41
CA TYR E 273 -1.24 -17.59 -19.41
C TYR E 273 -0.76 -16.17 -19.67
N PHE E 274 -0.45 -15.41 -18.62
CA PHE E 274 0.09 -14.07 -18.81
C PHE E 274 1.50 -14.10 -19.39
N ALA E 275 2.33 -15.06 -18.96
CA ALA E 275 3.67 -15.17 -19.53
C ALA E 275 3.63 -15.54 -21.00
N SER E 276 2.70 -16.41 -21.40
CA SER E 276 2.57 -16.72 -22.82
C SER E 276 2.04 -15.53 -23.61
N THR E 277 1.06 -14.82 -23.06
CA THR E 277 0.55 -13.63 -23.74
C THR E 277 1.64 -12.60 -23.91
N MET E 278 2.45 -12.39 -22.87
CA MET E 278 3.51 -11.40 -22.96
C MET E 278 4.62 -11.84 -23.91
N ILE E 279 4.80 -13.15 -24.08
CA ILE E 279 5.75 -13.65 -25.05
C ILE E 279 5.18 -13.58 -26.47
N ILE E 280 3.86 -13.58 -26.62
CA ILE E 280 3.28 -13.42 -27.95
C ILE E 280 3.29 -11.95 -28.35
N VAL E 281 3.07 -11.04 -27.40
CA VAL E 281 3.16 -9.62 -27.69
C VAL E 281 4.61 -9.19 -27.80
N GLY E 282 5.47 -9.76 -26.95
CA GLY E 282 6.89 -9.46 -27.06
C GLY E 282 7.48 -9.97 -28.35
N LEU E 283 6.97 -11.08 -28.87
CA LEU E 283 7.41 -11.58 -30.16
C LEU E 283 6.79 -10.82 -31.33
N SER E 284 5.67 -10.14 -31.11
CA SER E 284 5.10 -9.30 -32.14
C SER E 284 5.85 -7.97 -32.27
N VAL E 285 6.60 -7.59 -31.23
CA VAL E 285 7.48 -6.43 -31.32
C VAL E 285 8.74 -6.80 -32.07
N VAL E 286 9.24 -8.02 -31.85
CA VAL E 286 10.40 -8.52 -32.60
C VAL E 286 10.06 -8.60 -34.08
N VAL E 287 8.90 -9.19 -34.40
CA VAL E 287 8.45 -9.30 -35.77
C VAL E 287 8.17 -7.92 -36.37
N THR E 288 7.66 -7.00 -35.56
CA THR E 288 7.42 -5.64 -36.04
C THR E 288 8.72 -4.97 -36.44
N VAL E 289 9.79 -5.18 -35.67
CA VAL E 289 11.09 -4.64 -36.01
C VAL E 289 11.56 -5.22 -37.34
N ILE E 290 11.35 -6.51 -37.57
CA ILE E 290 11.71 -7.12 -38.84
C ILE E 290 10.87 -6.55 -39.98
N VAL E 291 9.57 -6.32 -39.72
CA VAL E 291 8.71 -5.73 -40.73
C VAL E 291 9.20 -4.33 -41.11
N LEU E 292 9.57 -3.53 -40.12
CA LEU E 292 10.03 -2.18 -40.39
C LEU E 292 11.35 -2.18 -41.15
N GLN E 293 12.21 -3.15 -40.87
CA GLN E 293 13.44 -3.29 -41.66
C GLN E 293 13.11 -3.54 -43.13
N TYR E 294 12.11 -4.37 -43.41
CA TYR E 294 11.71 -4.60 -44.78
C TYR E 294 11.12 -3.34 -45.41
N HIS E 295 10.26 -2.65 -44.66
CA HIS E 295 9.59 -1.47 -45.19
C HIS E 295 10.58 -0.34 -45.45
N HIS E 296 11.52 -0.12 -44.53
CA HIS E 296 12.50 0.94 -44.63
C HIS E 296 13.80 0.48 -45.28
N HIS E 297 13.78 -0.62 -46.02
CA HIS E 297 15.00 -1.13 -46.62
C HIS E 297 15.57 -0.14 -47.63
N ASP E 298 16.88 0.05 -47.56
CA ASP E 298 17.56 0.95 -48.47
C ASP E 298 17.57 0.32 -49.87
N PRO E 299 17.02 0.95 -50.91
CA PRO E 299 17.00 0.29 -52.22
C PRO E 299 18.40 0.04 -52.78
N ASP E 300 19.37 0.87 -52.44
CA ASP E 300 20.74 0.71 -52.90
C ASP E 300 21.55 -0.25 -52.03
N GLY E 301 20.89 -0.99 -51.14
CA GLY E 301 21.56 -1.98 -50.31
C GLY E 301 21.55 -3.36 -50.95
N GLY E 302 21.67 -4.37 -50.10
CA GLY E 302 21.68 -5.73 -50.59
C GLY E 302 20.36 -6.11 -51.23
N LYS E 303 20.45 -6.79 -52.38
CA LYS E 303 19.26 -7.21 -53.10
C LYS E 303 18.48 -8.24 -52.28
N MET E 304 17.25 -8.50 -52.70
CA MET E 304 16.39 -9.43 -51.99
C MET E 304 16.81 -10.86 -52.30
N PRO E 305 17.17 -11.69 -51.31
CA PRO E 305 17.48 -13.10 -51.59
C PRO E 305 16.37 -13.79 -52.37
N LYS E 306 16.77 -14.62 -53.34
CA LYS E 306 15.81 -15.38 -54.13
C LYS E 306 14.89 -16.23 -53.26
N TRP E 307 15.35 -16.71 -52.12
CA TRP E 307 14.46 -17.46 -51.24
C TRP E 307 13.34 -16.57 -50.72
N THR E 308 13.61 -15.28 -50.54
CA THR E 308 12.60 -14.36 -50.01
C THR E 308 11.57 -13.99 -51.08
N ARG E 309 12.01 -13.81 -52.33
CA ARG E 309 11.06 -13.41 -53.37
C ARG E 309 10.14 -14.55 -53.82
N VAL E 310 10.42 -15.78 -53.41
CA VAL E 310 9.52 -16.92 -53.66
C VAL E 310 8.68 -17.24 -52.43
N ILE E 311 9.29 -17.29 -51.26
CA ILE E 311 8.56 -17.70 -50.06
C ILE E 311 7.47 -16.70 -49.73
N LEU E 312 7.73 -15.41 -49.94
CA LEU E 312 6.78 -14.35 -49.57
C LEU E 312 6.00 -13.79 -50.75
N LEU E 313 6.68 -13.42 -51.83
CA LEU E 313 6.01 -12.73 -52.93
C LEU E 313 5.37 -13.66 -53.95
N ASN E 314 5.55 -14.98 -53.83
CA ASN E 314 4.87 -15.94 -54.69
C ASN E 314 3.94 -16.85 -53.90
N TRP E 315 4.46 -17.65 -52.98
CA TRP E 315 3.63 -18.58 -52.23
C TRP E 315 2.64 -17.86 -51.34
N CYS E 316 3.15 -17.18 -50.30
CA CYS E 316 2.29 -16.47 -49.36
C CYS E 316 1.52 -15.33 -50.01
N ALA E 317 2.06 -14.75 -51.09
CA ALA E 317 1.33 -13.69 -51.79
C ALA E 317 0.20 -14.24 -52.66
N TRP E 318 0.16 -15.55 -52.90
CA TRP E 318 -0.94 -16.21 -53.59
C TRP E 318 -1.94 -16.83 -52.62
N PHE E 319 -1.44 -17.49 -51.57
CA PHE E 319 -2.31 -18.04 -50.54
C PHE E 319 -3.23 -16.98 -49.96
N LEU E 320 -2.67 -15.87 -49.53
CA LEU E 320 -3.43 -14.80 -48.90
C LEU E 320 -4.19 -13.94 -49.91
N ARG E 321 -4.07 -14.22 -51.21
CA ARG E 321 -4.82 -13.52 -52.25
C ARG E 321 -4.60 -12.02 -52.20
N MET E 322 -3.33 -11.61 -52.12
CA MET E 322 -3.00 -10.20 -51.93
C MET E 322 -2.60 -9.50 -53.23
N LYS E 323 -1.67 -10.08 -53.98
CA LYS E 323 -1.18 -9.47 -55.21
C LYS E 323 -0.52 -8.12 -54.94
N PRO E 479 24.01 23.05 -82.72
CA PRO E 479 25.12 22.91 -81.76
C PRO E 479 24.65 23.12 -80.33
N ASP E 480 23.74 24.08 -80.13
CA ASP E 480 23.18 24.31 -78.80
C ASP E 480 22.04 23.36 -78.49
N LEU E 481 21.35 22.86 -79.52
CA LEU E 481 20.24 21.96 -79.30
C LEU E 481 20.70 20.60 -78.78
N ALA E 482 21.93 20.21 -79.09
CA ALA E 482 22.46 18.96 -78.57
C ALA E 482 22.83 19.07 -77.09
N LYS E 483 23.25 20.26 -76.65
CA LYS E 483 23.52 20.46 -75.24
C LYS E 483 22.25 20.43 -74.42
N ILE E 484 21.16 21.00 -74.94
CA ILE E 484 19.86 20.86 -74.27
C ILE E 484 19.46 19.39 -74.20
N LEU E 485 19.66 18.65 -75.30
CA LEU E 485 19.30 17.24 -75.32
C LEU E 485 20.08 16.46 -74.27
N GLU E 486 21.39 16.71 -74.17
CA GLU E 486 22.18 16.02 -73.16
C GLU E 486 21.70 16.37 -71.76
N GLU E 487 21.36 17.63 -71.53
CA GLU E 487 21.01 18.06 -70.18
C GLU E 487 19.63 17.52 -69.78
N VAL E 488 18.65 17.58 -70.68
CA VAL E 488 17.31 17.08 -70.37
C VAL E 488 17.31 15.55 -70.27
N ARG E 489 18.17 14.88 -71.04
CA ARG E 489 18.29 13.43 -70.94
C ARG E 489 18.76 13.04 -69.54
N TYR E 490 19.67 13.81 -68.96
CA TYR E 490 20.07 13.56 -67.58
C TYR E 490 18.88 13.71 -66.62
N ILE E 491 18.06 14.74 -66.81
CA ILE E 491 16.92 14.95 -65.91
C ILE E 491 15.95 13.78 -65.98
N ALA E 492 15.63 13.34 -67.20
CA ALA E 492 14.71 12.22 -67.37
C ALA E 492 15.34 10.90 -66.93
N ASN E 493 16.62 10.68 -67.24
CA ASN E 493 17.26 9.45 -66.80
C ASN E 493 17.37 9.42 -65.29
N ARG E 494 17.57 10.57 -64.66
CA ARG E 494 17.53 10.64 -63.20
C ARG E 494 16.15 10.24 -62.69
N PHE E 495 15.09 10.67 -63.39
CA PHE E 495 13.75 10.25 -63.01
C PHE E 495 13.57 8.75 -63.19
N ARG E 496 14.12 8.19 -64.28
CA ARG E 496 13.98 6.76 -64.52
C ARG E 496 14.68 5.95 -63.44
N CYS E 497 15.87 6.38 -63.04
CA CYS E 497 16.58 5.70 -61.95
C CYS E 497 15.79 5.80 -60.66
N GLN E 498 15.09 6.92 -60.44
CA GLN E 498 14.27 7.05 -59.25
C GLN E 498 13.06 6.12 -59.29
N ASP E 499 12.51 5.88 -60.49
CA ASP E 499 11.39 4.95 -60.61
C ASP E 499 11.83 3.52 -60.34
N GLU E 500 12.97 3.10 -60.88
CA GLU E 500 13.45 1.75 -60.62
C GLU E 500 13.79 1.57 -59.14
N SER E 501 14.43 2.57 -58.54
CA SER E 501 14.66 2.52 -57.10
C SER E 501 13.35 2.50 -56.33
N GLU E 502 12.36 3.27 -56.81
CA GLU E 502 11.06 3.27 -56.17
C GLU E 502 10.35 1.92 -56.34
N ALA E 503 10.50 1.29 -57.52
CA ALA E 503 9.91 -0.02 -57.74
C ALA E 503 10.52 -1.06 -56.81
N VAL E 504 11.84 -1.02 -56.64
CA VAL E 504 12.49 -1.90 -55.68
C VAL E 504 11.97 -1.62 -54.27
N CYS E 505 11.81 -0.34 -53.93
CA CYS E 505 11.28 0.00 -52.60
C CYS E 505 9.87 -0.53 -52.42
N SER E 506 9.02 -0.39 -53.45
CA SER E 506 7.65 -0.89 -53.35
C SER E 506 7.64 -2.40 -53.24
N GLU E 507 8.57 -3.06 -53.93
CA GLU E 507 8.72 -4.50 -53.82
C GLU E 507 9.09 -4.91 -52.40
N TRP E 508 10.04 -4.19 -51.78
CA TRP E 508 10.38 -4.45 -50.39
C TRP E 508 9.23 -4.09 -49.46
N LYS E 509 8.49 -3.03 -49.77
CA LYS E 509 7.32 -2.66 -48.98
C LYS E 509 6.25 -3.73 -49.05
N PHE E 510 6.06 -4.33 -50.23
CA PHE E 510 5.07 -5.38 -50.38
C PHE E 510 5.43 -6.61 -49.55
N ALA E 511 6.71 -6.93 -49.44
CA ALA E 511 7.14 -8.02 -48.58
C ALA E 511 6.74 -7.77 -47.13
N ALA E 512 6.90 -6.53 -46.66
CA ALA E 512 6.49 -6.18 -45.31
C ALA E 512 4.99 -6.40 -45.10
N CYS E 513 4.19 -6.05 -46.10
CA CYS E 513 2.75 -6.25 -46.01
C CYS E 513 2.40 -7.73 -45.91
N VAL E 514 3.07 -8.57 -46.70
CA VAL E 514 2.82 -10.02 -46.64
C VAL E 514 3.23 -10.56 -45.28
N VAL E 515 4.36 -10.11 -44.74
CA VAL E 515 4.81 -10.57 -43.43
C VAL E 515 3.83 -10.14 -42.36
N ASP E 516 3.26 -8.95 -42.48
CA ASP E 516 2.20 -8.52 -41.56
C ASP E 516 1.02 -9.49 -41.58
N ARG E 517 0.57 -9.87 -42.77
CA ARG E 517 -0.59 -10.75 -42.87
C ARG E 517 -0.27 -12.14 -42.36
N LEU E 518 0.91 -12.67 -42.70
CA LEU E 518 1.29 -13.99 -42.21
C LEU E 518 1.36 -13.99 -40.69
N CYS E 519 2.05 -13.02 -40.11
CA CYS E 519 2.20 -12.99 -38.68
C CYS E 519 0.93 -12.54 -37.99
N LEU E 520 0.02 -11.85 -38.70
CA LEU E 520 -1.32 -11.65 -38.19
C LEU E 520 -2.03 -12.99 -37.98
N MET E 521 -2.04 -13.83 -39.02
CA MET E 521 -2.66 -15.15 -38.93
C MET E 521 -1.92 -16.04 -37.93
N ALA E 522 -0.58 -16.05 -38.00
CA ALA E 522 0.19 -16.93 -37.13
C ALA E 522 0.02 -16.56 -35.67
N PHE E 523 0.06 -15.28 -35.33
CA PHE E 523 -0.08 -14.88 -33.94
C PHE E 523 -1.52 -15.03 -33.46
N SER E 524 -2.48 -14.93 -34.38
CA SER E 524 -3.87 -15.19 -34.01
C SER E 524 -4.06 -16.64 -33.59
N VAL E 525 -3.49 -17.58 -34.34
CA VAL E 525 -3.58 -18.99 -33.99
C VAL E 525 -2.86 -19.25 -32.67
N PHE E 526 -1.66 -18.68 -32.50
CA PHE E 526 -0.92 -18.86 -31.26
C PHE E 526 -1.71 -18.34 -30.08
N THR E 527 -2.32 -17.17 -30.23
CA THR E 527 -3.11 -16.59 -29.14
C THR E 527 -4.30 -17.48 -28.79
N ILE E 528 -5.01 -17.96 -29.80
CA ILE E 528 -6.21 -18.77 -29.56
C ILE E 528 -5.82 -20.09 -28.91
N ILE E 529 -4.84 -20.80 -29.47
CA ILE E 529 -4.45 -22.09 -28.93
C ILE E 529 -3.85 -21.94 -27.53
N CYS E 530 -3.00 -20.95 -27.33
CA CYS E 530 -2.45 -20.74 -26.00
C CYS E 530 -3.53 -20.32 -25.01
N THR E 531 -4.41 -19.41 -25.43
CA THR E 531 -5.52 -19.01 -24.57
C THR E 531 -6.41 -20.22 -24.25
N ILE E 532 -6.87 -20.93 -25.28
CA ILE E 532 -7.75 -22.07 -25.05
C ILE E 532 -7.00 -23.20 -24.37
N GLY E 533 -5.78 -23.50 -24.82
CA GLY E 533 -5.06 -24.64 -24.28
C GLY E 533 -4.70 -24.48 -22.82
N ILE E 534 -4.22 -23.30 -22.44
CA ILE E 534 -3.84 -23.08 -21.05
C ILE E 534 -5.07 -23.04 -20.16
N LEU E 535 -6.15 -22.41 -20.60
CA LEU E 535 -7.33 -22.28 -19.76
C LEU E 535 -8.07 -23.60 -19.60
N MET E 536 -8.27 -24.35 -20.69
CA MET E 536 -8.97 -25.62 -20.60
C MET E 536 -8.09 -26.76 -20.12
N SER E 537 -6.80 -26.53 -19.87
CA SER E 537 -6.00 -27.53 -19.17
C SER E 537 -6.36 -27.62 -17.69
N ALA E 538 -7.06 -26.62 -17.15
CA ALA E 538 -7.48 -26.68 -15.76
C ALA E 538 -8.61 -27.71 -15.61
N PRO E 539 -8.54 -28.61 -14.62
CA PRO E 539 -9.67 -29.54 -14.43
C PRO E 539 -11.01 -28.87 -14.17
N ASN E 540 -11.01 -27.69 -13.56
CA ASN E 540 -12.22 -27.02 -13.11
C ASN E 540 -12.66 -25.88 -14.02
N PHE E 541 -12.11 -25.77 -15.23
CA PHE E 541 -12.49 -24.68 -16.11
C PHE E 541 -13.92 -24.84 -16.62
N VAL E 542 -14.29 -26.06 -17.03
CA VAL E 542 -15.63 -26.29 -17.55
C VAL E 542 -16.68 -26.02 -16.48
N GLU E 543 -16.40 -26.48 -15.26
CA GLU E 543 -17.31 -26.20 -14.15
C GLU E 543 -17.46 -24.70 -13.91
N ALA E 544 -16.36 -23.96 -14.02
CA ALA E 544 -16.38 -22.52 -13.75
C ALA E 544 -17.29 -21.78 -14.73
N VAL E 545 -17.10 -22.00 -16.03
CA VAL E 545 -17.90 -21.30 -17.02
C VAL E 545 -19.37 -21.70 -16.93
N SER E 546 -19.64 -22.94 -16.48
CA SER E 546 -21.03 -23.37 -16.33
C SER E 546 -21.70 -22.67 -15.15
N LYS E 547 -21.01 -22.57 -14.01
CA LYS E 547 -21.64 -22.07 -12.79
C LYS E 547 -21.52 -20.55 -12.65
N ASP E 548 -20.36 -19.97 -12.97
CA ASP E 548 -20.09 -18.57 -12.70
C ASP E 548 -20.32 -17.65 -13.88
N PHE E 549 -20.66 -18.20 -15.05
CA PHE E 549 -20.84 -17.41 -16.27
C PHE E 549 -22.13 -17.78 -16.98
#